data_7FD3
# 
_entry.id   7FD3 
# 
_audit_conform.dict_name       mmcif_pdbx.dic 
_audit_conform.dict_version    5.380 
_audit_conform.dict_location   http://mmcif.pdb.org/dictionaries/ascii/mmcif_pdbx.dic 
# 
loop_
_database_2.database_id 
_database_2.database_code 
_database_2.pdbx_database_accession 
_database_2.pdbx_DOI 
PDB   7FD3         pdb_00007fd3 10.2210/pdb7fd3/pdb 
WWPDB D_1300023295 ?            ?                   
# 
_pdbx_database_status.status_code                     REL 
_pdbx_database_status.status_code_sf                  REL 
_pdbx_database_status.status_code_mr                  ? 
_pdbx_database_status.entry_id                        7FD3 
_pdbx_database_status.recvd_initial_deposition_date   2021-07-15 
_pdbx_database_status.SG_entry                        N 
_pdbx_database_status.deposit_site                    PDBJ 
_pdbx_database_status.process_site                    PDBJ 
_pdbx_database_status.status_code_cs                  ? 
_pdbx_database_status.status_code_nmr_data            ? 
_pdbx_database_status.methods_development_category    ? 
_pdbx_database_status.pdb_format_compatible           Y 
# 
loop_
_audit_author.name 
_audit_author.pdbx_ordinal 
_audit_author.identifier_ORCID 
'Wang, X.' 1 ? 
'Zhou, J.' 2 ? 
# 
_citation.abstract                  ? 
_citation.abstract_id_CAS           ? 
_citation.book_id_ISBN              ? 
_citation.book_publisher            ? 
_citation.book_publisher_city       ? 
_citation.book_title                ? 
_citation.coordinate_linkage        ? 
_citation.country                   US 
_citation.database_id_Medline       ? 
_citation.details                   ? 
_citation.id                        primary 
_citation.journal_abbrev            Iscience 
_citation.journal_id_ASTM           ? 
_citation.journal_id_CSD            ? 
_citation.journal_id_ISSN           2589-0042 
_citation.journal_full              ? 
_citation.journal_issue             ? 
_citation.journal_volume            25 
_citation.language                  ? 
_citation.page_first                104508 
_citation.page_last                 ? 
_citation.title                     'Structural basis of the IL-1 receptor TIR domain-mediated IL-1 signaling' 
_citation.year                      2022 
_citation.database_id_CSD           ? 
_citation.pdbx_database_id_DOI      10.1016/j.isci.2022.104508 
_citation.pdbx_database_id_PubMed   ? 
_citation.pdbx_database_id_patent   ? 
_citation.unpublished_flag          ? 
# 
loop_
_citation_author.citation_id 
_citation_author.name 
_citation_author.ordinal 
_citation_author.identifier_ORCID 
primary 'Zhou, J.' 1 ? 
primary 'Xiao, Y.' 2 ? 
primary 'Ren, Y.'  3 ? 
primary 'Ge, J.'   4 ? 
primary 'Wang, X.' 5 ? 
# 
_cell.angle_alpha                  90.000 
_cell.angle_alpha_esd              ? 
_cell.angle_beta                   90.000 
_cell.angle_beta_esd               ? 
_cell.angle_gamma                  90.000 
_cell.angle_gamma_esd              ? 
_cell.entry_id                     7FD3 
_cell.details                      ? 
_cell.formula_units_Z              ? 
_cell.length_a                     51.141 
_cell.length_a_esd                 ? 
_cell.length_b                     51.141 
_cell.length_b_esd                 ? 
_cell.length_c                     184.779 
_cell.length_c_esd                 ? 
_cell.volume                       ? 
_cell.volume_esd                   ? 
_cell.Z_PDB                        8 
_cell.reciprocal_angle_alpha       ? 
_cell.reciprocal_angle_beta        ? 
_cell.reciprocal_angle_gamma       ? 
_cell.reciprocal_angle_alpha_esd   ? 
_cell.reciprocal_angle_beta_esd    ? 
_cell.reciprocal_angle_gamma_esd   ? 
_cell.reciprocal_length_a          ? 
_cell.reciprocal_length_b          ? 
_cell.reciprocal_length_c          ? 
_cell.reciprocal_length_a_esd      ? 
_cell.reciprocal_length_b_esd      ? 
_cell.reciprocal_length_c_esd      ? 
_cell.pdbx_unique_axis             ? 
# 
_symmetry.entry_id                         7FD3 
_symmetry.cell_setting                     ? 
_symmetry.Int_Tables_number                96 
_symmetry.space_group_name_Hall            ? 
_symmetry.space_group_name_H-M             'P 43 21 2' 
_symmetry.pdbx_full_space_group_name_H-M   ? 
# 
_entity.id                         1 
_entity.type                       polymer 
_entity.src_method                 man 
_entity.pdbx_description           'X-linked interleukin-1 receptor accessory protein-like 2' 
_entity.formula_weight             19049.098 
_entity.pdbx_number_of_molecules   1 
_entity.pdbx_ec                    3.2.2.6 
_entity.pdbx_mutation              ? 
_entity.pdbx_fragment              ? 
_entity.details                    ? 
# 
_entity_name_com.entity_id   1 
_entity_name_com.name        'IL-1 receptor accessory protein-like 2,IL-1-RAPL-2,IL-1RAPL-2,IL1RAPL-2' 
# 
_entity_poly.entity_id                      1 
_entity_poly.type                           'polypeptide(L)' 
_entity_poly.nstd_linkage                   no 
_entity_poly.nstd_monomer                   no 
_entity_poly.pdbx_seq_one_letter_code       
;KEYDAYLSYTKVDQDTLDCDNPEEEQFALEVLPDVLEKHYGYKLFIPERDLIPSGTYMEDLTRYVEQSRRLIIVLTPDYI
LRRGWSIFELESRLHNMLVSGEIKVILIECTELKGKVNCQEVESLKRSIKLLSLIKWKGSKSSKLNSKFWKHLVYEMPIK
K
;
_entity_poly.pdbx_seq_one_letter_code_can   
;KEYDAYLSYTKVDQDTLDCDNPEEEQFALEVLPDVLEKHYGYKLFIPERDLIPSGTYMEDLTRYVEQSRRLIIVLTPDYI
LRRGWSIFELESRLHNMLVSGEIKVILIECTELKGKVNCQEVESLKRSIKLLSLIKWKGSKSSKLNSKFWKHLVYEMPIK
K
;
_entity_poly.pdbx_strand_id                 A 
_entity_poly.pdbx_target_identifier         ? 
# 
loop_
_entity_poly_seq.entity_id 
_entity_poly_seq.num 
_entity_poly_seq.mon_id 
_entity_poly_seq.hetero 
1 1   LYS n 
1 2   GLU n 
1 3   TYR n 
1 4   ASP n 
1 5   ALA n 
1 6   TYR n 
1 7   LEU n 
1 8   SER n 
1 9   TYR n 
1 10  THR n 
1 11  LYS n 
1 12  VAL n 
1 13  ASP n 
1 14  GLN n 
1 15  ASP n 
1 16  THR n 
1 17  LEU n 
1 18  ASP n 
1 19  CYS n 
1 20  ASP n 
1 21  ASN n 
1 22  PRO n 
1 23  GLU n 
1 24  GLU n 
1 25  GLU n 
1 26  GLN n 
1 27  PHE n 
1 28  ALA n 
1 29  LEU n 
1 30  GLU n 
1 31  VAL n 
1 32  LEU n 
1 33  PRO n 
1 34  ASP n 
1 35  VAL n 
1 36  LEU n 
1 37  GLU n 
1 38  LYS n 
1 39  HIS n 
1 40  TYR n 
1 41  GLY n 
1 42  TYR n 
1 43  LYS n 
1 44  LEU n 
1 45  PHE n 
1 46  ILE n 
1 47  PRO n 
1 48  GLU n 
1 49  ARG n 
1 50  ASP n 
1 51  LEU n 
1 52  ILE n 
1 53  PRO n 
1 54  SER n 
1 55  GLY n 
1 56  THR n 
1 57  TYR n 
1 58  MET n 
1 59  GLU n 
1 60  ASP n 
1 61  LEU n 
1 62  THR n 
1 63  ARG n 
1 64  TYR n 
1 65  VAL n 
1 66  GLU n 
1 67  GLN n 
1 68  SER n 
1 69  ARG n 
1 70  ARG n 
1 71  LEU n 
1 72  ILE n 
1 73  ILE n 
1 74  VAL n 
1 75  LEU n 
1 76  THR n 
1 77  PRO n 
1 78  ASP n 
1 79  TYR n 
1 80  ILE n 
1 81  LEU n 
1 82  ARG n 
1 83  ARG n 
1 84  GLY n 
1 85  TRP n 
1 86  SER n 
1 87  ILE n 
1 88  PHE n 
1 89  GLU n 
1 90  LEU n 
1 91  GLU n 
1 92  SER n 
1 93  ARG n 
1 94  LEU n 
1 95  HIS n 
1 96  ASN n 
1 97  MET n 
1 98  LEU n 
1 99  VAL n 
1 100 SER n 
1 101 GLY n 
1 102 GLU n 
1 103 ILE n 
1 104 LYS n 
1 105 VAL n 
1 106 ILE n 
1 107 LEU n 
1 108 ILE n 
1 109 GLU n 
1 110 CYS n 
1 111 THR n 
1 112 GLU n 
1 113 LEU n 
1 114 LYS n 
1 115 GLY n 
1 116 LYS n 
1 117 VAL n 
1 118 ASN n 
1 119 CYS n 
1 120 GLN n 
1 121 GLU n 
1 122 VAL n 
1 123 GLU n 
1 124 SER n 
1 125 LEU n 
1 126 LYS n 
1 127 ARG n 
1 128 SER n 
1 129 ILE n 
1 130 LYS n 
1 131 LEU n 
1 132 LEU n 
1 133 SER n 
1 134 LEU n 
1 135 ILE n 
1 136 LYS n 
1 137 TRP n 
1 138 LYS n 
1 139 GLY n 
1 140 SER n 
1 141 LYS n 
1 142 SER n 
1 143 SER n 
1 144 LYS n 
1 145 LEU n 
1 146 ASN n 
1 147 SER n 
1 148 LYS n 
1 149 PHE n 
1 150 TRP n 
1 151 LYS n 
1 152 HIS n 
1 153 LEU n 
1 154 VAL n 
1 155 TYR n 
1 156 GLU n 
1 157 MET n 
1 158 PRO n 
1 159 ILE n 
1 160 LYS n 
1 161 LYS n 
# 
_entity_src_gen.entity_id                          1 
_entity_src_gen.pdbx_src_id                        1 
_entity_src_gen.pdbx_alt_source_flag               sample 
_entity_src_gen.pdbx_seq_type                      'Biological sequence' 
_entity_src_gen.pdbx_beg_seq_num                   1 
_entity_src_gen.pdbx_end_seq_num                   161 
_entity_src_gen.gene_src_common_name               Human 
_entity_src_gen.gene_src_genus                     ? 
_entity_src_gen.pdbx_gene_src_gene                 IL1RAPL2 
_entity_src_gen.gene_src_species                   ? 
_entity_src_gen.gene_src_strain                    ? 
_entity_src_gen.gene_src_tissue                    ? 
_entity_src_gen.gene_src_tissue_fraction           ? 
_entity_src_gen.gene_src_details                   ? 
_entity_src_gen.pdbx_gene_src_fragment             ? 
_entity_src_gen.pdbx_gene_src_scientific_name      'Homo sapiens' 
_entity_src_gen.pdbx_gene_src_ncbi_taxonomy_id     9606 
_entity_src_gen.pdbx_gene_src_variant              ? 
_entity_src_gen.pdbx_gene_src_cell_line            ? 
_entity_src_gen.pdbx_gene_src_atcc                 ? 
_entity_src_gen.pdbx_gene_src_organ                ? 
_entity_src_gen.pdbx_gene_src_organelle            ? 
_entity_src_gen.pdbx_gene_src_cell                 ? 
_entity_src_gen.pdbx_gene_src_cellular_location    ? 
_entity_src_gen.host_org_common_name               ? 
_entity_src_gen.pdbx_host_org_scientific_name      'Escherichia coli BL21(DE3)' 
_entity_src_gen.pdbx_host_org_ncbi_taxonomy_id     469008 
_entity_src_gen.host_org_genus                     ? 
_entity_src_gen.pdbx_host_org_gene                 ? 
_entity_src_gen.pdbx_host_org_organ                ? 
_entity_src_gen.host_org_species                   ? 
_entity_src_gen.pdbx_host_org_tissue               ? 
_entity_src_gen.pdbx_host_org_tissue_fraction      ? 
_entity_src_gen.pdbx_host_org_strain               'BL21(DE3)' 
_entity_src_gen.pdbx_host_org_variant              ? 
_entity_src_gen.pdbx_host_org_cell_line            ? 
_entity_src_gen.pdbx_host_org_atcc                 ? 
_entity_src_gen.pdbx_host_org_culture_collection   ? 
_entity_src_gen.pdbx_host_org_cell                 ? 
_entity_src_gen.pdbx_host_org_organelle            ? 
_entity_src_gen.pdbx_host_org_cellular_location    ? 
_entity_src_gen.pdbx_host_org_vector_type          ? 
_entity_src_gen.pdbx_host_org_vector               ? 
_entity_src_gen.host_org_details                   ? 
_entity_src_gen.expression_system_id               ? 
_entity_src_gen.plasmid_name                       ? 
_entity_src_gen.plasmid_details                    ? 
_entity_src_gen.pdbx_description                   ? 
# 
_struct_ref.id                         1 
_struct_ref.db_name                    UNP 
_struct_ref.db_code                    IRPL2_HUMAN 
_struct_ref.pdbx_db_accession          Q9NP60 
_struct_ref.pdbx_db_isoform            ? 
_struct_ref.entity_id                  1 
_struct_ref.pdbx_seq_one_letter_code   
;KEYDAYLSYTKVDQDTLDCDNPEEEQFALEVLPDVLEKHYGYKLFIPERDLIPSGTYMEDLTRYVEQSRRLIIVLTPDYI
LRRGWSIFELESRLHNMLVSGEIKVILIECTELKGKVNCQEVESLKRSIKLLSLIKWKGSKSSKLNSKFWKHLVYEMPIK
K
;
_struct_ref.pdbx_align_begin           400 
# 
_struct_ref_seq.align_id                      1 
_struct_ref_seq.ref_id                        1 
_struct_ref_seq.pdbx_PDB_id_code              7FD3 
_struct_ref_seq.pdbx_strand_id                A 
_struct_ref_seq.seq_align_beg                 1 
_struct_ref_seq.pdbx_seq_align_beg_ins_code   ? 
_struct_ref_seq.seq_align_end                 161 
_struct_ref_seq.pdbx_seq_align_end_ins_code   ? 
_struct_ref_seq.pdbx_db_accession             Q9NP60 
_struct_ref_seq.db_align_beg                  400 
_struct_ref_seq.pdbx_db_align_beg_ins_code    ? 
_struct_ref_seq.db_align_end                  560 
_struct_ref_seq.pdbx_db_align_end_ins_code    ? 
_struct_ref_seq.pdbx_auth_seq_align_beg       400 
_struct_ref_seq.pdbx_auth_seq_align_end       560 
# 
loop_
_chem_comp.id 
_chem_comp.type 
_chem_comp.mon_nstd_flag 
_chem_comp.name 
_chem_comp.pdbx_synonyms 
_chem_comp.formula 
_chem_comp.formula_weight 
ALA 'L-peptide linking' y ALANINE         ? 'C3 H7 N O2'     89.093  
ARG 'L-peptide linking' y ARGININE        ? 'C6 H15 N4 O2 1' 175.209 
ASN 'L-peptide linking' y ASPARAGINE      ? 'C4 H8 N2 O3'    132.118 
ASP 'L-peptide linking' y 'ASPARTIC ACID' ? 'C4 H7 N O4'     133.103 
CYS 'L-peptide linking' y CYSTEINE        ? 'C3 H7 N O2 S'   121.158 
GLN 'L-peptide linking' y GLUTAMINE       ? 'C5 H10 N2 O3'   146.144 
GLU 'L-peptide linking' y 'GLUTAMIC ACID' ? 'C5 H9 N O4'     147.129 
GLY 'peptide linking'   y GLYCINE         ? 'C2 H5 N O2'     75.067  
HIS 'L-peptide linking' y HISTIDINE       ? 'C6 H10 N3 O2 1' 156.162 
ILE 'L-peptide linking' y ISOLEUCINE      ? 'C6 H13 N O2'    131.173 
LEU 'L-peptide linking' y LEUCINE         ? 'C6 H13 N O2'    131.173 
LYS 'L-peptide linking' y LYSINE          ? 'C6 H15 N2 O2 1' 147.195 
MET 'L-peptide linking' y METHIONINE      ? 'C5 H11 N O2 S'  149.211 
PHE 'L-peptide linking' y PHENYLALANINE   ? 'C9 H11 N O2'    165.189 
PRO 'L-peptide linking' y PROLINE         ? 'C5 H9 N O2'     115.130 
SER 'L-peptide linking' y SERINE          ? 'C3 H7 N O3'     105.093 
THR 'L-peptide linking' y THREONINE       ? 'C4 H9 N O3'     119.119 
TRP 'L-peptide linking' y TRYPTOPHAN      ? 'C11 H12 N2 O2'  204.225 
TYR 'L-peptide linking' y TYROSINE        ? 'C9 H11 N O3'    181.189 
VAL 'L-peptide linking' y VALINE          ? 'C5 H11 N O2'    117.146 
# 
_exptl.absorpt_coefficient_mu     ? 
_exptl.absorpt_correction_T_max   ? 
_exptl.absorpt_correction_T_min   ? 
_exptl.absorpt_correction_type    ? 
_exptl.absorpt_process_details    ? 
_exptl.entry_id                   7FD3 
_exptl.crystals_number            1 
_exptl.details                    ? 
_exptl.method                     'X-RAY DIFFRACTION' 
_exptl.method_details             ? 
# 
_exptl_crystal.colour                      ? 
_exptl_crystal.density_diffrn              ? 
_exptl_crystal.density_Matthews            3.17 
_exptl_crystal.density_method              ? 
_exptl_crystal.density_percent_sol         61.21 
_exptl_crystal.description                 ? 
_exptl_crystal.F_000                       ? 
_exptl_crystal.id                          1 
_exptl_crystal.preparation                 ? 
_exptl_crystal.size_max                    ? 
_exptl_crystal.size_mid                    ? 
_exptl_crystal.size_min                    ? 
_exptl_crystal.size_rad                    ? 
_exptl_crystal.colour_lustre               ? 
_exptl_crystal.colour_modifier             ? 
_exptl_crystal.colour_primary              ? 
_exptl_crystal.density_meas                ? 
_exptl_crystal.density_meas_esd            ? 
_exptl_crystal.density_meas_gt             ? 
_exptl_crystal.density_meas_lt             ? 
_exptl_crystal.density_meas_temp           ? 
_exptl_crystal.density_meas_temp_esd       ? 
_exptl_crystal.density_meas_temp_gt        ? 
_exptl_crystal.density_meas_temp_lt        ? 
_exptl_crystal.pdbx_crystal_image_url      ? 
_exptl_crystal.pdbx_crystal_image_format   ? 
_exptl_crystal.pdbx_mosaicity              ? 
_exptl_crystal.pdbx_mosaicity_esd          ? 
# 
_exptl_crystal_grow.apparatus       ? 
_exptl_crystal_grow.atmosphere      ? 
_exptl_crystal_grow.crystal_id      1 
_exptl_crystal_grow.details         ? 
_exptl_crystal_grow.method          'VAPOR DIFFUSION, SITTING DROP' 
_exptl_crystal_grow.method_ref      ? 
_exptl_crystal_grow.pH              ? 
_exptl_crystal_grow.pressure        ? 
_exptl_crystal_grow.pressure_esd    ? 
_exptl_crystal_grow.seeding         ? 
_exptl_crystal_grow.seeding_ref     ? 
_exptl_crystal_grow.temp            291 
_exptl_crystal_grow.temp_details    ? 
_exptl_crystal_grow.temp_esd        ? 
_exptl_crystal_grow.time            ? 
_exptl_crystal_grow.pdbx_details    '8% v/v tacsimate pH5.0, 12% w/v PEG3350' 
_exptl_crystal_grow.pdbx_pH_range   ? 
# 
_diffrn.ambient_environment              ? 
_diffrn.ambient_temp                     100 
_diffrn.ambient_temp_details             ? 
_diffrn.ambient_temp_esd                 ? 
_diffrn.crystal_id                       1 
_diffrn.crystal_support                  ? 
_diffrn.crystal_treatment                ? 
_diffrn.details                          ? 
_diffrn.id                               1 
_diffrn.ambient_pressure                 ? 
_diffrn.ambient_pressure_esd             ? 
_diffrn.ambient_pressure_gt              ? 
_diffrn.ambient_pressure_lt              ? 
_diffrn.ambient_temp_gt                  ? 
_diffrn.ambient_temp_lt                  ? 
_diffrn.pdbx_serial_crystal_experiment   N 
# 
_diffrn_detector.details                      ? 
_diffrn_detector.detector                     PIXEL 
_diffrn_detector.diffrn_id                    1 
_diffrn_detector.type                         'DECTRIS EIGER2 X 16M' 
_diffrn_detector.area_resol_mean              ? 
_diffrn_detector.dtime                        ? 
_diffrn_detector.pdbx_frames_total            ? 
_diffrn_detector.pdbx_collection_time_total   ? 
_diffrn_detector.pdbx_collection_date         2018-10-27 
_diffrn_detector.pdbx_frequency               ? 
# 
_diffrn_radiation.collimation                      ? 
_diffrn_radiation.diffrn_id                        1 
_diffrn_radiation.filter_edge                      ? 
_diffrn_radiation.inhomogeneity                    ? 
_diffrn_radiation.monochromator                    ? 
_diffrn_radiation.polarisn_norm                    ? 
_diffrn_radiation.polarisn_ratio                   ? 
_diffrn_radiation.probe                            ? 
_diffrn_radiation.type                             ? 
_diffrn_radiation.xray_symbol                      ? 
_diffrn_radiation.wavelength_id                    1 
_diffrn_radiation.pdbx_monochromatic_or_laue_m_l   M 
_diffrn_radiation.pdbx_wavelength_list             ? 
_diffrn_radiation.pdbx_wavelength                  ? 
_diffrn_radiation.pdbx_diffrn_protocol             'SINGLE WAVELENGTH' 
_diffrn_radiation.pdbx_analyzer                    ? 
_diffrn_radiation.pdbx_scattering_type             x-ray 
# 
_diffrn_radiation_wavelength.id           1 
_diffrn_radiation_wavelength.wavelength   0.9796 
_diffrn_radiation_wavelength.wt           1.0 
# 
_diffrn_source.current                     ? 
_diffrn_source.details                     ? 
_diffrn_source.diffrn_id                   1 
_diffrn_source.power                       ? 
_diffrn_source.size                        ? 
_diffrn_source.source                      SYNCHROTRON 
_diffrn_source.target                      ? 
_diffrn_source.type                        'SSRF BEAMLINE BL17U1' 
_diffrn_source.voltage                     ? 
_diffrn_source.take-off_angle              ? 
_diffrn_source.pdbx_wavelength_list        0.9796 
_diffrn_source.pdbx_wavelength             ? 
_diffrn_source.pdbx_synchrotron_beamline   BL17U1 
_diffrn_source.pdbx_synchrotron_site       SSRF 
# 
_reflns.B_iso_Wilson_estimate                          ? 
_reflns.entry_id                                       7FD3 
_reflns.data_reduction_details                         ? 
_reflns.data_reduction_method                          ? 
_reflns.d_resolution_high                              2.99 
_reflns.d_resolution_low                               49.29 
_reflns.details                                        ? 
_reflns.limit_h_max                                    ? 
_reflns.limit_h_min                                    ? 
_reflns.limit_k_max                                    ? 
_reflns.limit_k_min                                    ? 
_reflns.limit_l_max                                    ? 
_reflns.limit_l_min                                    ? 
_reflns.number_all                                     ? 
_reflns.number_obs                                     5452 
_reflns.observed_criterion                             ? 
_reflns.observed_criterion_F_max                       ? 
_reflns.observed_criterion_F_min                       ? 
_reflns.observed_criterion_I_max                       ? 
_reflns.observed_criterion_I_min                       ? 
_reflns.observed_criterion_sigma_F                     ? 
_reflns.observed_criterion_sigma_I                     ? 
_reflns.percent_possible_obs                           99.8 
_reflns.R_free_details                                 ? 
_reflns.Rmerge_F_all                                   ? 
_reflns.Rmerge_F_obs                                   ? 
_reflns.Friedel_coverage                               ? 
_reflns.number_gt                                      ? 
_reflns.threshold_expression                           ? 
_reflns.pdbx_redundancy                                24.0 
_reflns.pdbx_Rmerge_I_obs                              0.155 
_reflns.pdbx_Rmerge_I_all                              ? 
_reflns.pdbx_Rsym_value                                ? 
_reflns.pdbx_netI_over_av_sigmaI                       ? 
_reflns.pdbx_netI_over_sigmaI                          19.6 
_reflns.pdbx_res_netI_over_av_sigmaI_2                 ? 
_reflns.pdbx_res_netI_over_sigmaI_2                    ? 
_reflns.pdbx_chi_squared                               ? 
_reflns.pdbx_scaling_rejects                           ? 
_reflns.pdbx_d_res_high_opt                            ? 
_reflns.pdbx_d_res_low_opt                             ? 
_reflns.pdbx_d_res_opt_method                          ? 
_reflns.phase_calculation_details                      ? 
_reflns.pdbx_Rrim_I_all                                ? 
_reflns.pdbx_Rpim_I_all                                ? 
_reflns.pdbx_d_opt                                     ? 
_reflns.pdbx_number_measured_all                       ? 
_reflns.pdbx_diffrn_id                                 1 
_reflns.pdbx_ordinal                                   1 
_reflns.pdbx_CC_half                                   ? 
_reflns.pdbx_CC_star                                   ? 
_reflns.pdbx_R_split                                   ? 
_reflns.pdbx_aniso_diffraction_limit_axis_1_ortho[1]   ? 
_reflns.pdbx_aniso_diffraction_limit_axis_1_ortho[2]   ? 
_reflns.pdbx_aniso_diffraction_limit_axis_1_ortho[3]   ? 
_reflns.pdbx_aniso_diffraction_limit_axis_2_ortho[1]   ? 
_reflns.pdbx_aniso_diffraction_limit_axis_2_ortho[2]   ? 
_reflns.pdbx_aniso_diffraction_limit_axis_2_ortho[3]   ? 
_reflns.pdbx_aniso_diffraction_limit_axis_3_ortho[1]   ? 
_reflns.pdbx_aniso_diffraction_limit_axis_3_ortho[2]   ? 
_reflns.pdbx_aniso_diffraction_limit_axis_3_ortho[3]   ? 
_reflns.pdbx_aniso_diffraction_limit_1                 ? 
_reflns.pdbx_aniso_diffraction_limit_2                 ? 
_reflns.pdbx_aniso_diffraction_limit_3                 ? 
_reflns.pdbx_aniso_B_tensor_eigenvector_1_ortho[1]     ? 
_reflns.pdbx_aniso_B_tensor_eigenvector_1_ortho[2]     ? 
_reflns.pdbx_aniso_B_tensor_eigenvector_1_ortho[3]     ? 
_reflns.pdbx_aniso_B_tensor_eigenvector_2_ortho[1]     ? 
_reflns.pdbx_aniso_B_tensor_eigenvector_2_ortho[2]     ? 
_reflns.pdbx_aniso_B_tensor_eigenvector_2_ortho[3]     ? 
_reflns.pdbx_aniso_B_tensor_eigenvector_3_ortho[1]     ? 
_reflns.pdbx_aniso_B_tensor_eigenvector_3_ortho[2]     ? 
_reflns.pdbx_aniso_B_tensor_eigenvector_3_ortho[3]     ? 
_reflns.pdbx_aniso_B_tensor_eigenvalue_1               ? 
_reflns.pdbx_aniso_B_tensor_eigenvalue_2               ? 
_reflns.pdbx_aniso_B_tensor_eigenvalue_3               ? 
_reflns.pdbx_orthogonalization_convention              ? 
_reflns.pdbx_percent_possible_ellipsoidal              ? 
_reflns.pdbx_percent_possible_spherical                ? 
_reflns.pdbx_percent_possible_ellipsoidal_anomalous    ? 
_reflns.pdbx_percent_possible_spherical_anomalous      ? 
_reflns.pdbx_redundancy_anomalous                      ? 
_reflns.pdbx_CC_half_anomalous                         ? 
_reflns.pdbx_absDiff_over_sigma_anomalous              ? 
_reflns.pdbx_percent_possible_anomalous                ? 
_reflns.pdbx_observed_signal_threshold                 ? 
_reflns.pdbx_signal_type                               ? 
_reflns.pdbx_signal_details                            ? 
_reflns.pdbx_signal_software_id                        ? 
# 
_reflns_shell.d_res_high                                    2.99 
_reflns_shell.d_res_low                                     3.15 
_reflns_shell.meanI_over_sigI_all                           ? 
_reflns_shell.meanI_over_sigI_obs                           ? 
_reflns_shell.number_measured_all                           ? 
_reflns_shell.number_measured_obs                           ? 
_reflns_shell.number_possible                               ? 
_reflns_shell.number_unique_all                             ? 
_reflns_shell.number_unique_obs                             515 
_reflns_shell.percent_possible_all                          ? 
_reflns_shell.percent_possible_obs                          ? 
_reflns_shell.Rmerge_F_all                                  ? 
_reflns_shell.Rmerge_F_obs                                  ? 
_reflns_shell.Rmerge_I_all                                  ? 
_reflns_shell.Rmerge_I_obs                                  1.716 
_reflns_shell.meanI_over_sigI_gt                            ? 
_reflns_shell.meanI_over_uI_all                             ? 
_reflns_shell.meanI_over_uI_gt                              ? 
_reflns_shell.number_measured_gt                            ? 
_reflns_shell.number_unique_gt                              ? 
_reflns_shell.percent_possible_gt                           ? 
_reflns_shell.Rmerge_F_gt                                   ? 
_reflns_shell.Rmerge_I_gt                                   ? 
_reflns_shell.pdbx_redundancy                               ? 
_reflns_shell.pdbx_Rsym_value                               ? 
_reflns_shell.pdbx_chi_squared                              ? 
_reflns_shell.pdbx_netI_over_sigmaI_all                     ? 
_reflns_shell.pdbx_netI_over_sigmaI_obs                     ? 
_reflns_shell.pdbx_Rrim_I_all                               ? 
_reflns_shell.pdbx_Rpim_I_all                               ? 
_reflns_shell.pdbx_rejects                                  ? 
_reflns_shell.pdbx_ordinal                                  1 
_reflns_shell.pdbx_diffrn_id                                1 
_reflns_shell.pdbx_CC_half                                  ? 
_reflns_shell.pdbx_CC_star                                  ? 
_reflns_shell.pdbx_R_split                                  ? 
_reflns_shell.pdbx_percent_possible_ellipsoidal             ? 
_reflns_shell.pdbx_percent_possible_spherical               ? 
_reflns_shell.pdbx_percent_possible_ellipsoidal_anomalous   ? 
_reflns_shell.pdbx_percent_possible_spherical_anomalous     ? 
_reflns_shell.pdbx_redundancy_anomalous                     ? 
_reflns_shell.pdbx_CC_half_anomalous                        ? 
_reflns_shell.pdbx_absDiff_over_sigma_anomalous             ? 
_reflns_shell.pdbx_percent_possible_anomalous               ? 
# 
_refine.aniso_B[1][1]                            ? 
_refine.aniso_B[1][2]                            ? 
_refine.aniso_B[1][3]                            ? 
_refine.aniso_B[2][2]                            ? 
_refine.aniso_B[2][3]                            ? 
_refine.aniso_B[3][3]                            ? 
_refine.B_iso_max                                127.970 
_refine.B_iso_mean                               87.4150 
_refine.B_iso_min                                57.170 
_refine.correlation_coeff_Fo_to_Fc               ? 
_refine.correlation_coeff_Fo_to_Fc_free          ? 
_refine.details                                  ? 
_refine.diff_density_max                         ? 
_refine.diff_density_max_esd                     ? 
_refine.diff_density_min                         ? 
_refine.diff_density_min_esd                     ? 
_refine.diff_density_rms                         ? 
_refine.diff_density_rms_esd                     ? 
_refine.entry_id                                 7FD3 
_refine.pdbx_refine_id                           'X-RAY DIFFRACTION' 
_refine.ls_abs_structure_details                 ? 
_refine.ls_abs_structure_Flack                   ? 
_refine.ls_abs_structure_Flack_esd               ? 
_refine.ls_abs_structure_Rogers                  ? 
_refine.ls_abs_structure_Rogers_esd              ? 
_refine.ls_d_res_high                            2.9900 
_refine.ls_d_res_low                             49.2900 
_refine.ls_extinction_coef                       ? 
_refine.ls_extinction_coef_esd                   ? 
_refine.ls_extinction_expression                 ? 
_refine.ls_extinction_method                     ? 
_refine.ls_goodness_of_fit_all                   ? 
_refine.ls_goodness_of_fit_all_esd               ? 
_refine.ls_goodness_of_fit_obs                   ? 
_refine.ls_goodness_of_fit_obs_esd               ? 
_refine.ls_hydrogen_treatment                    ? 
_refine.ls_matrix_type                           ? 
_refine.ls_number_constraints                    ? 
_refine.ls_number_parameters                     ? 
_refine.ls_number_reflns_all                     ? 
_refine.ls_number_reflns_obs                     5437 
_refine.ls_number_reflns_R_free                  268 
_refine.ls_number_reflns_R_work                  5169 
_refine.ls_number_restraints                     ? 
_refine.ls_percent_reflns_obs                    99.4100 
_refine.ls_percent_reflns_R_free                 4.9300 
_refine.ls_R_factor_all                          ? 
_refine.ls_R_factor_obs                          0.2424 
_refine.ls_R_factor_R_free                       0.2825 
_refine.ls_R_factor_R_free_error                 ? 
_refine.ls_R_factor_R_free_error_details         ? 
_refine.ls_R_factor_R_work                       0.2403 
_refine.ls_R_Fsqd_factor_obs                     ? 
_refine.ls_R_I_factor_obs                        ? 
_refine.ls_redundancy_reflns_all                 ? 
_refine.ls_redundancy_reflns_obs                 ? 
_refine.ls_restrained_S_all                      ? 
_refine.ls_restrained_S_obs                      ? 
_refine.ls_shift_over_esd_max                    ? 
_refine.ls_shift_over_esd_mean                   ? 
_refine.ls_structure_factor_coef                 ? 
_refine.ls_weighting_details                     ? 
_refine.ls_weighting_scheme                      ? 
_refine.ls_wR_factor_all                         ? 
_refine.ls_wR_factor_obs                         ? 
_refine.ls_wR_factor_R_free                      ? 
_refine.ls_wR_factor_R_work                      ? 
_refine.occupancy_max                            ? 
_refine.occupancy_min                            ? 
_refine.solvent_model_details                    'FLAT BULK SOLVENT MODEL' 
_refine.solvent_model_param_bsol                 ? 
_refine.solvent_model_param_ksol                 ? 
_refine.pdbx_R_complete                          ? 
_refine.ls_R_factor_gt                           ? 
_refine.ls_goodness_of_fit_gt                    ? 
_refine.ls_goodness_of_fit_ref                   ? 
_refine.ls_shift_over_su_max                     ? 
_refine.ls_shift_over_su_max_lt                  ? 
_refine.ls_shift_over_su_mean                    ? 
_refine.ls_shift_over_su_mean_lt                 ? 
_refine.pdbx_ls_sigma_I                          ? 
_refine.pdbx_ls_sigma_F                          1.360 
_refine.pdbx_ls_sigma_Fsqd                       ? 
_refine.pdbx_data_cutoff_high_absF               ? 
_refine.pdbx_data_cutoff_high_rms_absF           ? 
_refine.pdbx_data_cutoff_low_absF                ? 
_refine.pdbx_isotropic_thermal_model             ? 
_refine.pdbx_ls_cross_valid_method               THROUGHOUT 
_refine.pdbx_method_to_determine_struct          'MOLECULAR REPLACEMENT' 
_refine.pdbx_starting_model                      1T3G 
_refine.pdbx_stereochemistry_target_values       ML 
_refine.pdbx_R_Free_selection_details            ? 
_refine.pdbx_stereochem_target_val_spec_case     ? 
_refine.pdbx_overall_ESU_R                       ? 
_refine.pdbx_overall_ESU_R_Free                  ? 
_refine.pdbx_solvent_vdw_probe_radii             1.1100 
_refine.pdbx_solvent_ion_probe_radii             ? 
_refine.pdbx_solvent_shrinkage_radii             0.9000 
_refine.pdbx_real_space_R                        ? 
_refine.pdbx_density_correlation                 ? 
_refine.pdbx_pd_number_of_powder_patterns        ? 
_refine.pdbx_pd_number_of_points                 ? 
_refine.pdbx_pd_meas_number_of_points            ? 
_refine.pdbx_pd_proc_ls_prof_R_factor            ? 
_refine.pdbx_pd_proc_ls_prof_wR_factor           ? 
_refine.pdbx_pd_Marquardt_correlation_coeff      ? 
_refine.pdbx_pd_Fsqrd_R_factor                   ? 
_refine.pdbx_pd_ls_matrix_band_width             ? 
_refine.pdbx_overall_phase_error                 23.8400 
_refine.pdbx_overall_SU_R_free_Cruickshank_DPI   ? 
_refine.pdbx_overall_SU_R_free_Blow_DPI          ? 
_refine.pdbx_overall_SU_R_Blow_DPI               ? 
_refine.pdbx_TLS_residual_ADP_flag               ? 
_refine.pdbx_diffrn_id                           1 
_refine.overall_SU_B                             ? 
_refine.overall_SU_ML                            0.4700 
_refine.overall_SU_R_Cruickshank_DPI             ? 
_refine.overall_SU_R_free                        ? 
_refine.overall_FOM_free_R_set                   ? 
_refine.overall_FOM_work_R_set                   ? 
_refine.pdbx_average_fsc_overall                 ? 
_refine.pdbx_average_fsc_work                    ? 
_refine.pdbx_average_fsc_free                    ? 
# 
_refine_hist.pdbx_refine_id                   'X-RAY DIFFRACTION' 
_refine_hist.cycle_id                         final 
_refine_hist.details                          ? 
_refine_hist.d_res_high                       2.9900 
_refine_hist.d_res_low                        49.2900 
_refine_hist.number_atoms_solvent             0 
_refine_hist.number_atoms_total               1289 
_refine_hist.number_reflns_all                ? 
_refine_hist.number_reflns_obs                ? 
_refine_hist.number_reflns_R_free             ? 
_refine_hist.number_reflns_R_work             ? 
_refine_hist.R_factor_all                     ? 
_refine_hist.R_factor_obs                     ? 
_refine_hist.R_factor_R_free                  ? 
_refine_hist.R_factor_R_work                  ? 
_refine_hist.pdbx_number_residues_total       155 
_refine_hist.pdbx_B_iso_mean_ligand           ? 
_refine_hist.pdbx_B_iso_mean_solvent          ? 
_refine_hist.pdbx_number_atoms_protein        1289 
_refine_hist.pdbx_number_atoms_nucleic_acid   0 
_refine_hist.pdbx_number_atoms_ligand         0 
_refine_hist.pdbx_number_atoms_lipid          ? 
_refine_hist.pdbx_number_atoms_carb           ? 
_refine_hist.pdbx_pseudo_atom_details         ? 
# 
loop_
_refine_ls_shell.pdbx_refine_id 
_refine_ls_shell.d_res_high 
_refine_ls_shell.d_res_low 
_refine_ls_shell.number_reflns_all 
_refine_ls_shell.number_reflns_obs 
_refine_ls_shell.number_reflns_R_free 
_refine_ls_shell.number_reflns_R_work 
_refine_ls_shell.percent_reflns_obs 
_refine_ls_shell.percent_reflns_R_free 
_refine_ls_shell.R_factor_all 
_refine_ls_shell.R_factor_obs 
_refine_ls_shell.R_factor_R_free 
_refine_ls_shell.R_factor_R_free_error 
_refine_ls_shell.R_factor_R_work 
_refine_ls_shell.redundancy_reflns_all 
_refine_ls_shell.redundancy_reflns_obs 
_refine_ls_shell.wR_factor_all 
_refine_ls_shell.wR_factor_obs 
_refine_ls_shell.wR_factor_R_free 
_refine_ls_shell.wR_factor_R_work 
_refine_ls_shell.pdbx_R_complete 
_refine_ls_shell.pdbx_total_number_of_bins_used 
_refine_ls_shell.pdbx_phase_error 
_refine_ls_shell.pdbx_fsc_work 
_refine_ls_shell.pdbx_fsc_free 
'X-RAY DIFFRACTION' 2.9900 3.7700  2626 . 151 2475 99.0000 . . . 0.3517 0.0000 0.2723 . . . . . . . 2 . . . 
'X-RAY DIFFRACTION' 3.7700 49.2900 2811 . 117 2694 99.0000 . . . 0.2583 0.0000 0.2314 . . . . . . . 2 . . . 
# 
_struct.entry_id                     7FD3 
_struct.title                        'IL-1RAPL2 TIR domain' 
_struct.pdbx_model_details           ? 
_struct.pdbx_formula_weight          ? 
_struct.pdbx_formula_weight_method   ? 
_struct.pdbx_model_type_details      ? 
_struct.pdbx_CASP_flag               N 
# 
_struct_keywords.entry_id        7FD3 
_struct_keywords.text            'IL-1 family receptor protein, TIR domain, IMMUNE SYSTEM' 
_struct_keywords.pdbx_keywords   'IMMUNE SYSTEM' 
# 
_struct_asym.id                            A 
_struct_asym.pdbx_blank_PDB_chainid_flag   N 
_struct_asym.pdbx_modified                 N 
_struct_asym.entity_id                     1 
_struct_asym.details                       ? 
# 
loop_
_struct_conf.conf_type_id 
_struct_conf.id 
_struct_conf.pdbx_PDB_helix_id 
_struct_conf.beg_label_comp_id 
_struct_conf.beg_label_asym_id 
_struct_conf.beg_label_seq_id 
_struct_conf.pdbx_beg_PDB_ins_code 
_struct_conf.end_label_comp_id 
_struct_conf.end_label_asym_id 
_struct_conf.end_label_seq_id 
_struct_conf.pdbx_end_PDB_ins_code 
_struct_conf.beg_auth_comp_id 
_struct_conf.beg_auth_asym_id 
_struct_conf.beg_auth_seq_id 
_struct_conf.end_auth_comp_id 
_struct_conf.end_auth_asym_id 
_struct_conf.end_auth_seq_id 
_struct_conf.pdbx_PDB_helix_class 
_struct_conf.details 
_struct_conf.pdbx_PDB_helix_length 
HELX_P HELX_P1  AA1 PRO A 22  ? GLU A 30  ? PRO A 421 GLU A 429 1 ? 9  
HELX_P HELX_P2  AA2 GLU A 30  ? LYS A 38  ? GLU A 429 LYS A 437 1 ? 9  
HELX_P HELX_P3  AA3 ILE A 46  ? LEU A 51  ? ILE A 445 LEU A 450 1 ? 6  
HELX_P HELX_P4  AA4 THR A 56  ? GLN A 67  ? THR A 455 GLN A 466 1 ? 12 
HELX_P HELX_P5  AA5 THR A 76  ? ARG A 82  ? THR A 475 ARG A 481 1 ? 7  
HELX_P HELX_P6  AA6 SER A 86  ? GLU A 91  ? SER A 485 GLU A 490 1 ? 6  
HELX_P HELX_P7  AA7 GLU A 91  ? SER A 100 ? GLU A 490 SER A 499 1 ? 10 
HELX_P HELX_P8  AA8 GLY A 115 ? ILE A 129 ? GLY A 514 ILE A 528 1 ? 15 
HELX_P HELX_P9  AA9 GLY A 139 ? LYS A 144 ? GLY A 538 LYS A 543 1 ? 6  
HELX_P HELX_P10 AB1 SER A 147 ? TYR A 155 ? SER A 546 TYR A 554 1 ? 9  
# 
_struct_conf_type.id          HELX_P 
_struct_conf_type.criteria    ? 
_struct_conf_type.reference   ? 
# 
_struct_sheet.id               AA1 
_struct_sheet.type             ? 
_struct_sheet.number_strands   5 
_struct_sheet.details          ? 
# 
loop_
_struct_sheet_order.sheet_id 
_struct_sheet_order.range_id_1 
_struct_sheet_order.range_id_2 
_struct_sheet_order.offset 
_struct_sheet_order.sense 
AA1 1 2 ? parallel 
AA1 2 3 ? parallel 
AA1 3 4 ? parallel 
AA1 4 5 ? parallel 
# 
loop_
_struct_sheet_range.sheet_id 
_struct_sheet_range.id 
_struct_sheet_range.beg_label_comp_id 
_struct_sheet_range.beg_label_asym_id 
_struct_sheet_range.beg_label_seq_id 
_struct_sheet_range.pdbx_beg_PDB_ins_code 
_struct_sheet_range.end_label_comp_id 
_struct_sheet_range.end_label_asym_id 
_struct_sheet_range.end_label_seq_id 
_struct_sheet_range.pdbx_end_PDB_ins_code 
_struct_sheet_range.beg_auth_comp_id 
_struct_sheet_range.beg_auth_asym_id 
_struct_sheet_range.beg_auth_seq_id 
_struct_sheet_range.end_auth_comp_id 
_struct_sheet_range.end_auth_asym_id 
_struct_sheet_range.end_auth_seq_id 
AA1 1 LEU A 44  ? PHE A 45  ? LEU A 443 PHE A 444 
AA1 2 ALA A 5   ? SER A 8   ? ALA A 404 SER A 407 
AA1 3 ARG A 70  ? LEU A 75  ? ARG A 469 LEU A 474 
AA1 4 LYS A 104 ? GLU A 109 ? LYS A 503 GLU A 508 
AA1 5 LEU A 132 ? LYS A 136 ? LEU A 531 LYS A 535 
# 
loop_
_pdbx_struct_sheet_hbond.sheet_id 
_pdbx_struct_sheet_hbond.range_id_1 
_pdbx_struct_sheet_hbond.range_id_2 
_pdbx_struct_sheet_hbond.range_1_label_atom_id 
_pdbx_struct_sheet_hbond.range_1_label_comp_id 
_pdbx_struct_sheet_hbond.range_1_label_asym_id 
_pdbx_struct_sheet_hbond.range_1_label_seq_id 
_pdbx_struct_sheet_hbond.range_1_PDB_ins_code 
_pdbx_struct_sheet_hbond.range_1_auth_atom_id 
_pdbx_struct_sheet_hbond.range_1_auth_comp_id 
_pdbx_struct_sheet_hbond.range_1_auth_asym_id 
_pdbx_struct_sheet_hbond.range_1_auth_seq_id 
_pdbx_struct_sheet_hbond.range_2_label_atom_id 
_pdbx_struct_sheet_hbond.range_2_label_comp_id 
_pdbx_struct_sheet_hbond.range_2_label_asym_id 
_pdbx_struct_sheet_hbond.range_2_label_seq_id 
_pdbx_struct_sheet_hbond.range_2_PDB_ins_code 
_pdbx_struct_sheet_hbond.range_2_auth_atom_id 
_pdbx_struct_sheet_hbond.range_2_auth_comp_id 
_pdbx_struct_sheet_hbond.range_2_auth_asym_id 
_pdbx_struct_sheet_hbond.range_2_auth_seq_id 
AA1 1 2 O PHE A 45  ? O PHE A 444 N ALA A 5   ? N ALA A 404 
AA1 2 3 N TYR A 6   ? N TYR A 405 O ILE A 72  ? O ILE A 471 
AA1 3 4 N LEU A 71  ? N LEU A 470 O ILE A 106 ? O ILE A 505 
AA1 4 5 N GLU A 109 ? N GLU A 508 O ILE A 135 ? O ILE A 534 
# 
_atom_sites.entry_id                    7FD3 
_atom_sites.Cartn_transf_matrix[1][1]   ? 
_atom_sites.Cartn_transf_matrix[1][2]   ? 
_atom_sites.Cartn_transf_matrix[1][3]   ? 
_atom_sites.Cartn_transf_matrix[2][1]   ? 
_atom_sites.Cartn_transf_matrix[2][2]   ? 
_atom_sites.Cartn_transf_matrix[2][3]   ? 
_atom_sites.Cartn_transf_matrix[3][1]   ? 
_atom_sites.Cartn_transf_matrix[3][2]   ? 
_atom_sites.Cartn_transf_matrix[3][3]   ? 
_atom_sites.Cartn_transf_vector[1]      ? 
_atom_sites.Cartn_transf_vector[2]      ? 
_atom_sites.Cartn_transf_vector[3]      ? 
_atom_sites.fract_transf_matrix[1][1]   -0.00217821 
_atom_sites.fract_transf_matrix[1][2]   0.01332705 
_atom_sites.fract_transf_matrix[1][3]   -0.01414228 
_atom_sites.fract_transf_matrix[2][1]   0.00755218 
_atom_sites.fract_transf_matrix[2][2]   -0.01253158 
_atom_sites.fract_transf_matrix[2][3]   -0.01297240 
_atom_sites.fract_transf_matrix[3][1]   -0.00495552 
_atom_sites.fract_transf_matrix[3][2]   -0.00191169 
_atom_sites.fract_transf_matrix[3][3]   -0.00103824 
_atom_sites.fract_transf_vector[1]      -0.259365 
_atom_sites.fract_transf_vector[2]      -0.334451 
_atom_sites.fract_transf_vector[3]      -0.077490 
_atom_sites.solution_primary            ? 
_atom_sites.solution_secondary          ? 
_atom_sites.solution_hydrogens          ? 
_atom_sites.special_details             ? 
# 
loop_
_atom_type.symbol 
C 
N 
O 
S 
# 
loop_
_atom_site.group_PDB 
_atom_site.id 
_atom_site.type_symbol 
_atom_site.label_atom_id 
_atom_site.label_alt_id 
_atom_site.label_comp_id 
_atom_site.label_asym_id 
_atom_site.label_entity_id 
_atom_site.label_seq_id 
_atom_site.pdbx_PDB_ins_code 
_atom_site.Cartn_x 
_atom_site.Cartn_y 
_atom_site.Cartn_z 
_atom_site.occupancy 
_atom_site.B_iso_or_equiv 
_atom_site.pdbx_formal_charge 
_atom_site.auth_seq_id 
_atom_site.auth_comp_id 
_atom_site.auth_asym_id 
_atom_site.auth_atom_id 
_atom_site.pdbx_PDB_model_num 
ATOM 1    N N   . LYS A 1 1   ? 7.619   -4.832  14.268  1.00 85.82  ? 400 LYS A N   1 
ATOM 2    C CA  . LYS A 1 1   ? 8.681   -5.764  14.644  1.00 83.74  ? 400 LYS A CA  1 
ATOM 3    C C   . LYS A 1 1   ? 9.790   -5.826  13.592  1.00 84.28  ? 400 LYS A C   1 
ATOM 4    O O   . LYS A 1 1   ? 10.825  -5.198  13.787  1.00 102.53 ? 400 LYS A O   1 
ATOM 5    C CB  . LYS A 1 1   ? 8.109   -7.155  14.897  1.00 88.45  ? 400 LYS A CB  1 
ATOM 6    C CG  . LYS A 1 1   ? 9.121   -8.188  15.355  1.00 85.84  ? 400 LYS A CG  1 
ATOM 7    C CD  . LYS A 1 1   ? 8.405   -9.296  16.131  1.00 91.72  ? 400 LYS A CD  1 
ATOM 8    C CE  . LYS A 1 1   ? 7.879   -8.783  17.475  1.00 91.62  ? 400 LYS A CE  1 
ATOM 9    N NZ  . LYS A 1 1   ? 8.997   -8.281  18.355  1.00 101.37 ? 400 LYS A NZ  1 
ATOM 10   N N   . GLU A 1 2   ? 9.608   -6.545  12.477  1.00 82.01  ? 401 GLU A N   1 
ATOM 11   C CA  . GLU A 1 2   ? 10.734  -6.798  11.579  1.00 85.16  ? 401 GLU A CA  1 
ATOM 12   C C   . GLU A 1 2   ? 10.684  -6.075  10.225  1.00 78.47  ? 401 GLU A C   1 
ATOM 13   O O   . GLU A 1 2   ? 11.606  -6.245  9.422   1.00 78.82  ? 401 GLU A O   1 
ATOM 14   C CB  . GLU A 1 2   ? 10.911  -8.310  11.344  1.00 85.92  ? 401 GLU A CB  1 
ATOM 15   C CG  . GLU A 1 2   ? 12.404  -8.675  11.083  1.00 98.30  ? 401 GLU A CG  1 
ATOM 16   C CD  . GLU A 1 2   ? 12.645  -10.030 10.394  1.00 109.45 ? 401 GLU A CD  1 
ATOM 17   O OE1 . GLU A 1 2   ? 11.675  -10.723 9.984   1.00 103.34 ? 401 GLU A OE1 1 
ATOM 18   O OE2 . GLU A 1 2   ? 13.839  -10.379 10.239  1.00 114.21 ? 401 GLU A OE2 1 
ATOM 19   N N   . TYR A 1 3   ? 9.675   -5.258  9.937   1.00 81.06  ? 402 TYR A N   1 
ATOM 20   C CA  . TYR A 1 3   ? 9.655   -4.550  8.655   1.00 78.38  ? 402 TYR A CA  1 
ATOM 21   C C   . TYR A 1 3   ? 9.082   -3.151  8.842   1.00 75.41  ? 402 TYR A C   1 
ATOM 22   O O   . TYR A 1 3   ? 8.244   -2.908  9.716   1.00 76.42  ? 402 TYR A O   1 
ATOM 23   C CB  . TYR A 1 3   ? 8.843   -5.287  7.546   1.00 76.85  ? 402 TYR A CB  1 
ATOM 24   C CG  . TYR A 1 3   ? 9.244   -6.734  7.276   1.00 79.54  ? 402 TYR A CG  1 
ATOM 25   C CD1 . TYR A 1 3   ? 8.723   -7.767  8.050   1.00 76.53  ? 402 TYR A CD1 1 
ATOM 26   C CD2 . TYR A 1 3   ? 10.130  -7.065  6.250   1.00 71.18  ? 402 TYR A CD2 1 
ATOM 27   C CE1 . TYR A 1 3   ? 9.074   -9.063  7.828   1.00 77.01  ? 402 TYR A CE1 1 
ATOM 28   C CE2 . TYR A 1 3   ? 10.480  -8.374  6.023   1.00 67.14  ? 402 TYR A CE2 1 
ATOM 29   C CZ  . TYR A 1 3   ? 9.943   -9.364  6.823   1.00 75.21  ? 402 TYR A CZ  1 
ATOM 30   O OH  . TYR A 1 3   ? 10.251  -10.688 6.638   1.00 83.87  ? 402 TYR A OH  1 
ATOM 31   N N   . ASP A 1 4   ? 9.548   -2.230  8.004   1.00 72.34  ? 403 ASP A N   1 
ATOM 32   C CA  . ASP A 1 4   ? 9.121   -0.850  8.112   1.00 69.96  ? 403 ASP A CA  1 
ATOM 33   C C   . ASP A 1 4   ? 7.842   -0.593  7.359   1.00 71.42  ? 403 ASP A C   1 
ATOM 34   O O   . ASP A 1 4   ? 7.179   0.417   7.610   1.00 75.39  ? 403 ASP A O   1 
ATOM 35   C CB  . ASP A 1 4   ? 10.217  0.080   7.601   1.00 78.32  ? 403 ASP A CB  1 
ATOM 36   C CG  . ASP A 1 4   ? 11.422  0.096   8.513   1.00 78.00  ? 403 ASP A CG  1 
ATOM 37   O OD1 . ASP A 1 4   ? 11.239  0.347   9.723   1.00 84.72  ? 403 ASP A OD1 1 
ATOM 38   O OD2 . ASP A 1 4   ? 12.540  -0.157  8.022   1.00 74.58  ? 403 ASP A OD2 1 
ATOM 39   N N   . ALA A 1 5   ? 7.473   -1.495  6.456   1.00 80.19  ? 404 ALA A N   1 
ATOM 40   C CA  . ALA A 1 5   ? 6.244   -1.387  5.689   1.00 74.10  ? 404 ALA A CA  1 
ATOM 41   C C   . ALA A 1 5   ? 5.954   -2.714  5.011   1.00 75.46  ? 404 ALA A C   1 
ATOM 42   O O   . ALA A 1 5   ? 6.873   -3.381  4.533   1.00 71.50  ? 404 ALA A O   1 
ATOM 43   C CB  . ALA A 1 5   ? 6.349   -0.279  4.635   1.00 69.45  ? 404 ALA A CB  1 
ATOM 44   N N   . TYR A 1 6   ? 4.671   -3.085  4.986   1.00 78.91  ? 405 TYR A N   1 
ATOM 45   C CA  . TYR A 1 6   ? 4.114   -4.054  4.048   1.00 66.04  ? 405 TYR A CA  1 
ATOM 46   C C   . TYR A 1 6   ? 3.551   -3.294  2.851   1.00 70.14  ? 405 TYR A C   1 
ATOM 47   O O   . TYR A 1 6   ? 2.793   -2.323  3.019   1.00 65.50  ? 405 TYR A O   1 
ATOM 48   C CB  . TYR A 1 6   ? 3.032   -4.874  4.736   1.00 70.46  ? 405 TYR A CB  1 
ATOM 49   C CG  . TYR A 1 6   ? 2.391   -5.962  3.924   1.00 71.23  ? 405 TYR A CG  1 
ATOM 50   C CD1 . TYR A 1 6   ? 2.463   -7.288  4.327   1.00 68.83  ? 405 TYR A CD1 1 
ATOM 51   C CD2 . TYR A 1 6   ? 1.685   -5.661  2.765   1.00 75.12  ? 405 TYR A CD2 1 
ATOM 52   C CE1 . TYR A 1 6   ? 1.854   -8.284  3.584   1.00 76.22  ? 405 TYR A CE1 1 
ATOM 53   C CE2 . TYR A 1 6   ? 1.079   -6.639  2.019   1.00 80.77  ? 405 TYR A CE2 1 
ATOM 54   C CZ  . TYR A 1 6   ? 1.159   -7.951  2.428   1.00 84.31  ? 405 TYR A CZ  1 
ATOM 55   O OH  . TYR A 1 6   ? 0.530   -8.914  1.667   1.00 94.58  ? 405 TYR A OH  1 
ATOM 56   N N   . LEU A 1 7   ? 3.913   -3.749  1.646   1.00 73.53  ? 406 LEU A N   1 
ATOM 57   C CA  . LEU A 1 7   ? 3.631   -3.060  0.385   1.00 74.16  ? 406 LEU A CA  1 
ATOM 58   C C   . LEU A 1 7   ? 2.545   -3.804  -0.383  1.00 77.80  ? 406 LEU A C   1 
ATOM 59   O O   . LEU A 1 7   ? 2.780   -4.912  -0.876  1.00 88.50  ? 406 LEU A O   1 
ATOM 60   C CB  . LEU A 1 7   ? 4.899   -2.963  -0.454  1.00 75.65  ? 406 LEU A CB  1 
ATOM 61   C CG  . LEU A 1 7   ? 4.860   -2.016  -1.649  1.00 87.54  ? 406 LEU A CG  1 
ATOM 62   C CD1 . LEU A 1 7   ? 4.951   -0.584  -1.144  1.00 82.29  ? 406 LEU A CD1 1 
ATOM 63   C CD2 . LEU A 1 7   ? 6.028   -2.307  -2.594  1.00 79.50  ? 406 LEU A CD2 1 
ATOM 64   N N   . SER A 1 8   ? 1.370   -3.187  -0.521  1.00 73.75  ? 407 SER A N   1 
ATOM 65   C CA  . SER A 1 8   ? 0.202   -3.816  -1.143  1.00 67.67  ? 407 SER A CA  1 
ATOM 66   C C   . SER A 1 8   ? -0.134  -3.086  -2.436  1.00 66.27  ? 407 SER A C   1 
ATOM 67   O O   . SER A 1 8   ? -0.617  -1.948  -2.405  1.00 60.40  ? 407 SER A O   1 
ATOM 68   C CB  . SER A 1 8   ? -0.983  -3.789  -0.181  1.00 70.44  ? 407 SER A CB  1 
ATOM 69   O OG  . SER A 1 8   ? -2.104  -4.483  -0.679  1.00 81.71  ? 407 SER A OG  1 
ATOM 70   N N   . TYR A 1 9   ? 0.135   -3.722  -3.572  1.00 69.24  ? 408 TYR A N   1 
ATOM 71   C CA  . TYR A 1 9   ? -0.271  -3.177  -4.862  1.00 76.88  ? 408 TYR A CA  1 
ATOM 72   C C   . TYR A 1 9   ? -0.985  -4.280  -5.637  1.00 78.36  ? 408 TYR A C   1 
ATOM 73   O O   . TYR A 1 9   ? -1.148  -5.394  -5.135  1.00 72.58  ? 408 TYR A O   1 
ATOM 74   C CB  . TYR A 1 9   ? 0.928   -2.645  -5.638  1.00 73.04  ? 408 TYR A CB  1 
ATOM 75   C CG  . TYR A 1 9   ? 2.019   -3.653  -5.768  1.00 76.79  ? 408 TYR A CG  1 
ATOM 76   C CD1 . TYR A 1 9   ? 3.170   -3.550  -5.023  1.00 86.68  ? 408 TYR A CD1 1 
ATOM 77   C CD2 . TYR A 1 9   ? 1.897   -4.718  -6.634  1.00 86.85  ? 408 TYR A CD2 1 
ATOM 78   C CE1 . TYR A 1 9   ? 4.171   -4.474  -5.144  1.00 95.87  ? 408 TYR A CE1 1 
ATOM 79   C CE2 . TYR A 1 9   ? 2.884   -5.654  -6.748  1.00 91.08  ? 408 TYR A CE2 1 
ATOM 80   C CZ  . TYR A 1 9   ? 4.012   -5.524  -6.002  1.00 94.44  ? 408 TYR A CZ  1 
ATOM 81   O OH  . TYR A 1 9   ? 4.998   -6.444  -6.123  1.00 106.55 ? 408 TYR A OH  1 
ATOM 82   N N   . THR A 1 10  ? -1.396  -3.999  -6.879  1.00 78.03  ? 409 THR A N   1 
ATOM 83   C CA  . THR A 1 10  ? -1.856  -5.080  -7.742  1.00 80.40  ? 409 THR A CA  1 
ATOM 84   C C   . THR A 1 10  ? -1.112  -5.032  -9.063  1.00 85.92  ? 409 THR A C   1 
ATOM 85   O O   . THR A 1 10  ? -0.918  -3.957  -9.647  1.00 89.37  ? 409 THR A O   1 
ATOM 86   C CB  . THR A 1 10  ? -3.348  -5.024  -8.059  1.00 82.00  ? 409 THR A CB  1 
ATOM 87   O OG1 . THR A 1 10  ? -4.088  -4.908  -6.846  1.00 89.24  ? 409 THR A OG1 1 
ATOM 88   C CG2 . THR A 1 10  ? -3.768  -6.362  -8.641  1.00 85.26  ? 409 THR A CG2 1 
ATOM 89   N N   . LYS A 1 11  ? -0.710  -6.207  -9.531  1.00 89.64  ? 410 LYS A N   1 
ATOM 90   C CA  . LYS A 1 11  ? -0.077  -6.371  -10.830 1.00 96.78  ? 410 LYS A CA  1 
ATOM 91   C C   . LYS A 1 11  ? -0.865  -7.405  -11.624 1.00 94.98  ? 410 LYS A C   1 
ATOM 92   O O   . LYS A 1 11  ? -1.240  -8.452  -11.084 1.00 96.15  ? 410 LYS A O   1 
ATOM 93   C CB  . LYS A 1 11  ? 1.384   -6.807  -10.674 1.00 87.99  ? 410 LYS A CB  1 
ATOM 94   C CG  . LYS A 1 11  ? 2.064   -7.118  -11.976 1.00 92.88  ? 410 LYS A CG  1 
ATOM 95   C CD  . LYS A 1 11  ? 3.505   -7.422  -11.743 1.00 100.63 ? 410 LYS A CD  1 
ATOM 96   C CE  . LYS A 1 11  ? 3.644   -8.773  -11.084 1.00 103.40 ? 410 LYS A CE  1 
ATOM 97   N NZ  . LYS A 1 11  ? 5.062   -9.182  -11.082 1.00 113.83 ? 410 LYS A NZ  1 
ATOM 98   N N   . VAL A 1 12  ? -1.132  -7.109  -12.895 1.00 91.36  ? 411 VAL A N   1 
ATOM 99   C CA  . VAL A 1 12  ? -1.796  -8.058  -13.772 1.00 99.39  ? 411 VAL A CA  1 
ATOM 100  C C   . VAL A 1 12  ? -0.949  -8.200  -15.033 1.00 105.10 ? 411 VAL A C   1 
ATOM 101  O O   . VAL A 1 12  ? -0.174  -7.307  -15.389 1.00 114.04 ? 411 VAL A O   1 
ATOM 102  C CB  . VAL A 1 12  ? -3.243  -7.626  -14.118 1.00 102.37 ? 411 VAL A CB  1 
ATOM 103  C CG1 . VAL A 1 12  ? -4.002  -7.174  -12.861 1.00 93.63  ? 411 VAL A CG1 1 
ATOM 104  C CG2 . VAL A 1 12  ? -3.242  -6.578  -15.156 1.00 95.33  ? 411 VAL A CG2 1 
ATOM 105  N N   . ASP A 1 13  ? -1.085  -9.350  -15.701 1.00 109.03 ? 412 ASP A N   1 
ATOM 106  C CA  . ASP A 1 13  ? -0.275  -9.661  -16.894 1.00 106.20 ? 412 ASP A CA  1 
ATOM 107  C C   . ASP A 1 13  ? -1.082  -9.713  -18.205 1.00 101.90 ? 412 ASP A C   1 
ATOM 108  O O   . ASP A 1 13  ? -2.155  -10.318 -18.278 1.00 107.36 ? 412 ASP A O   1 
ATOM 109  C CB  . ASP A 1 13  ? 0.478   -10.990 -16.700 1.00 105.58 ? 412 ASP A CB  1 
ATOM 110  C CG  . ASP A 1 13  ? 1.307   -11.028 -15.406 1.00 114.95 ? 412 ASP A CG  1 
ATOM 111  O OD1 . ASP A 1 13  ? 1.232   -12.039 -14.665 1.00 110.45 ? 412 ASP A OD1 1 
ATOM 112  O OD2 . ASP A 1 13  ? 2.049   -10.050 -15.134 1.00 115.43 ? 412 ASP A OD2 1 
ATOM 113  N N   . CYS A 1 19  ? -5.721  -4.944  -17.951 1.00 89.52  ? 418 CYS A N   1 
ATOM 114  C CA  . CYS A 1 19  ? -4.663  -4.141  -17.353 1.00 103.25 ? 418 CYS A CA  1 
ATOM 115  C C   . CYS A 1 19  ? -4.800  -2.674  -17.706 1.00 106.60 ? 418 CYS A C   1 
ATOM 116  O O   . CYS A 1 19  ? -4.548  -2.286  -18.846 1.00 110.00 ? 418 CYS A O   1 
ATOM 117  C CB  . CYS A 1 19  ? -3.281  -4.632  -17.803 1.00 108.69 ? 418 CYS A CB  1 
ATOM 118  S SG  . CYS A 1 19  ? -1.891  -3.871  -16.876 1.00 120.33 ? 418 CYS A SG  1 
ATOM 119  N N   . ASP A 1 20  ? -5.177  -1.862  -16.723 1.00 109.41 ? 419 ASP A N   1 
ATOM 120  C CA  . ASP A 1 20  ? -5.365  -0.420  -16.884 1.00 112.58 ? 419 ASP A CA  1 
ATOM 121  C C   . ASP A 1 20  ? -4.272  0.270   -16.075 1.00 108.10 ? 419 ASP A C   1 
ATOM 122  O O   . ASP A 1 20  ? -4.430  0.457   -14.868 1.00 114.06 ? 419 ASP A O   1 
ATOM 123  C CB  . ASP A 1 20  ? -6.772  -0.012  -16.419 1.00 116.72 ? 419 ASP A CB  1 
ATOM 124  C CG  . ASP A 1 20  ? -7.132  1.457   -16.753 1.00 126.54 ? 419 ASP A CG  1 
ATOM 125  O OD1 . ASP A 1 20  ? -6.203  2.293   -16.919 1.00 119.54 ? 419 ASP A OD1 1 
ATOM 126  O OD2 . ASP A 1 20  ? -8.356  1.773   -16.828 1.00 122.55 ? 419 ASP A OD2 1 
ATOM 127  N N   . ASN A 1 21  ? -3.154  0.652   -16.741 1.00 113.44 ? 420 ASN A N   1 
ATOM 128  C CA  . ASN A 1 21  ? -1.967  1.278   -16.123 1.00 114.80 ? 420 ASN A CA  1 
ATOM 129  C C   . ASN A 1 21  ? -0.969  1.827   -17.149 1.00 118.38 ? 420 ASN A C   1 
ATOM 130  O O   . ASN A 1 21  ? -0.446  1.055   -17.970 1.00 122.75 ? 420 ASN A O   1 
ATOM 131  C CB  . ASN A 1 21  ? -1.209  0.286   -15.213 1.00 113.53 ? 420 ASN A CB  1 
ATOM 132  C CG  . ASN A 1 21  ? -1.706  0.280   -13.762 1.00 104.88 ? 420 ASN A CG  1 
ATOM 133  O OD1 . ASN A 1 21  ? -2.458  1.159   -13.361 1.00 104.93 ? 420 ASN A OD1 1 
ATOM 134  N ND2 . ASN A 1 21  ? -1.247  -0.699  -12.961 1.00 98.56  ? 420 ASN A ND2 1 
ATOM 135  N N   . PRO A 1 22  ? -0.648  3.149   -17.121 1.00 111.79 ? 421 PRO A N   1 
ATOM 136  C CA  . PRO A 1 22  ? 0.459   3.665   -17.952 1.00 113.98 ? 421 PRO A CA  1 
ATOM 137  C C   . PRO A 1 22  ? 1.802   3.688   -17.231 1.00 109.79 ? 421 PRO A C   1 
ATOM 138  O O   . PRO A 1 22  ? 2.267   2.648   -16.751 1.00 109.00 ? 421 PRO A O   1 
ATOM 139  C CB  . PRO A 1 22  ? -0.002  5.085   -18.291 1.00 115.77 ? 421 PRO A CB  1 
ATOM 140  C CG  . PRO A 1 22  ? -0.829  5.505   -17.089 1.00 108.87 ? 421 PRO A CG  1 
ATOM 141  C CD  . PRO A 1 22  ? -1.398  4.236   -16.461 1.00 110.45 ? 421 PRO A CD  1 
ATOM 142  N N   . GLU A 1 23  ? 2.430   4.878   -17.166 1.00 106.71 ? 422 GLU A N   1 
ATOM 143  C CA  . GLU A 1 23  ? 3.605   5.110   -16.321 1.00 96.33  ? 422 GLU A CA  1 
ATOM 144  C C   . GLU A 1 23  ? 3.339   4.799   -14.855 1.00 98.61  ? 422 GLU A C   1 
ATOM 145  O O   . GLU A 1 23  ? 4.289   4.605   -14.092 1.00 88.03  ? 422 GLU A O   1 
ATOM 146  C CB  . GLU A 1 23  ? 4.059   6.568   -16.428 1.00 101.25 ? 422 GLU A CB  1 
ATOM 147  C CG  . GLU A 1 23  ? 2.993   7.579   -16.003 1.00 100.40 ? 422 GLU A CG  1 
ATOM 148  C CD  . GLU A 1 23  ? 3.494   9.023   -15.930 1.00 108.21 ? 422 GLU A CD  1 
ATOM 149  O OE1 . GLU A 1 23  ? 4.720   9.250   -16.028 1.00 114.56 ? 422 GLU A OE1 1 
ATOM 150  O OE2 . GLU A 1 23  ? 2.654   9.941   -15.774 1.00 112.01 ? 422 GLU A OE2 1 
ATOM 151  N N   . GLU A 1 24  ? 2.063   4.771   -14.449 1.00 106.99 ? 423 GLU A N   1 
ATOM 152  C CA  . GLU A 1 24  ? 1.689   4.467   -13.071 1.00 102.19 ? 423 GLU A CA  1 
ATOM 153  C C   . GLU A 1 24  ? 2.251   3.125   -12.620 1.00 99.66  ? 423 GLU A C   1 
ATOM 154  O O   . GLU A 1 24  ? 2.872   3.023   -11.553 1.00 93.53  ? 423 GLU A O   1 
ATOM 155  C CB  . GLU A 1 24  ? 0.171   4.487   -12.945 1.00 98.23  ? 423 GLU A CB  1 
ATOM 156  C CG  . GLU A 1 24  ? -0.407  5.864   -13.196 1.00 105.19 ? 423 GLU A CG  1 
ATOM 157  C CD  . GLU A 1 24  ? -1.922  5.872   -13.236 1.00 107.37 ? 423 GLU A CD  1 
ATOM 158  O OE1 . GLU A 1 24  ? -2.523  4.803   -13.484 1.00 103.83 ? 423 GLU A OE1 1 
ATOM 159  O OE2 . GLU A 1 24  ? -2.510  6.950   -12.990 1.00 109.52 ? 423 GLU A OE2 1 
ATOM 160  N N   . GLU A 1 25  ? 2.038   2.082   -13.427 1.00 92.35  ? 424 GLU A N   1 
ATOM 161  C CA  . GLU A 1 25  ? 2.639   0.778   -13.160 1.00 94.80  ? 424 GLU A CA  1 
ATOM 162  C C   . GLU A 1 25  ? 4.105   0.873   -12.742 1.00 90.17  ? 424 GLU A C   1 
ATOM 163  O O   . GLU A 1 25  ? 4.509   0.303   -11.722 1.00 89.82  ? 424 GLU A O   1 
ATOM 164  C CB  . GLU A 1 25  ? 2.498   -0.104  -14.401 1.00 107.10 ? 424 GLU A CB  1 
ATOM 165  C CG  . GLU A 1 25  ? 2.455   -1.602  -14.118 1.00 107.80 ? 424 GLU A CG  1 
ATOM 166  C CD  . GLU A 1 25  ? 1.656   -2.367  -15.170 1.00 119.50 ? 424 GLU A CD  1 
ATOM 167  O OE1 . GLU A 1 25  ? 1.249   -1.743  -16.176 1.00 123.90 ? 424 GLU A OE1 1 
ATOM 168  O OE2 . GLU A 1 25  ? 1.420   -3.586  -14.988 1.00 123.29 ? 424 GLU A OE2 1 
ATOM 169  N N   . GLN A 1 26  ? 4.917   1.600   -13.516 1.00 88.12  ? 425 GLN A N   1 
ATOM 170  C CA  . GLN A 1 26  ? 6.332   1.701   -13.181 1.00 88.44  ? 425 GLN A CA  1 
ATOM 171  C C   . GLN A 1 26  ? 6.536   2.383   -11.828 1.00 91.56  ? 425 GLN A C   1 
ATOM 172  O O   . GLN A 1 26  ? 7.411   1.975   -11.055 1.00 93.62  ? 425 GLN A O   1 
ATOM 173  C CB  . GLN A 1 26  ? 7.089   2.438   -14.289 1.00 94.23  ? 425 GLN A CB  1 
ATOM 174  C CG  . GLN A 1 26  ? 8.554   2.781   -13.948 1.00 97.18  ? 425 GLN A CG  1 
ATOM 175  C CD  . GLN A 1 26  ? 9.063   4.036   -14.661 1.00 101.95 ? 425 GLN A CD  1 
ATOM 176  O OE1 . GLN A 1 26  ? 8.281   4.786   -15.269 1.00 87.20  ? 425 GLN A OE1 1 
ATOM 177  N NE2 . GLN A 1 26  ? 10.383  4.278   -14.577 1.00 101.39 ? 425 GLN A NE2 1 
ATOM 178  N N   . PHE A 1 27  ? 5.740   3.410   -11.503 1.00 92.18  ? 426 PHE A N   1 
ATOM 179  C CA  . PHE A 1 27  ? 5.915   4.032   -10.192 1.00 88.69  ? 426 PHE A CA  1 
ATOM 180  C C   . PHE A 1 27  ? 5.637   3.027   -9.077  1.00 86.20  ? 426 PHE A C   1 
ATOM 181  O O   . PHE A 1 27  ? 6.430   2.892   -8.139  1.00 85.16  ? 426 PHE A O   1 
ATOM 182  C CB  . PHE A 1 27  ? 5.038   5.278   -10.016 1.00 83.46  ? 426 PHE A CB  1 
ATOM 183  C CG  . PHE A 1 27  ? 4.889   5.695   -8.563  1.00 87.02  ? 426 PHE A CG  1 
ATOM 184  C CD1 . PHE A 1 27  ? 3.714   5.456   -7.873  1.00 82.85  ? 426 PHE A CD1 1 
ATOM 185  C CD2 . PHE A 1 27  ? 5.958   6.280   -7.871  1.00 87.37  ? 426 PHE A CD2 1 
ATOM 186  C CE1 . PHE A 1 27  ? 3.592   5.815   -6.530  1.00 84.17  ? 426 PHE A CE1 1 
ATOM 187  C CE2 . PHE A 1 27  ? 5.854   6.639   -6.526  1.00 78.16  ? 426 PHE A CE2 1 
ATOM 188  C CZ  . PHE A 1 27  ? 4.668   6.408   -5.851  1.00 80.76  ? 426 PHE A CZ  1 
ATOM 189  N N   . ALA A 1 28  ? 4.537   2.283   -9.187  1.00 81.21  ? 427 ALA A N   1 
ATOM 190  C CA  . ALA A 1 28  ? 4.116   1.388   -8.120  1.00 79.49  ? 427 ALA A CA  1 
ATOM 191  C C   . ALA A 1 28  ? 4.858   0.065   -8.105  1.00 84.91  ? 427 ALA A C   1 
ATOM 192  O O   . ALA A 1 28  ? 4.845   -0.629  -7.077  1.00 81.50  ? 427 ALA A O   1 
ATOM 193  C CB  . ALA A 1 28  ? 2.629   1.090   -8.237  1.00 83.38  ? 427 ALA A CB  1 
ATOM 194  N N   . LEU A 1 29  ? 5.449   -0.339  -9.222  1.00 84.64  ? 428 LEU A N   1 
ATOM 195  C CA  . LEU A 1 29  ? 6.196   -1.584  -9.217  1.00 87.02  ? 428 LEU A CA  1 
ATOM 196  C C   . LEU A 1 29  ? 7.687   -1.359  -9.151  1.00 92.09  ? 428 LEU A C   1 
ATOM 197  O O   . LEU A 1 29  ? 8.387   -2.114  -8.479  1.00 96.84  ? 428 LEU A O   1 
ATOM 198  C CB  . LEU A 1 29  ? 5.866   -2.425  -10.454 1.00 96.37  ? 428 LEU A CB  1 
ATOM 199  C CG  . LEU A 1 29  ? 4.666   -3.386  -10.381 1.00 96.76  ? 428 LEU A CG  1 
ATOM 200  C CD1 . LEU A 1 29  ? 4.919   -4.413  -9.265  1.00 98.52  ? 428 LEU A CD1 1 
ATOM 201  C CD2 . LEU A 1 29  ? 3.298   -2.679  -10.229 1.00 83.38  ? 428 LEU A CD2 1 
ATOM 202  N N   . GLU A 1 30  ? 8.188   -0.317  -9.800  1.00 91.73  ? 429 GLU A N   1 
ATOM 203  C CA  . GLU A 1 30  ? 9.618   -0.070  -9.849  1.00 85.74  ? 429 GLU A CA  1 
ATOM 204  C C   . GLU A 1 30  ? 10.011  1.044   -8.872  1.00 82.43  ? 429 GLU A C   1 
ATOM 205  O O   . GLU A 1 30  ? 10.598  0.761   -7.829  1.00 78.61  ? 429 GLU A O   1 
ATOM 206  C CB  . GLU A 1 30  ? 10.039  0.273   -11.275 1.00 85.08  ? 429 GLU A CB  1 
ATOM 207  C CG  . GLU A 1 30  ? 10.234  -0.950  -12.135 1.00 89.83  ? 429 GLU A CG  1 
ATOM 208  C CD  . GLU A 1 30  ? 10.976  -0.621  -13.406 1.00 98.58  ? 429 GLU A CD  1 
ATOM 209  O OE1 . GLU A 1 30  ? 10.785  -1.346  -14.416 1.00 96.60  ? 429 GLU A OE1 1 
ATOM 210  O OE2 . GLU A 1 30  ? 11.747  0.371   -13.389 1.00 99.17  ? 429 GLU A OE2 1 
ATOM 211  N N   . VAL A 1 31  ? 9.678   2.293   -9.183  1.00 82.13  ? 430 VAL A N   1 
ATOM 212  C CA  . VAL A 1 31  ? 10.410  3.393   -8.567  1.00 83.12  ? 430 VAL A CA  1 
ATOM 213  C C   . VAL A 1 31  ? 10.080  3.485   -7.080  1.00 83.51  ? 430 VAL A C   1 
ATOM 214  O O   . VAL A 1 31  ? 10.963  3.756   -6.253  1.00 79.58  ? 430 VAL A O   1 
ATOM 215  C CB  . VAL A 1 31  ? 10.115  4.710   -9.315  1.00 78.79  ? 430 VAL A CB  1 
ATOM 216  C CG1 . VAL A 1 31  ? 10.280  4.513   -10.812 1.00 81.62  ? 430 VAL A CG1 1 
ATOM 217  C CG2 . VAL A 1 31  ? 8.795   5.276   -8.974  1.00 85.36  ? 430 VAL A CG2 1 
ATOM 218  N N   . LEU A 1 32  ? 8.816   3.212   -6.689  1.00 81.53  ? 431 LEU A N   1 
ATOM 219  C CA  . LEU A 1 32  ? 8.415   3.418   -5.322  1.00 75.56  ? 431 LEU A CA  1 
ATOM 220  C C   . LEU A 1 32  ? 9.167   2.480   -4.344  1.00 78.30  ? 431 LEU A C   1 
ATOM 221  O O   . LEU A 1 32  ? 9.693   2.970   -3.365  1.00 82.38  ? 431 LEU A O   1 
ATOM 222  C CB  . LEU A 1 32  ? 6.900   3.290   -5.168  1.00 81.85  ? 431 LEU A CB  1 
ATOM 223  C CG  . LEU A 1 32  ? 6.286   3.224   -3.765  1.00 77.49  ? 431 LEU A CG  1 
ATOM 224  C CD1 . LEU A 1 32  ? 6.274   4.608   -3.183  1.00 85.80  ? 431 LEU A CD1 1 
ATOM 225  C CD2 . LEU A 1 32  ? 4.872   2.709   -3.781  1.00 67.56  ? 431 LEU A CD2 1 
ATOM 226  N N   . PRO A 1 33  ? 9.220   1.168   -4.612  1.00 81.74  ? 432 PRO A N   1 
ATOM 227  C CA  . PRO A 1 33  ? 9.987   0.325   -3.663  1.00 73.35  ? 432 PRO A CA  1 
ATOM 228  C C   . PRO A 1 33  ? 11.472  0.545   -3.770  1.00 82.34  ? 432 PRO A C   1 
ATOM 229  O O   . PRO A 1 33  ? 12.193  0.329   -2.788  1.00 88.73  ? 432 PRO A O   1 
ATOM 230  C CB  . PRO A 1 33  ? 9.610   -1.104  -4.085  1.00 69.74  ? 432 PRO A CB  1 
ATOM 231  C CG  . PRO A 1 33  ? 8.401   -0.954  -4.890  1.00 80.12  ? 432 PRO A CG  1 
ATOM 232  C CD  . PRO A 1 33  ? 8.541   0.347   -5.608  1.00 80.74  ? 432 PRO A CD  1 
ATOM 233  N N   . ASP A 1 34  ? 11.969  0.946   -4.936  1.00 82.38  ? 433 ASP A N   1 
ATOM 234  C CA  . ASP A 1 34  ? 13.396  1.193   -5.046  1.00 78.18  ? 433 ASP A CA  1 
ATOM 235  C C   . ASP A 1 34  ? 13.769  2.445   -4.263  1.00 80.81  ? 433 ASP A C   1 
ATOM 236  O O   . ASP A 1 34  ? 14.688  2.418   -3.441  1.00 81.83  ? 433 ASP A O   1 
ATOM 237  C CB  . ASP A 1 34  ? 13.800  1.281   -6.525  1.00 83.87  ? 433 ASP A CB  1 
ATOM 238  C CG  . ASP A 1 34  ? 14.204  -0.093  -7.122  1.00 87.85  ? 433 ASP A CG  1 
ATOM 239  O OD1 . ASP A 1 34  ? 14.440  -1.065  -6.355  1.00 84.67  ? 433 ASP A OD1 1 
ATOM 240  O OD2 . ASP A 1 34  ? 14.269  -0.206  -8.369  1.00 87.96  ? 433 ASP A OD2 1 
ATOM 241  N N   . VAL A 1 35  ? 13.016  3.535   -4.445  1.00 78.10  ? 434 VAL A N   1 
ATOM 242  C CA  . VAL A 1 35  ? 13.364  4.776   -3.760  1.00 74.43  ? 434 VAL A CA  1 
ATOM 243  C C   . VAL A 1 35  ? 13.226  4.643   -2.240  1.00 78.66  ? 434 VAL A C   1 
ATOM 244  O O   . VAL A 1 35  ? 14.045  5.188   -1.494  1.00 84.21  ? 434 VAL A O   1 
ATOM 245  C CB  . VAL A 1 35  ? 12.529  5.940   -4.313  1.00 70.68  ? 434 VAL A CB  1 
ATOM 246  C CG1 . VAL A 1 35  ? 12.752  7.180   -3.510  1.00 70.23  ? 434 VAL A CG1 1 
ATOM 247  C CG2 . VAL A 1 35  ? 12.891  6.189   -5.745  1.00 75.92  ? 434 VAL A CG2 1 
ATOM 248  N N   . LEU A 1 36  ? 12.232  3.906   -1.743  1.00 75.55  ? 435 LEU A N   1 
ATOM 249  C CA  . LEU A 1 36  ? 12.112  3.766   -0.291  1.00 75.98  ? 435 LEU A CA  1 
ATOM 250  C C   . LEU A 1 36  ? 13.143  2.814   0.301   1.00 79.86  ? 435 LEU A C   1 
ATOM 251  O O   . LEU A 1 36  ? 13.420  2.866   1.508   1.00 79.83  ? 435 LEU A O   1 
ATOM 252  C CB  . LEU A 1 36  ? 10.717  3.279   0.097   1.00 72.07  ? 435 LEU A CB  1 
ATOM 253  C CG  . LEU A 1 36  ? 9.578   4.163   -0.396  1.00 78.24  ? 435 LEU A CG  1 
ATOM 254  C CD1 . LEU A 1 36  ? 8.287   3.433   -0.260  1.00 74.34  ? 435 LEU A CD1 1 
ATOM 255  C CD2 . LEU A 1 36  ? 9.530   5.440   0.390   1.00 83.64  ? 435 LEU A CD2 1 
ATOM 256  N N   . GLU A 1 37  ? 13.720  1.936   -0.500  1.00 81.93  ? 436 GLU A N   1 
ATOM 257  C CA  . GLU A 1 37  ? 14.482  0.847   0.075   1.00 81.00  ? 436 GLU A CA  1 
ATOM 258  C C   . GLU A 1 37  ? 15.969  0.938   -0.266  1.00 85.79  ? 436 GLU A C   1 
ATOM 259  O O   . GLU A 1 37  ? 16.778  0.200   0.315   1.00 84.21  ? 436 GLU A O   1 
ATOM 260  C CB  . GLU A 1 37  ? 13.876  -0.467  -0.426  1.00 86.57  ? 436 GLU A CB  1 
ATOM 261  C CG  . GLU A 1 37  ? 14.173  -1.674  0.396   1.00 94.55  ? 436 GLU A CG  1 
ATOM 262  C CD  . GLU A 1 37  ? 13.521  -2.877  -0.189  1.00 81.60  ? 436 GLU A CD  1 
ATOM 263  O OE1 . GLU A 1 37  ? 13.086  -2.762  -1.358  1.00 80.67  ? 436 GLU A OE1 1 
ATOM 264  O OE2 . GLU A 1 37  ? 13.316  -3.856  0.559   1.00 83.41  ? 436 GLU A OE2 1 
ATOM 265  N N   . LYS A 1 38  ? 16.335  1.841   -1.181  1.00 84.03  ? 437 LYS A N   1 
ATOM 266  C CA  . LYS A 1 38  ? 17.700  2.114   -1.597  1.00 80.32  ? 437 LYS A CA  1 
ATOM 267  C C   . LYS A 1 38  ? 18.111  3.520   -1.200  1.00 89.28  ? 437 LYS A C   1 
ATOM 268  O O   . LYS A 1 38  ? 19.062  3.721   -0.439  1.00 100.05 ? 437 LYS A O   1 
ATOM 269  C CB  . LYS A 1 38  ? 17.845  2.023   -3.119  1.00 82.71  ? 437 LYS A CB  1 
ATOM 270  C CG  . LYS A 1 38  ? 17.293  0.830   -3.820  1.00 78.92  ? 437 LYS A CG  1 
ATOM 271  C CD  . LYS A 1 38  ? 18.042  -0.437  -3.556  1.00 76.97  ? 437 LYS A CD  1 
ATOM 272  C CE  . LYS A 1 38  ? 17.448  -1.493  -4.468  1.00 86.42  ? 437 LYS A CE  1 
ATOM 273  N NZ  . LYS A 1 38  ? 17.632  -1.061  -5.903  1.00 84.03  ? 437 LYS A NZ  1 
ATOM 274  N N   . HIS A 1 39  ? 17.426  4.517   -1.763  1.00 88.11  ? 438 HIS A N   1 
ATOM 275  C CA  . HIS A 1 39  ? 17.744  5.923   -1.569  1.00 84.72  ? 438 HIS A CA  1 
ATOM 276  C C   . HIS A 1 39  ? 17.292  6.468   -0.215  1.00 86.45  ? 438 HIS A C   1 
ATOM 277  O O   . HIS A 1 39  ? 17.689  7.578   0.145   1.00 91.69  ? 438 HIS A O   1 
ATOM 278  C CB  . HIS A 1 39  ? 17.120  6.744   -2.697  1.00 82.90  ? 438 HIS A CB  1 
ATOM 279  C CG  . HIS A 1 39  ? 17.271  8.213   -2.513  1.00 85.61  ? 438 HIS A CG  1 
ATOM 280  N ND1 . HIS A 1 39  ? 18.495  8.803   -2.290  1.00 89.30  ? 438 HIS A ND1 1 
ATOM 281  C CD2 . HIS A 1 39  ? 16.358  9.209   -2.481  1.00 90.60  ? 438 HIS A CD2 1 
ATOM 282  C CE1 . HIS A 1 39  ? 18.330  10.104  -2.144  1.00 101.83 ? 438 HIS A CE1 1 
ATOM 283  N NE2 . HIS A 1 39  ? 17.043  10.377  -2.257  1.00 98.12  ? 438 HIS A NE2 1 
ATOM 284  N N   . TYR A 1 40  ? 16.456  5.736   0.535   1.00 88.46  ? 439 TYR A N   1 
ATOM 285  C CA  . TYR A 1 40  ? 16.158  6.055   1.926   1.00 81.98  ? 439 TYR A CA  1 
ATOM 286  C C   . TYR A 1 40  ? 16.417  4.888   2.866   1.00 80.51  ? 439 TYR A C   1 
ATOM 287  O O   . TYR A 1 40  ? 16.404  5.085   4.086   1.00 79.71  ? 439 TYR A O   1 
ATOM 288  C CB  . TYR A 1 40  ? 14.699  6.499   2.099   1.00 64.25  ? 439 TYR A CB  1 
ATOM 289  C CG  . TYR A 1 40  ? 14.326  7.846   1.528   1.00 68.85  ? 439 TYR A CG  1 
ATOM 290  C CD1 . TYR A 1 40  ? 14.360  8.982   2.300   1.00 69.44  ? 439 TYR A CD1 1 
ATOM 291  C CD2 . TYR A 1 40  ? 13.863  7.967   0.222   1.00 80.81  ? 439 TYR A CD2 1 
ATOM 292  C CE1 . TYR A 1 40  ? 13.962  10.217  1.783   1.00 77.95  ? 439 TYR A CE1 1 
ATOM 293  C CE2 . TYR A 1 40  ? 13.469  9.195   -0.304  1.00 77.67  ? 439 TYR A CE2 1 
ATOM 294  C CZ  . TYR A 1 40  ? 13.526  10.318  0.482   1.00 77.21  ? 439 TYR A CZ  1 
ATOM 295  O OH  . TYR A 1 40  ? 13.150  11.544  -0.036  1.00 81.10  ? 439 TYR A OH  1 
ATOM 296  N N   . GLY A 1 41  ? 16.623  3.681   2.342   1.00 75.97  ? 440 GLY A N   1 
ATOM 297  C CA  . GLY A 1 41  ? 17.025  2.572   3.184   1.00 76.38  ? 440 GLY A CA  1 
ATOM 298  C C   . GLY A 1 41  ? 15.982  1.980   4.123   1.00 83.15  ? 440 GLY A C   1 
ATOM 299  O O   . GLY A 1 41  ? 16.364  1.296   5.083   1.00 75.61  ? 440 GLY A O   1 
ATOM 300  N N   . TYR A 1 42  ? 14.680  2.187   3.888   1.00 77.05  ? 441 TYR A N   1 
ATOM 301  C CA  . TYR A 1 42  ? 13.733  1.434   4.701   1.00 74.82  ? 441 TYR A CA  1 
ATOM 302  C C   . TYR A 1 42  ? 13.709  -0.031  4.250   1.00 74.26  ? 441 TYR A C   1 
ATOM 303  O O   . TYR A 1 42  ? 14.129  -0.362  3.143   1.00 77.31  ? 441 TYR A O   1 
ATOM 304  C CB  . TYR A 1 42  ? 12.342  2.022   4.597   1.00 69.92  ? 441 TYR A CB  1 
ATOM 305  C CG  . TYR A 1 42  ? 12.172  3.441   5.035   1.00 63.04  ? 441 TYR A CG  1 
ATOM 306  C CD1 . TYR A 1 42  ? 12.016  3.770   6.362   1.00 70.22  ? 441 TYR A CD1 1 
ATOM 307  C CD2 . TYR A 1 42  ? 12.082  4.447   4.098   1.00 71.21  ? 441 TYR A CD2 1 
ATOM 308  C CE1 . TYR A 1 42  ? 11.818  5.100   6.748   1.00 77.70  ? 441 TYR A CE1 1 
ATOM 309  C CE2 . TYR A 1 42  ? 11.867  5.762   4.455   1.00 71.64  ? 441 TYR A CE2 1 
ATOM 310  C CZ  . TYR A 1 42  ? 11.743  6.094   5.776   1.00 77.19  ? 441 TYR A CZ  1 
ATOM 311  O OH  . TYR A 1 42  ? 11.552  7.430   6.094   1.00 80.94  ? 441 TYR A OH  1 
ATOM 312  N N   . LYS A 1 43  ? 13.215  -0.917  5.117   1.00 68.54  ? 442 LYS A N   1 
ATOM 313  C CA  . LYS A 1 43  ? 13.096  -2.345  4.807   1.00 76.71  ? 442 LYS A CA  1 
ATOM 314  C C   . LYS A 1 43  ? 11.623  -2.719  4.528   1.00 81.83  ? 442 LYS A C   1 
ATOM 315  O O   . LYS A 1 43  ? 10.769  -2.639  5.424   1.00 72.45  ? 442 LYS A O   1 
ATOM 316  C CB  . LYS A 1 43  ? 13.670  -3.185  5.946   1.00 70.12  ? 442 LYS A CB  1 
ATOM 317  C CG  . LYS A 1 43  ? 13.631  -4.681  5.670   1.00 80.34  ? 442 LYS A CG  1 
ATOM 318  C CD  . LYS A 1 43  ? 14.239  -5.530  6.788   1.00 78.35  ? 442 LYS A CD  1 
ATOM 319  C CE  . LYS A 1 43  ? 14.138  -7.009  6.392   1.00 85.91  ? 442 LYS A CE  1 
ATOM 320  N NZ  . LYS A 1 43  ? 14.552  -7.976  7.447   1.00 95.24  ? 442 LYS A NZ  1 
ATOM 321  N N   . LEU A 1 44  ? 11.330  -3.151  3.292   1.00 77.83  ? 443 LEU A N   1 
ATOM 322  C CA  . LEU A 1 44  ? 9.965   -3.419  2.856   1.00 73.21  ? 443 LEU A CA  1 
ATOM 323  C C   . LEU A 1 44  ? 9.713   -4.914  2.698   1.00 81.05  ? 443 LEU A C   1 
ATOM 324  O O   . LEU A 1 44  ? 10.615  -5.684  2.350   1.00 83.37  ? 443 LEU A O   1 
ATOM 325  C CB  . LEU A 1 44  ? 9.652   -2.732  1.527   1.00 67.20  ? 443 LEU A CB  1 
ATOM 326  C CG  . LEU A 1 44  ? 9.959   -1.253  1.357   1.00 71.24  ? 443 LEU A CG  1 
ATOM 327  C CD1 . LEU A 1 44  ? 9.367   -0.774  0.065   1.00 72.48  ? 443 LEU A CD1 1 
ATOM 328  C CD2 . LEU A 1 44  ? 9.420   -0.434  2.505   1.00 70.96  ? 443 LEU A CD2 1 
ATOM 329  N N   . PHE A 1 45  ? 8.462   -5.316  2.956   1.00 78.29  ? 444 PHE A N   1 
ATOM 330  C CA  . PHE A 1 45  ? 7.989   -6.665  2.680   1.00 73.59  ? 444 PHE A CA  1 
ATOM 331  C C   . PHE A 1 45  ? 7.104   -6.607  1.437   1.00 79.79  ? 444 PHE A C   1 
ATOM 332  O O   . PHE A 1 45  ? 5.981   -6.088  1.474   1.00 73.21  ? 444 PHE A O   1 
ATOM 333  C CB  . PHE A 1 45  ? 7.237   -7.247  3.872   1.00 71.41  ? 444 PHE A CB  1 
ATOM 334  C CG  . PHE A 1 45  ? 6.673   -8.619  3.608   1.00 82.20  ? 444 PHE A CG  1 
ATOM 335  C CD1 . PHE A 1 45  ? 5.435   -8.768  3.006   1.00 80.50  ? 444 PHE A CD1 1 
ATOM 336  C CD2 . PHE A 1 45  ? 7.397   -9.760  3.923   1.00 82.51  ? 444 PHE A CD2 1 
ATOM 337  C CE1 . PHE A 1 45  ? 4.925   -10.011 2.748   1.00 80.70  ? 444 PHE A CE1 1 
ATOM 338  C CE2 . PHE A 1 45  ? 6.882   -11.016 3.661   1.00 82.95  ? 444 PHE A CE2 1 
ATOM 339  C CZ  . PHE A 1 45  ? 5.648   -11.136 3.069   1.00 82.47  ? 444 PHE A CZ  1 
ATOM 340  N N   . ILE A 1 46  ? 7.609   -7.143  0.328   1.00 83.22  ? 445 ILE A N   1 
ATOM 341  C CA  . ILE A 1 46  ? 6.959   -7.061  -0.955  1.00 79.52  ? 445 ILE A CA  1 
ATOM 342  C C   . ILE A 1 46  ? 6.463   -8.481  -1.279  1.00 84.51  ? 445 ILE A C   1 
ATOM 343  O O   . ILE A 1 46  ? 7.294   -9.375  -1.458  1.00 89.06  ? 445 ILE A O   1 
ATOM 344  C CB  . ILE A 1 46  ? 7.925   -6.561  -2.039  1.00 75.71  ? 445 ILE A CB  1 
ATOM 345  C CG1 . ILE A 1 46  ? 8.670   -5.308  -1.570  1.00 78.37  ? 445 ILE A CG1 1 
ATOM 346  C CG2 . ILE A 1 46  ? 7.170   -6.132  -3.265  1.00 80.64  ? 445 ILE A CG2 1 
ATOM 347  C CD1 . ILE A 1 46  ? 10.055  -5.628  -0.889  1.00 91.44  ? 445 ILE A CD1 1 
ATOM 348  N N   . PRO A 1 47  ? 5.155   -8.740  -1.325  1.00 85.89  ? 446 PRO A N   1 
ATOM 349  C CA  . PRO A 1 47  ? 4.713   -10.144 -1.415  1.00 85.94  ? 446 PRO A CA  1 
ATOM 350  C C   . PRO A 1 47  ? 5.301   -10.929 -2.587  1.00 87.37  ? 446 PRO A C   1 
ATOM 351  O O   . PRO A 1 47  ? 5.575   -12.129 -2.427  1.00 83.79  ? 446 PRO A O   1 
ATOM 352  C CB  . PRO A 1 47  ? 3.191   -9.994  -1.500  1.00 78.31  ? 446 PRO A CB  1 
ATOM 353  C CG  . PRO A 1 47  ? 2.937   -8.762  -0.720  1.00 71.39  ? 446 PRO A CG  1 
ATOM 354  C CD  . PRO A 1 47  ? 3.997   -7.842  -1.208  1.00 80.75  ? 446 PRO A CD  1 
ATOM 355  N N   . GLU A 1 48  ? 5.556   -10.299 -3.741  1.00 83.31  ? 447 GLU A N   1 
ATOM 356  C CA  . GLU A 1 48  ? 6.102   -11.083 -4.842  1.00 84.96  ? 447 GLU A CA  1 
ATOM 357  C C   . GLU A 1 48  ? 7.633   -11.275 -4.807  1.00 93.86  ? 447 GLU A C   1 
ATOM 358  O O   . GLU A 1 48  ? 8.151   -11.931 -5.723  1.00 94.32  ? 447 GLU A O   1 
ATOM 359  C CB  . GLU A 1 48  ? 5.714   -10.488 -6.201  1.00 93.61  ? 447 GLU A CB  1 
ATOM 360  C CG  . GLU A 1 48  ? 6.099   -9.062  -6.382  1.00 106.44 ? 447 GLU A CG  1 
ATOM 361  C CD  . GLU A 1 48  ? 6.233   -8.643  -7.853  1.00 118.84 ? 447 GLU A CD  1 
ATOM 362  O OE1 . GLU A 1 48  ? 5.889   -7.480  -8.161  1.00 118.97 ? 447 GLU A OE1 1 
ATOM 363  O OE2 . GLU A 1 48  ? 6.721   -9.452  -8.680  1.00 117.81 ? 447 GLU A OE2 1 
ATOM 364  N N   . ARG A 1 49  ? 8.383   -10.719 -3.827  1.00 92.45  ? 448 ARG A N   1 
ATOM 365  C CA  . ARG A 1 49  ? 9.707   -11.226 -3.402  1.00 78.46  ? 448 ARG A CA  1 
ATOM 366  C C   . ARG A 1 49  ? 9.613   -12.219 -2.265  1.00 82.47  ? 448 ARG A C   1 
ATOM 367  O O   . ARG A 1 49  ? 10.280  -13.252 -2.257  1.00 94.51  ? 448 ARG A O   1 
ATOM 368  C CB  . ARG A 1 49  ? 10.634  -10.111 -2.900  1.00 95.44  ? 448 ARG A CB  1 
ATOM 369  C CG  . ARG A 1 49  ? 11.547  -9.471  -3.863  1.00 99.81  ? 448 ARG A CG  1 
ATOM 370  C CD  . ARG A 1 49  ? 10.683  -8.729  -4.734  1.00 103.02 ? 448 ARG A CD  1 
ATOM 371  N NE  . ARG A 1 49  ? 11.326  -7.679  -5.484  1.00 103.62 ? 448 ARG A NE  1 
ATOM 372  C CZ  . ARG A 1 49  ? 11.888  -7.953  -6.638  1.00 105.12 ? 448 ARG A CZ  1 
ATOM 373  N NH1 . ARG A 1 49  ? 11.872  -9.210  -7.058  1.00 102.95 ? 448 ARG A NH1 1 
ATOM 374  N NH2 . ARG A 1 49  ? 12.459  -6.954  -7.337  1.00 108.93 ? 448 ARG A NH2 1 
ATOM 375  N N   . ASP A 1 50  ? 8.807   -11.899 -1.277  1.00 79.19  ? 449 ASP A N   1 
ATOM 376  C CA  . ASP A 1 50  ? 9.103   -12.287 0.089   1.00 79.10  ? 449 ASP A CA  1 
ATOM 377  C C   . ASP A 1 50  ? 8.135   -13.349 0.589   1.00 89.07  ? 449 ASP A C   1 
ATOM 378  O O   . ASP A 1 50  ? 8.125   -13.671 1.784   1.00 93.39  ? 449 ASP A O   1 
ATOM 379  C CB  . ASP A 1 50  ? 9.054   -11.043 0.972   1.00 84.50  ? 449 ASP A CB  1 
ATOM 380  C CG  . ASP A 1 50  ? 10.081  -9.982  0.544   1.00 89.93  ? 449 ASP A CG  1 
ATOM 381  O OD1 . ASP A 1 50  ? 11.168  -10.356 0.034   1.00 100.28 ? 449 ASP A OD1 1 
ATOM 382  O OD2 . ASP A 1 50  ? 9.797   -8.769  0.703   1.00 83.17  ? 449 ASP A OD2 1 
ATOM 383  N N   . LEU A 1 51  ? 7.307   -13.900 -0.302  1.00 95.84  ? 450 LEU A N   1 
ATOM 384  C CA  . LEU A 1 51  ? 6.324   -14.901 0.114   1.00 91.96  ? 450 LEU A CA  1 
ATOM 385  C C   . LEU A 1 51  ? 5.924   -15.739 -1.094  1.00 90.43  ? 450 LEU A C   1 
ATOM 386  O O   . LEU A 1 51  ? 5.226   -15.260 -1.992  1.00 93.23  ? 450 LEU A O   1 
ATOM 387  C CB  . LEU A 1 51  ? 5.116   -14.257 0.783   1.00 86.08  ? 450 LEU A CB  1 
ATOM 388  C CG  . LEU A 1 51  ? 4.126   -15.296 1.293   1.00 86.04  ? 450 LEU A CG  1 
ATOM 389  C CD1 . LEU A 1 51  ? 4.841   -16.247 2.235   1.00 95.49  ? 450 LEU A CD1 1 
ATOM 390  C CD2 . LEU A 1 51  ? 3.007   -14.611 2.059   1.00 86.12  ? 450 LEU A CD2 1 
ATOM 391  N N   . ILE A 1 52  ? 6.422   -16.971 -1.107  1.00 93.95  ? 451 ILE A N   1 
ATOM 392  C CA  . ILE A 1 52  ? 5.834   -18.137 -1.766  1.00 99.82  ? 451 ILE A CA  1 
ATOM 393  C C   . ILE A 1 52  ? 4.333   -18.240 -1.510  1.00 92.39  ? 451 ILE A C   1 
ATOM 394  O O   . ILE A 1 52  ? 3.881   -18.051 -0.372  1.00 91.87  ? 451 ILE A O   1 
ATOM 395  C CB  . ILE A 1 52  ? 6.492   -19.426 -1.247  1.00 105.43 ? 451 ILE A CB  1 
ATOM 396  C CG1 . ILE A 1 52  ? 6.247   -19.509 0.281   1.00 108.76 ? 451 ILE A CG1 1 
ATOM 397  C CG2 . ILE A 1 52  ? 7.958   -19.439 -1.600  1.00 96.02  ? 451 ILE A CG2 1 
ATOM 398  C CD1 . ILE A 1 52  ? 6.541   -20.830 0.951   1.00 109.69 ? 451 ILE A CD1 1 
ATOM 399  N N   . PRO A 1 53  ? 3.526   -18.546 -2.501  1.00 95.34  ? 452 PRO A N   1 
ATOM 400  C CA  . PRO A 1 53  ? 2.169   -19.035 -2.189  1.00 98.41  ? 452 PRO A CA  1 
ATOM 401  C C   . PRO A 1 53  ? 2.175   -20.482 -1.697  1.00 95.92  ? 452 PRO A C   1 
ATOM 402  O O   . PRO A 1 53  ? 2.262   -21.421 -2.492  1.00 93.33  ? 452 PRO A O   1 
ATOM 403  C CB  . PRO A 1 53  ? 1.412   -18.893 -3.513  1.00 96.95  ? 452 PRO A CB  1 
ATOM 404  C CG  . PRO A 1 53  ? 2.307   -18.081 -4.435  1.00 99.00  ? 452 PRO A CG  1 
ATOM 405  C CD  . PRO A 1 53  ? 3.617   -17.824 -3.785  1.00 91.57  ? 452 PRO A CD  1 
ATOM 406  N N   . SER A 1 54  ? 2.104   -20.672 -0.384  1.00 99.67  ? 453 SER A N   1 
ATOM 407  C CA  . SER A 1 54  ? 2.034   -21.991 0.223   1.00 95.61  ? 453 SER A CA  1 
ATOM 408  C C   . SER A 1 54  ? 0.602   -22.283 0.655   1.00 96.66  ? 453 SER A C   1 
ATOM 409  O O   . SER A 1 54  ? -0.310  -21.478 0.464   1.00 96.74  ? 453 SER A O   1 
ATOM 410  C CB  . SER A 1 54  ? 2.997   -22.091 1.411   1.00 103.97 ? 453 SER A CB  1 
ATOM 411  O OG  . SER A 1 54  ? 2.749   -21.075 2.370   1.00 105.84 ? 453 SER A OG  1 
ATOM 412  N N   . GLY A 1 55  ? 0.400   -23.464 1.244   1.00 102.70 ? 454 GLY A N   1 
ATOM 413  C CA  . GLY A 1 55  ? -0.891  -23.790 1.830   1.00 96.58  ? 454 GLY A CA  1 
ATOM 414  C C   . GLY A 1 55  ? -1.248  -22.903 3.001   1.00 99.48  ? 454 GLY A C   1 
ATOM 415  O O   . GLY A 1 55  ? -2.428  -22.750 3.331   1.00 98.80  ? 454 GLY A O   1 
ATOM 416  N N   . THR A 1 56  ? -0.242  -22.303 3.625   1.00 103.22 ? 455 THR A N   1 
ATOM 417  C CA  . THR A 1 56  ? -0.379  -21.436 4.783   1.00 99.42  ? 455 THR A CA  1 
ATOM 418  C C   . THR A 1 56  ? -0.323  -19.957 4.397   1.00 100.89 ? 455 THR A C   1 
ATOM 419  O O   . THR A 1 56  ? -0.093  -19.093 5.251   1.00 99.85  ? 455 THR A O   1 
ATOM 420  C CB  . THR A 1 56  ? 0.701   -21.827 5.797   1.00 102.57 ? 455 THR A CB  1 
ATOM 421  O OG1 . THR A 1 56  ? 1.999   -21.763 5.172   1.00 107.45 ? 455 THR A OG1 1 
ATOM 422  C CG2 . THR A 1 56  ? 0.472   -23.246 6.268   1.00 101.48 ? 455 THR A CG2 1 
ATOM 423  N N   . TYR A 1 57  ? -0.575  -19.664 3.122   1.00 98.42  ? 456 TYR A N   1 
ATOM 424  C CA  . TYR A 1 57  ? -0.428  -18.318 2.580   1.00 92.88  ? 456 TYR A CA  1 
ATOM 425  C C   . TYR A 1 57  ? -1.239  -17.300 3.378   1.00 90.85  ? 456 TYR A C   1 
ATOM 426  O O   . TYR A 1 57  ? -0.702  -16.282 3.823   1.00 92.55  ? 456 TYR A O   1 
ATOM 427  C CB  . TYR A 1 57  ? -0.831  -18.348 1.101   1.00 92.59  ? 456 TYR A CB  1 
ATOM 428  C CG  . TYR A 1 57  ? -0.784  -17.044 0.343   1.00 92.66  ? 456 TYR A CG  1 
ATOM 429  C CD1 . TYR A 1 57  ? 0.397   -16.553 -0.183  1.00 95.13  ? 456 TYR A CD1 1 
ATOM 430  C CD2 . TYR A 1 57  ? -1.936  -16.329 0.109   1.00 97.50  ? 456 TYR A CD2 1 
ATOM 431  C CE1 . TYR A 1 57  ? 0.419   -15.359 -0.890  1.00 94.87  ? 456 TYR A CE1 1 
ATOM 432  C CE2 . TYR A 1 57  ? -1.921  -15.146 -0.594  1.00 94.38  ? 456 TYR A CE2 1 
ATOM 433  C CZ  . TYR A 1 57  ? -0.753  -14.665 -1.089  1.00 89.18  ? 456 TYR A CZ  1 
ATOM 434  O OH  . TYR A 1 57  ? -0.777  -13.485 -1.786  1.00 91.89  ? 456 TYR A OH  1 
ATOM 435  N N   . MET A 1 58  ? -2.529  -17.574 3.598   1.00 102.02 ? 457 MET A N   1 
ATOM 436  C CA  . MET A 1 58  ? -3.364  -16.655 4.373   1.00 98.13  ? 457 MET A CA  1 
ATOM 437  C C   . MET A 1 58  ? -2.769  -16.355 5.746   1.00 97.34  ? 457 MET A C   1 
ATOM 438  O O   . MET A 1 58  ? -2.715  -15.193 6.169   1.00 99.28  ? 457 MET A O   1 
ATOM 439  C CB  . MET A 1 58  ? -4.771  -17.215 4.528   1.00 89.42  ? 457 MET A CB  1 
ATOM 440  C CG  . MET A 1 58  ? -5.751  -16.835 3.440   1.00 93.38  ? 457 MET A CG  1 
ATOM 441  S SD  . MET A 1 58  ? -5.717  -15.103 2.885   1.00 104.13 ? 457 MET A SD  1 
ATOM 442  C CE  . MET A 1 58  ? -4.729  -15.186 1.400   1.00 90.33  ? 457 MET A CE  1 
ATOM 443  N N   . GLU A 1 59  ? -2.340  -17.386 6.471   1.00 93.96  ? 458 GLU A N   1 
ATOM 444  C CA  . GLU A 1 59  ? -1.749  -17.096 7.769   1.00 94.48  ? 458 GLU A CA  1 
ATOM 445  C C   . GLU A 1 59  ? -0.319  -16.595 7.635   1.00 98.55  ? 458 GLU A C   1 
ATOM 446  O O   . GLU A 1 59  ? 0.173   -15.900 8.528   1.00 101.39 ? 458 GLU A O   1 
ATOM 447  C CB  . GLU A 1 59  ? -1.785  -18.321 8.668   1.00 104.29 ? 458 GLU A CB  1 
ATOM 448  C CG  . GLU A 1 59  ? -0.950  -19.468 8.177   1.00 109.96 ? 458 GLU A CG  1 
ATOM 449  C CD  . GLU A 1 59  ? -1.102  -20.700 9.053   1.00 116.51 ? 458 GLU A CD  1 
ATOM 450  O OE1 . GLU A 1 59  ? -1.823  -20.615 10.078  1.00 122.68 ? 458 GLU A OE1 1 
ATOM 451  O OE2 . GLU A 1 59  ? -0.498  -21.754 8.731   1.00 117.59 ? 458 GLU A OE2 1 
ATOM 452  N N   . ASP A 1 60  ? 0.378   -16.938 6.550   1.00 96.80  ? 459 ASP A N   1 
ATOM 453  C CA  . ASP A 1 60  ? 1.692   -16.344 6.320   1.00 98.30  ? 459 ASP A CA  1 
ATOM 454  C C   . ASP A 1 60  ? 1.553   -14.845 6.123   1.00 91.07  ? 459 ASP A C   1 
ATOM 455  O O   . ASP A 1 60  ? 2.121   -14.046 6.871   1.00 93.20  ? 459 ASP A O   1 
ATOM 456  C CB  . ASP A 1 60  ? 2.392   -16.983 5.107   1.00 102.02 ? 459 ASP A CB  1 
ATOM 457  C CG  . ASP A 1 60  ? 3.054   -18.316 5.435   1.00 103.72 ? 459 ASP A CG  1 
ATOM 458  O OD1 . ASP A 1 60  ? 3.041   -18.721 6.622   1.00 106.17 ? 459 ASP A OD1 1 
ATOM 459  O OD2 . ASP A 1 60  ? 3.603   -18.945 4.493   1.00 100.69 ? 459 ASP A OD2 1 
ATOM 460  N N   . LEU A 1 61  ? 0.791   -14.450 5.111   1.00 84.71  ? 460 LEU A N   1 
ATOM 461  C CA  . LEU A 1 61  ? 0.549   -13.036 4.867   1.00 86.97  ? 460 LEU A CA  1 
ATOM 462  C C   . LEU A 1 61  ? 0.050   -12.322 6.123   1.00 86.55  ? 460 LEU A C   1 
ATOM 463  O O   . LEU A 1 61  ? 0.434   -11.182 6.390   1.00 78.97  ? 460 LEU A O   1 
ATOM 464  C CB  . LEU A 1 61  ? -0.448  -12.900 3.718   1.00 90.21  ? 460 LEU A CB  1 
ATOM 465  C CG  . LEU A 1 61  ? -0.897  -11.567 3.139   1.00 88.28  ? 460 LEU A CG  1 
ATOM 466  C CD1 . LEU A 1 61  ? -1.447  -11.800 1.731   1.00 82.36  ? 460 LEU A CD1 1 
ATOM 467  C CD2 . LEU A 1 61  ? -1.960  -10.941 4.029   1.00 82.31  ? 460 LEU A CD2 1 
ATOM 468  N N   . THR A 1 62  ? -0.824  -12.969 6.897   1.00 90.07  ? 461 THR A N   1 
ATOM 469  C CA  . THR A 1 62  ? -1.311  -12.355 8.130   1.00 88.71  ? 461 THR A CA  1 
ATOM 470  C C   . THR A 1 62  ? -0.172  -12.061 9.091   1.00 90.31  ? 461 THR A C   1 
ATOM 471  O O   . THR A 1 62  ? -0.055  -10.947 9.614   1.00 90.56  ? 461 THR A O   1 
ATOM 472  C CB  . THR A 1 62  ? -2.347  -13.251 8.815   1.00 88.24  ? 461 THR A CB  1 
ATOM 473  O OG1 . THR A 1 62  ? -3.564  -13.274 8.047   1.00 88.80  ? 461 THR A OG1 1 
ATOM 474  C CG2 . THR A 1 62  ? -2.608  -12.783 10.259  1.00 78.57  ? 461 THR A CG2 1 
ATOM 475  N N   . ARG A 1 63  ? 0.671   -13.054 9.344   1.00 88.90  ? 462 ARG A N   1 
ATOM 476  C CA  . ARG A 1 63  ? 1.704   -12.916 10.355  1.00 87.25  ? 462 ARG A CA  1 
ATOM 477  C C   . ARG A 1 63  ? 2.865   -12.030 9.896   1.00 90.25  ? 462 ARG A C   1 
ATOM 478  O O   . ARG A 1 63  ? 3.757   -11.737 10.699  1.00 92.03  ? 462 ARG A O   1 
ATOM 479  C CB  . ARG A 1 63  ? 2.170   -14.317 10.771  1.00 90.69  ? 462 ARG A CB  1 
ATOM 480  C CG  . ARG A 1 63  ? 3.124   -14.941 9.785   1.00 100.28 ? 462 ARG A CG  1 
ATOM 481  C CD  . ARG A 1 63  ? 3.783   -16.204 10.307  1.00 105.65 ? 462 ARG A CD  1 
ATOM 482  N NE  . ARG A 1 63  ? 4.614   -16.836 9.278   1.00 106.56 ? 462 ARG A NE  1 
ATOM 483  C CZ  . ARG A 1 63  ? 5.769   -16.348 8.818   1.00 108.28 ? 462 ARG A CZ  1 
ATOM 484  N NH1 . ARG A 1 63  ? 6.269   -15.193 9.278   1.00 102.91 ? 462 ARG A NH1 1 
ATOM 485  N NH2 . ARG A 1 63  ? 6.432   -17.021 7.884   1.00 111.18 ? 462 ARG A NH2 1 
ATOM 486  N N   . TYR A 1 64  ? 2.861   -11.587 8.637   1.00 87.94  ? 463 TYR A N   1 
ATOM 487  C CA  . TYR A 1 64  ? 3.784   -10.583 8.120   1.00 79.55  ? 463 TYR A CA  1 
ATOM 488  C C   . TYR A 1 64  ? 3.252   -9.172  8.279   1.00 82.90  ? 463 TYR A C   1 
ATOM 489  O O   . TYR A 1 64  ? 4.039   -8.243  8.477   1.00 82.63  ? 463 TYR A O   1 
ATOM 490  C CB  . TYR A 1 64  ? 4.034   -10.812 6.636   1.00 80.70  ? 463 TYR A CB  1 
ATOM 491  C CG  . TYR A 1 64  ? 5.052   -11.860 6.332   1.00 87.98  ? 463 TYR A CG  1 
ATOM 492  C CD1 . TYR A 1 64  ? 4.754   -12.915 5.478   1.00 86.39  ? 463 TYR A CD1 1 
ATOM 493  C CD2 . TYR A 1 64  ? 6.326   -11.783 6.872   1.00 92.54  ? 463 TYR A CD2 1 
ATOM 494  C CE1 . TYR A 1 64  ? 5.701   -13.872 5.179   1.00 96.00  ? 463 TYR A CE1 1 
ATOM 495  C CE2 . TYR A 1 64  ? 7.282   -12.736 6.585   1.00 94.79  ? 463 TYR A CE2 1 
ATOM 496  C CZ  . TYR A 1 64  ? 6.969   -13.777 5.739   1.00 97.32  ? 463 TYR A CZ  1 
ATOM 497  O OH  . TYR A 1 64  ? 7.932   -14.726 5.461   1.00 98.95  ? 463 TYR A OH  1 
ATOM 498  N N   . VAL A 1 65  ? 1.934   -8.984  8.136   1.00 82.63  ? 464 VAL A N   1 
ATOM 499  C CA  . VAL A 1 65  ? 1.325   -7.687  8.416   1.00 76.84  ? 464 VAL A CA  1 
ATOM 500  C C   . VAL A 1 65  ? 1.537   -7.322  9.876   1.00 83.34  ? 464 VAL A C   1 
ATOM 501  O O   . VAL A 1 65  ? 1.883   -6.178  10.198  1.00 82.34  ? 464 VAL A O   1 
ATOM 502  C CB  . VAL A 1 65  ? -0.167  -7.695  8.044   1.00 79.86  ? 464 VAL A CB  1 
ATOM 503  C CG1 . VAL A 1 65  ? -0.792  -6.327  8.251   1.00 78.77  ? 464 VAL A CG1 1 
ATOM 504  C CG2 . VAL A 1 65  ? -0.343  -8.119  6.614   1.00 84.16  ? 464 VAL A CG2 1 
ATOM 505  N N   . GLU A 1 66  ? 1.369   -8.295  10.780  1.00 86.65  ? 465 GLU A N   1 
ATOM 506  C CA  . GLU A 1 66  ? 1.589   -8.033  12.202  1.00 82.20  ? 465 GLU A CA  1 
ATOM 507  C C   . GLU A 1 66  ? 3.003   -7.540  12.457  1.00 84.54  ? 465 GLU A C   1 
ATOM 508  O O   . GLU A 1 66  ? 3.204   -6.635  13.276  1.00 94.93  ? 465 GLU A O   1 
ATOM 509  C CB  . GLU A 1 66  ? 1.286   -9.281  13.039  1.00 87.51  ? 465 GLU A CB  1 
ATOM 510  C CG  . GLU A 1 66  ? -0.185  -9.740  12.956  1.00 96.69  ? 465 GLU A CG  1 
ATOM 511  C CD  . GLU A 1 66  ? -0.489  -11.010 13.754  1.00 100.42 ? 465 GLU A CD  1 
ATOM 512  O OE1 . GLU A 1 66  ? 0.249   -12.014 13.605  1.00 91.48  ? 465 GLU A OE1 1 
ATOM 513  O OE2 . GLU A 1 66  ? -1.494  -11.014 14.502  1.00 103.14 ? 465 GLU A OE2 1 
ATOM 514  N N   . GLN A 1 67  ? 3.996   -8.091  11.745  1.00 84.62  ? 466 GLN A N   1 
ATOM 515  C CA  . GLN A 1 67  ? 5.383   -7.655  11.923  1.00 86.23  ? 466 GLN A CA  1 
ATOM 516  C C   . GLN A 1 67  ? 5.742   -6.410  11.130  1.00 79.64  ? 466 GLN A C   1 
ATOM 517  O O   . GLN A 1 67  ? 6.933   -6.119  11.025  1.00 79.16  ? 466 GLN A O   1 
ATOM 518  C CB  . GLN A 1 67  ? 6.388   -8.740  11.513  1.00 86.34  ? 466 GLN A CB  1 
ATOM 519  C CG  . GLN A 1 67  ? 6.020   -10.150 11.827  1.00 89.06  ? 466 GLN A CG  1 
ATOM 520  C CD  . GLN A 1 67  ? 7.062   -11.119 11.330  1.00 89.69  ? 466 GLN A CD  1 
ATOM 521  O OE1 . GLN A 1 67  ? 7.944   -10.747 10.559  1.00 86.77  ? 466 GLN A OE1 1 
ATOM 522  N NE2 . GLN A 1 67  ? 6.966   -12.374 11.761  1.00 102.90 ? 466 GLN A NE2 1 
ATOM 523  N N   . SER A 1 68  ? 4.791   -5.703  10.525  1.00 79.20  ? 467 SER A N   1 
ATOM 524  C CA  . SER A 1 68  ? 5.120   -4.546  9.706   1.00 78.38  ? 467 SER A CA  1 
ATOM 525  C C   . SER A 1 68  ? 4.695   -3.273  10.424  1.00 78.11  ? 467 SER A C   1 
ATOM 526  O O   . SER A 1 68  ? 3.625   -3.210  11.033  1.00 77.70  ? 467 SER A O   1 
ATOM 527  C CB  . SER A 1 68  ? 4.449   -4.624  8.332   1.00 79.30  ? 467 SER A CB  1 
ATOM 528  O OG  . SER A 1 68  ? 4.620   -5.901  7.733   1.00 73.63  ? 467 SER A OG  1 
ATOM 529  N N   . ARG A 1 69  ? 5.553   -2.261  10.375  1.00 83.22  ? 468 ARG A N   1 
ATOM 530  C CA  . ARG A 1 69  ? 5.249   -1.021  11.066  1.00 79.75  ? 468 ARG A CA  1 
ATOM 531  C C   . ARG A 1 69  ? 4.267   -0.149  10.305  1.00 76.84  ? 468 ARG A C   1 
ATOM 532  O O   . ARG A 1 69  ? 3.516   0.600   10.935  1.00 80.63  ? 468 ARG A O   1 
ATOM 533  C CB  . ARG A 1 69  ? 6.533   -0.237  11.354  1.00 82.11  ? 468 ARG A CB  1 
ATOM 534  C CG  . ARG A 1 69  ? 7.382   -0.969  12.380  1.00 89.10  ? 468 ARG A CG  1 
ATOM 535  C CD  . ARG A 1 69  ? 8.704   -0.321  12.809  1.00 85.51  ? 468 ARG A CD  1 
ATOM 536  N NE  . ARG A 1 69  ? 9.756   -1.240  12.407  1.00 92.18  ? 468 ARG A NE  1 
ATOM 537  C CZ  . ARG A 1 69  ? 11.034  -1.183  12.740  1.00 99.15  ? 468 ARG A CZ  1 
ATOM 538  N NH1 . ARG A 1 69  ? 11.438  -0.295  13.629  1.00 121.95 ? 468 ARG A NH1 1 
ATOM 539  N NH2 . ARG A 1 69  ? 11.895  -2.080  12.233  1.00 92.24  ? 468 ARG A NH2 1 
ATOM 540  N N   . ARG A 1 70  ? 4.228   -0.249  8.980   1.00 78.00  ? 469 ARG A N   1 
ATOM 541  C CA  . ARG A 1 70  ? 3.232   0.449   8.184   1.00 76.67  ? 469 ARG A CA  1 
ATOM 542  C C   . ARG A 1 70  ? 2.606   -0.522  7.193   1.00 75.84  ? 469 ARG A C   1 
ATOM 543  O O   . ARG A 1 70  ? 3.157   -1.589  6.909   1.00 72.53  ? 469 ARG A O   1 
ATOM 544  C CB  . ARG A 1 70  ? 3.848   1.635   7.444   1.00 77.54  ? 469 ARG A CB  1 
ATOM 545  C CG  . ARG A 1 70  ? 4.548   2.638   8.350   1.00 85.05  ? 469 ARG A CG  1 
ATOM 546  C CD  . ARG A 1 70  ? 3.582   3.160   9.384   1.00 81.06  ? 469 ARG A CD  1 
ATOM 547  N NE  . ARG A 1 70  ? 4.231   3.438   10.660  1.00 81.09  ? 469 ARG A NE  1 
ATOM 548  C CZ  . ARG A 1 70  ? 4.729   4.618   10.984  1.00 78.58  ? 469 ARG A CZ  1 
ATOM 549  N NH1 . ARG A 1 70  ? 4.671   5.616   10.117  1.00 81.13  ? 469 ARG A NH1 1 
ATOM 550  N NH2 . ARG A 1 70  ? 5.281   4.796   12.168  1.00 85.36  ? 469 ARG A NH2 1 
ATOM 551  N N   . LEU A 1 71  ? 1.434   -0.136  6.686   1.00 72.60  ? 470 LEU A N   1 
ATOM 552  C CA  . LEU A 1 71  ? 0.795   -0.760  5.535   1.00 66.01  ? 470 LEU A CA  1 
ATOM 553  C C   . LEU A 1 71  ? 0.706   0.296   4.441   1.00 67.05  ? 470 LEU A C   1 
ATOM 554  O O   . LEU A 1 71  ? 0.027   1.320   4.615   1.00 63.15  ? 470 LEU A O   1 
ATOM 555  C CB  . LEU A 1 71  ? -0.596  -1.285  5.899   1.00 67.63  ? 470 LEU A CB  1 
ATOM 556  C CG  . LEU A 1 71  ? -1.449  -1.975  4.837   1.00 70.14  ? 470 LEU A CG  1 
ATOM 557  C CD1 . LEU A 1 71  ? -0.688  -3.182  4.355   1.00 73.97  ? 470 LEU A CD1 1 
ATOM 558  C CD2 . LEU A 1 71  ? -2.799  -2.413  5.383   1.00 66.94  ? 470 LEU A CD2 1 
ATOM 559  N N   . ILE A 1 72  ? 1.416   0.081   3.336   1.00 63.49  ? 471 ILE A N   1 
ATOM 560  C CA  . ILE A 1 72  ? 1.282   0.953   2.181   1.00 60.98  ? 471 ILE A CA  1 
ATOM 561  C C   . ILE A 1 72  ? 0.359   0.276   1.189   1.00 67.77  ? 471 ILE A C   1 
ATOM 562  O O   . ILE A 1 72  ? 0.506   -0.918  0.907   1.00 72.17  ? 471 ILE A O   1 
ATOM 563  C CB  . ILE A 1 72  ? 2.634   1.298   1.550   1.00 60.01  ? 471 ILE A CB  1 
ATOM 564  C CG1 . ILE A 1 72  ? 3.634   1.666   2.648   1.00 65.14  ? 471 ILE A CG1 1 
ATOM 565  C CG2 . ILE A 1 72  ? 2.462   2.448   0.588   1.00 57.53  ? 471 ILE A CG2 1 
ATOM 566  C CD1 . ILE A 1 72  ? 5.041   1.999   2.149   1.00 59.05  ? 471 ILE A CD1 1 
ATOM 567  N N   . ILE A 1 73  ? -0.613  1.038   0.692   1.00 70.80  ? 472 ILE A N   1 
ATOM 568  C CA  . ILE A 1 73  ? -1.646  0.595   -0.232  1.00 63.08  ? 472 ILE A CA  1 
ATOM 569  C C   . ILE A 1 73  ? -1.586  1.511   -1.443  1.00 72.42  ? 472 ILE A C   1 
ATOM 570  O O   . ILE A 1 73  ? -1.811  2.721   -1.313  1.00 73.88  ? 472 ILE A O   1 
ATOM 571  C CB  . ILE A 1 73  ? -3.029  0.647   0.421   1.00 59.90  ? 472 ILE A CB  1 
ATOM 572  C CG1 . ILE A 1 73  ? -3.054  -0.314  1.607   1.00 66.06  ? 472 ILE A CG1 1 
ATOM 573  C CG2 . ILE A 1 73  ? -4.097  0.330   -0.592  1.00 70.42  ? 472 ILE A CG2 1 
ATOM 574  C CD1 . ILE A 1 73  ? -4.439  -0.648  2.066   1.00 69.46  ? 472 ILE A CD1 1 
ATOM 575  N N   . VAL A 1 74  ? -1.255  0.954   -2.611  1.00 69.31  ? 473 VAL A N   1 
ATOM 576  C CA  . VAL A 1 74  ? -0.935  1.764   -3.780  1.00 65.03  ? 473 VAL A CA  1 
ATOM 577  C C   . VAL A 1 74  ? -2.113  1.650   -4.733  1.00 67.46  ? 473 VAL A C   1 
ATOM 578  O O   . VAL A 1 74  ? -2.217  0.666   -5.473  1.00 71.48  ? 473 VAL A O   1 
ATOM 579  C CB  . VAL A 1 74  ? 0.372   1.324   -4.448  1.00 65.81  ? 473 VAL A CB  1 
ATOM 580  C CG1 . VAL A 1 74  ? 0.796   2.342   -5.497  1.00 66.96  ? 473 VAL A CG1 1 
ATOM 581  C CG2 . VAL A 1 74  ? 1.438   1.133   -3.442  1.00 64.85  ? 473 VAL A CG2 1 
ATOM 582  N N   . LEU A 1 75  ? -2.974  2.674   -4.744  1.00 71.92  ? 474 LEU A N   1 
ATOM 583  C CA  . LEU A 1 75  ? -4.230  2.685   -5.507  1.00 71.54  ? 474 LEU A CA  1 
ATOM 584  C C   . LEU A 1 75  ? -4.026  2.951   -7.002  1.00 74.30  ? 474 LEU A C   1 
ATOM 585  O O   . LEU A 1 75  ? -4.581  3.883   -7.574  1.00 77.95  ? 474 LEU A O   1 
ATOM 586  C CB  . LEU A 1 75  ? -5.180  3.727   -4.939  1.00 73.49  ? 474 LEU A CB  1 
ATOM 587  C CG  . LEU A 1 75  ? -6.234  3.355   -3.911  1.00 68.37  ? 474 LEU A CG  1 
ATOM 588  C CD1 . LEU A 1 75  ? -7.169  4.518   -3.742  1.00 76.39  ? 474 LEU A CD1 1 
ATOM 589  C CD2 . LEU A 1 75  ? -6.994  2.195   -4.404  1.00 74.14  ? 474 LEU A CD2 1 
ATOM 590  N N   . THR A 1 76  ? -3.202  2.118   -7.629  1.00 81.50  ? 475 THR A N   1 
ATOM 591  C CA  . THR A 1 76  ? -3.262  1.904   -9.071  1.00 78.33  ? 475 THR A CA  1 
ATOM 592  C C   . THR A 1 76  ? -4.686  1.485   -9.476  1.00 85.12  ? 475 THR A C   1 
ATOM 593  O O   . THR A 1 76  ? -5.398  0.868   -8.679  1.00 80.58  ? 475 THR A O   1 
ATOM 594  C CB  . THR A 1 76  ? -2.217  0.836   -9.438  1.00 84.75  ? 475 THR A CB  1 
ATOM 595  O OG1 . THR A 1 76  ? -2.192  0.581   -10.845 1.00 94.11  ? 475 THR A OG1 1 
ATOM 596  C CG2 . THR A 1 76  ? -2.420  -0.478  -8.653  1.00 81.94  ? 475 THR A CG2 1 
ATOM 597  N N   . PRO A 1 77  ? -5.159  1.850   -10.683 1.00 88.34  ? 476 PRO A N   1 
ATOM 598  C CA  . PRO A 1 77  ? -6.510  1.418   -11.082 1.00 82.37  ? 476 PRO A CA  1 
ATOM 599  C C   . PRO A 1 77  ? -6.668  -0.080  -11.137 1.00 78.74  ? 476 PRO A C   1 
ATOM 600  O O   . PRO A 1 77  ? -7.772  -0.572  -10.885 1.00 76.26  ? 476 PRO A O   1 
ATOM 601  C CB  . PRO A 1 77  ? -6.712  2.055   -12.464 1.00 84.11  ? 476 PRO A CB  1 
ATOM 602  C CG  . PRO A 1 77  ? -5.642  2.979   -12.647 1.00 82.64  ? 476 PRO A CG  1 
ATOM 603  C CD  . PRO A 1 77  ? -4.513  2.620   -11.750 1.00 88.16  ? 476 PRO A CD  1 
ATOM 604  N N   . ASP A 1 78  ? -5.596  -0.828  -11.422 1.00 81.93  ? 477 ASP A N   1 
ATOM 605  C CA  . ASP A 1 78  ? -5.644  -2.283  -11.264 1.00 80.40  ? 477 ASP A CA  1 
ATOM 606  C C   . ASP A 1 78  ? -6.017  -2.704  -9.841  1.00 73.72  ? 477 ASP A C   1 
ATOM 607  O O   . ASP A 1 78  ? -6.682  -3.721  -9.647  1.00 76.17  ? 477 ASP A O   1 
ATOM 608  C CB  . ASP A 1 78  ? -4.307  -2.895  -11.648 1.00 85.08  ? 477 ASP A CB  1 
ATOM 609  C CG  . ASP A 1 78  ? -4.261  -3.307  -13.097 1.00 91.90  ? 477 ASP A CG  1 
ATOM 610  O OD1 . ASP A 1 78  ? -5.115  -2.848  -13.881 1.00 94.00  ? 477 ASP A OD1 1 
ATOM 611  O OD2 . ASP A 1 78  ? -3.364  -4.083  -13.458 1.00 98.93  ? 477 ASP A OD2 1 
ATOM 612  N N   . TYR A 1 79  ? -5.602  -1.949  -8.841  1.00 72.42  ? 478 TYR A N   1 
ATOM 613  C CA  . TYR A 1 79  ? -5.982  -2.267  -7.473  1.00 68.16  ? 478 TYR A CA  1 
ATOM 614  C C   . TYR A 1 79  ? -7.484  -2.107  -7.260  1.00 66.04  ? 478 TYR A C   1 
ATOM 615  O O   . TYR A 1 79  ? -8.116  -2.937  -6.592  1.00 65.60  ? 478 TYR A O   1 
ATOM 616  C CB  . TYR A 1 79  ? -5.196  -1.365  -6.522  1.00 69.18  ? 478 TYR A CB  1 
ATOM 617  C CG  . TYR A 1 79  ? -4.988  -1.869  -5.127  1.00 63.04  ? 478 TYR A CG  1 
ATOM 618  C CD1 . TYR A 1 79  ? -4.077  -2.874  -4.851  1.00 64.06  ? 478 TYR A CD1 1 
ATOM 619  C CD2 . TYR A 1 79  ? -5.650  -1.285  -4.078  1.00 63.95  ? 478 TYR A CD2 1 
ATOM 620  C CE1 . TYR A 1 79  ? -3.870  -3.308  -3.573  1.00 65.54  ? 478 TYR A CE1 1 
ATOM 621  C CE2 . TYR A 1 79  ? -5.452  -1.702  -2.799  1.00 68.79  ? 478 TYR A CE2 1 
ATOM 622  C CZ  . TYR A 1 79  ? -4.557  -2.704  -2.539  1.00 69.66  ? 478 TYR A CZ  1 
ATOM 623  O OH  . TYR A 1 79  ? -4.374  -3.093  -1.235  1.00 69.43  ? 478 TYR A OH  1 
ATOM 624  N N   . ILE A 1 80  ? -8.069  -1.032  -7.785  1.00 64.33  ? 479 ILE A N   1 
ATOM 625  C CA  . ILE A 1 80  ? -9.509  -0.853  -7.632  1.00 69.32  ? 479 ILE A CA  1 
ATOM 626  C C   . ILE A 1 80  ? -10.246 -1.896  -8.443  1.00 68.02  ? 479 ILE A C   1 
ATOM 627  O O   . ILE A 1 80  ? -11.279 -2.411  -8.013  1.00 63.22  ? 479 ILE A O   1 
ATOM 628  C CB  . ILE A 1 80  ? -9.918  0.571   -8.040  1.00 75.46  ? 479 ILE A CB  1 
ATOM 629  C CG1 . ILE A 1 80  ? -9.180  1.588   -7.159  1.00 72.33  ? 479 ILE A CG1 1 
ATOM 630  C CG2 . ILE A 1 80  ? -11.419 0.711   -7.978  1.00 69.94  ? 479 ILE A CG2 1 
ATOM 631  C CD1 . ILE A 1 80  ? -8.714  2.808   -7.891  1.00 79.24  ? 479 ILE A CD1 1 
ATOM 632  N N   . LEU A 1 81  ? -9.705  -2.248  -9.611  1.00 70.11  ? 480 LEU A N   1 
ATOM 633  C CA  . LEU A 1 81  ? -10.198 -3.395  -10.359 1.00 68.69  ? 480 LEU A CA  1 
ATOM 634  C C   . LEU A 1 81  ? -10.285 -4.632  -9.472  1.00 64.59  ? 480 LEU A C   1 
ATOM 635  O O   . LEU A 1 81  ? -11.373 -5.133  -9.211  1.00 71.12  ? 480 LEU A O   1 
ATOM 636  C CB  . LEU A 1 81  ? -9.297  -3.669  -11.569 1.00 67.19  ? 480 LEU A CB  1 
ATOM 637  C CG  . LEU A 1 81  ? -9.748  -4.785  -12.531 1.00 67.54  ? 480 LEU A CG  1 
ATOM 638  C CD1 . LEU A 1 81  ? -10.822 -4.338  -13.539 1.00 62.68  ? 480 LEU A CD1 1 
ATOM 639  C CD2 . LEU A 1 81  ? -8.560  -5.497  -13.207 1.00 57.17  ? 480 LEU A CD2 1 
ATOM 640  N N   . ARG A 1 82  ? -9.148  -5.154  -9.010  1.00 62.68  ? 481 ARG A N   1 
ATOM 641  C CA  . ARG A 1 82  ? -9.117  -6.445  -8.335  1.00 60.01  ? 481 ARG A CA  1 
ATOM 642  C C   . ARG A 1 82  ? -9.488  -6.358  -6.870  1.00 62.10  ? 481 ARG A C   1 
ATOM 643  O O   . ARG A 1 82  ? -9.193  -7.310  -6.134  1.00 61.65  ? 481 ARG A O   1 
ATOM 644  C CB  . ARG A 1 82  ? -7.730  -7.069  -8.460  1.00 66.08  ? 481 ARG A CB  1 
ATOM 645  C CG  . ARG A 1 82  ? -7.268  -7.314  -9.877  1.00 70.85  ? 481 ARG A CG  1 
ATOM 646  C CD  . ARG A 1 82  ? -6.606  -8.677  -9.990  1.00 74.44  ? 481 ARG A CD  1 
ATOM 647  N NE  . ARG A 1 82  ? -7.321  -9.704  -9.231  1.00 71.70  ? 481 ARG A NE  1 
ATOM 648  C CZ  . ARG A 1 82  ? -6.738  -10.777 -8.702  1.00 77.10  ? 481 ARG A CZ  1 
ATOM 649  N NH1 . ARG A 1 82  ? -7.454  -11.673 -8.020  1.00 75.85  ? 481 ARG A NH1 1 
ATOM 650  N NH2 . ARG A 1 82  ? -5.431  -10.957 -8.860  1.00 72.51  ? 481 ARG A NH2 1 
ATOM 651  N N   . ARG A 1 83  ? -10.137 -5.261  -6.464  1.00 58.42  ? 482 ARG A N   1 
ATOM 652  C CA  . ARG A 1 83  ? -10.263 -4.823  -5.075  1.00 63.52  ? 482 ARG A CA  1 
ATOM 653  C C   . ARG A 1 83  ? -9.160  -5.363  -4.172  1.00 68.01  ? 482 ARG A C   1 
ATOM 654  O O   . ARG A 1 83  ? -9.419  -6.192  -3.290  1.00 66.74  ? 482 ARG A O   1 
ATOM 655  C CB  . ARG A 1 83  ? -11.617 -5.200  -4.520  1.00 60.97  ? 482 ARG A CB  1 
ATOM 656  C CG  . ARG A 1 83  ? -12.628 -4.907  -5.534  1.00 64.46  ? 482 ARG A CG  1 
ATOM 657  C CD  . ARG A 1 83  ? -14.060 -4.942  -5.106  1.00 67.65  ? 482 ARG A CD  1 
ATOM 658  N NE  . ARG A 1 83  ? -14.810 -5.220  -6.323  1.00 73.21  ? 482 ARG A NE  1 
ATOM 659  C CZ  . ARG A 1 83  ? -16.097 -5.009  -6.489  1.00 70.89  ? 482 ARG A CZ  1 
ATOM 660  N NH1 . ARG A 1 83  ? -16.780 -4.424  -5.533  1.00 79.60  ? 482 ARG A NH1 1 
ATOM 661  N NH2 . ARG A 1 83  ? -16.671 -5.324  -7.639  1.00 74.97  ? 482 ARG A NH2 1 
ATOM 662  N N   . GLY A 1 84  ? -7.932  -4.864  -4.374  1.00 65.86  ? 483 GLY A N   1 
ATOM 663  C CA  . GLY A 1 84  ? -6.750  -5.344  -3.685  1.00 61.67  ? 483 GLY A CA  1 
ATOM 664  C C   . GLY A 1 84  ? -6.852  -5.352  -2.182  1.00 65.89  ? 483 GLY A C   1 
ATOM 665  O O   . GLY A 1 84  ? -6.086  -6.080  -1.546  1.00 72.01  ? 483 GLY A O   1 
ATOM 666  N N   . TRP A 1 85  ? -7.770  -4.574  -1.597  1.00 67.75  ? 484 TRP A N   1 
ATOM 667  C CA  . TRP A 1 85  ? -7.885  -4.453  -0.147  1.00 64.90  ? 484 TRP A CA  1 
ATOM 668  C C   . TRP A 1 85  ? -8.555  -5.657  0.516   1.00 70.88  ? 484 TRP A C   1 
ATOM 669  O O   . TRP A 1 85  ? -8.540  -5.739  1.748   1.00 78.38  ? 484 TRP A O   1 
ATOM 670  C CB  . TRP A 1 85  ? -8.657  -3.166  0.228   1.00 62.78  ? 484 TRP A CB  1 
ATOM 671  C CG  . TRP A 1 85  ? -9.976  -3.075  -0.391  1.00 65.70  ? 484 TRP A CG  1 
ATOM 672  C CD1 . TRP A 1 85  ? -11.165 -3.585  0.089   1.00 73.12  ? 484 TRP A CD1 1 
ATOM 673  C CD2 . TRP A 1 85  ? -10.271 -2.493  -1.651  1.00 65.92  ? 484 TRP A CD2 1 
ATOM 674  N NE1 . TRP A 1 85  ? -12.184 -3.343  -0.812  1.00 70.18  ? 484 TRP A NE1 1 
ATOM 675  C CE2 . TRP A 1 85  ? -11.658 -2.675  -1.889  1.00 69.89  ? 484 TRP A CE2 1 
ATOM 676  C CE3 . TRP A 1 85  ? -9.500  -1.842  -2.610  1.00 66.12  ? 484 TRP A CE3 1 
ATOM 677  C CZ2 . TRP A 1 85  ? -12.286 -2.203  -3.046  1.00 70.41  ? 484 TRP A CZ2 1 
ATOM 678  C CZ3 . TRP A 1 85  ? -10.126 -1.381  -3.764  1.00 74.50  ? 484 TRP A CZ3 1 
ATOM 679  C CH2 . TRP A 1 85  ? -11.511 -1.564  -3.972  1.00 68.70  ? 484 TRP A CH2 1 
ATOM 680  N N   . SER A 1 86  ? -9.118  -6.594  -0.248  1.00 68.26  ? 485 SER A N   1 
ATOM 681  C CA  . SER A 1 86  ? -10.021 -7.584  0.336   1.00 66.78  ? 485 SER A CA  1 
ATOM 682  C C   . SER A 1 86  ? -9.340  -8.421  1.401   1.00 73.48  ? 485 SER A C   1 
ATOM 683  O O   . SER A 1 86  ? -9.940  -8.701  2.444   1.00 76.86  ? 485 SER A O   1 
ATOM 684  C CB  . SER A 1 86  ? -10.560 -8.498  -0.748  1.00 69.41  ? 485 SER A CB  1 
ATOM 685  O OG  . SER A 1 86  ? -10.971 -7.725  -1.846  1.00 73.12  ? 485 SER A OG  1 
ATOM 686  N N   . ILE A 1 87  ? -8.103  -8.857  1.136   1.00 72.97  ? 486 ILE A N   1 
ATOM 687  C CA  . ILE A 1 87  ? -7.331  -9.642  2.101   1.00 73.05  ? 486 ILE A CA  1 
ATOM 688  C C   . ILE A 1 87  ? -7.389  -9.013  3.482   1.00 74.26  ? 486 ILE A C   1 
ATOM 689  O O   . ILE A 1 87  ? -7.485  -9.708  4.498   1.00 75.65  ? 486 ILE A O   1 
ATOM 690  C CB  . ILE A 1 87  ? -5.872  -9.787  1.638   1.00 78.16  ? 486 ILE A CB  1 
ATOM 691  C CG1 . ILE A 1 87  ? -5.806  -10.448 0.261   1.00 89.05  ? 486 ILE A CG1 1 
ATOM 692  C CG2 . ILE A 1 87  ? -5.122  -10.632 2.618   1.00 80.36  ? 486 ILE A CG2 1 
ATOM 693  C CD1 . ILE A 1 87  ? -5.814  -9.461  -0.897  1.00 84.15  ? 486 ILE A CD1 1 
ATOM 694  N N   . PHE A 1 88  ? -7.318  -7.694  3.543   1.00 78.26  ? 487 PHE A N   1 
ATOM 695  C CA  . PHE A 1 88  ? -7.284  -7.015  4.826   1.00 79.18  ? 487 PHE A CA  1 
ATOM 696  C C   . PHE A 1 88  ? -8.652  -6.875  5.466   1.00 77.09  ? 487 PHE A C   1 
ATOM 697  O O   . PHE A 1 88  ? -8.745  -6.331  6.568   1.00 81.71  ? 487 PHE A O   1 
ATOM 698  C CB  . PHE A 1 88  ? -6.664  -5.628  4.688   1.00 77.60  ? 487 PHE A CB  1 
ATOM 699  C CG  . PHE A 1 88  ? -5.483  -5.570  3.781   1.00 76.17  ? 487 PHE A CG  1 
ATOM 700  C CD1 . PHE A 1 88  ? -5.516  -4.763  2.654   1.00 79.25  ? 487 PHE A CD1 1 
ATOM 701  C CD2 . PHE A 1 88  ? -4.323  -6.261  4.074   1.00 75.24  ? 487 PHE A CD2 1 
ATOM 702  C CE1 . PHE A 1 88  ? -4.410  -4.676  1.801   1.00 81.46  ? 487 PHE A CE1 1 
ATOM 703  C CE2 . PHE A 1 88  ? -3.206  -6.170  3.236   1.00 82.95  ? 487 PHE A CE2 1 
ATOM 704  C CZ  . PHE A 1 88  ? -3.251  -5.376  2.098   1.00 80.52  ? 487 PHE A CZ  1 
ATOM 705  N N   . GLU A 1 89  ? -9.718  -7.310  4.815   1.00 80.37  ? 488 GLU A N   1 
ATOM 706  C CA  . GLU A 1 89  ? -11.014 -7.320  5.465   1.00 78.95  ? 488 GLU A CA  1 
ATOM 707  C C   . GLU A 1 89  ? -11.589 -8.711  5.581   1.00 77.13  ? 488 GLU A C   1 
ATOM 708  O O   . GLU A 1 89  ? -12.486 -8.925  6.402   1.00 86.54  ? 488 GLU A O   1 
ATOM 709  C CB  . GLU A 1 89  ? -11.998 -6.411  4.718   1.00 75.91  ? 488 GLU A CB  1 
ATOM 710  C CG  . GLU A 1 89  ? -11.398 -5.059  4.330   1.00 82.01  ? 488 GLU A CG  1 
ATOM 711  C CD  . GLU A 1 89  ? -11.541 -3.977  5.405   1.00 84.78  ? 488 GLU A CD  1 
ATOM 712  O OE1 . GLU A 1 89  ? -12.267 -4.173  6.407   1.00 87.64  ? 488 GLU A OE1 1 
ATOM 713  O OE2 . GLU A 1 89  ? -10.926 -2.905  5.225   1.00 83.90  ? 488 GLU A OE2 1 
ATOM 714  N N   . LEU A 1 90  ? -11.084 -9.663  4.806   1.00 73.80  ? 489 LEU A N   1 
ATOM 715  C CA  . LEU A 1 90  ? -11.510 -11.043 4.938   1.00 77.28  ? 489 LEU A CA  1 
ATOM 716  C C   . LEU A 1 90  ? -10.856 -11.713 6.142   1.00 82.17  ? 489 LEU A C   1 
ATOM 717  O O   . LEU A 1 90  ? -11.513 -12.469 6.868   1.00 86.29  ? 489 LEU A O   1 
ATOM 718  C CB  . LEU A 1 90  ? -11.190 -11.792 3.651   1.00 74.33  ? 489 LEU A CB  1 
ATOM 719  C CG  . LEU A 1 90  ? -11.093 -13.298 3.783   1.00 80.61  ? 489 LEU A CG  1 
ATOM 720  C CD1 . LEU A 1 90  ? -12.473 -13.900 3.987   1.00 81.45  ? 489 LEU A CD1 1 
ATOM 721  C CD2 . LEU A 1 90  ? -10.463 -13.817 2.529   1.00 80.14  ? 489 LEU A CD2 1 
ATOM 722  N N   . GLU A 1 91  ? -9.571  -11.445 6.373   1.00 83.95  ? 490 GLU A N   1 
ATOM 723  C CA  . GLU A 1 91  ? -8.886  -11.945 7.560   1.00 85.36  ? 490 GLU A CA  1 
ATOM 724  C C   . GLU A 1 91  ? -9.331  -11.181 8.795   1.00 83.30  ? 490 GLU A C   1 
ATOM 725  O O   . GLU A 1 91  ? -9.243  -9.950  8.848   1.00 75.28  ? 490 GLU A O   1 
ATOM 726  C CB  . GLU A 1 91  ? -7.377  -11.815 7.407   1.00 88.21  ? 490 GLU A CB  1 
ATOM 727  C CG  . GLU A 1 91  ? -6.825  -12.674 6.304   1.00 96.03  ? 490 GLU A CG  1 
ATOM 728  C CD  . GLU A 1 91  ? -7.054  -14.142 6.567   1.00 98.05  ? 490 GLU A CD  1 
ATOM 729  O OE1 . GLU A 1 91  ? -6.877  -14.590 7.726   1.00 104.30 ? 490 GLU A OE1 1 
ATOM 730  O OE2 . GLU A 1 91  ? -7.424  -14.842 5.605   1.00 100.31 ? 490 GLU A OE2 1 
ATOM 731  N N   . SER A 1 92  ? -9.797  -11.918 9.798   1.00 87.84  ? 491 SER A N   1 
ATOM 732  C CA  . SER A 1 92  ? -10.364 -11.278 10.976  1.00 86.54  ? 491 SER A CA  1 
ATOM 733  C C   . SER A 1 92  ? -9.338  -10.379 11.659  1.00 81.94  ? 491 SER A C   1 
ATOM 734  O O   . SER A 1 92  ? -9.557  -9.173  11.806  1.00 83.80  ? 491 SER A O   1 
ATOM 735  C CB  . SER A 1 92  ? -10.904 -12.343 11.929  1.00 91.85  ? 491 SER A CB  1 
ATOM 736  O OG  . SER A 1 92  ? -11.794 -13.203 11.237  1.00 92.32  ? 491 SER A OG  1 
ATOM 737  N N   . ARG A 1 93  ? -8.188  -10.942 12.042  1.00 87.02  ? 492 ARG A N   1 
ATOM 738  C CA  . ARG A 1 93  ? -7.194  -10.181 12.805  1.00 88.32  ? 492 ARG A CA  1 
ATOM 739  C C   . ARG A 1 93  ? -6.769  -8.914  12.064  1.00 84.03  ? 492 ARG A C   1 
ATOM 740  O O   . ARG A 1 93  ? -6.732  -7.819  12.642  1.00 83.98  ? 492 ARG A O   1 
ATOM 741  C CB  . ARG A 1 93  ? -5.998  -11.080 13.111  1.00 81.02  ? 492 ARG A CB  1 
ATOM 742  C CG  . ARG A 1 93  ? -4.842  -10.435 13.867  1.00 97.93  ? 492 ARG A CG  1 
ATOM 743  C CD  . ARG A 1 93  ? -5.226  -9.546  15.068  1.00 99.80  ? 492 ARG A CD  1 
ATOM 744  N NE  . ARG A 1 93  ? -4.125  -8.626  15.373  1.00 105.39 ? 492 ARG A NE  1 
ATOM 745  C CZ  . ARG A 1 93  ? -3.004  -8.977  16.003  1.00 107.77 ? 492 ARG A CZ  1 
ATOM 746  N NH1 . ARG A 1 93  ? -2.833  -10.234 16.409  1.00 107.53 ? 492 ARG A NH1 1 
ATOM 747  N NH2 . ARG A 1 93  ? -2.045  -8.080  16.221  1.00 105.33 ? 492 ARG A NH2 1 
ATOM 748  N N   . LEU A 1 94  ? -6.482  -9.041  10.767  1.00 82.52  ? 493 LEU A N   1 
ATOM 749  C CA  . LEU A 1 94  ? -6.141  -7.880  9.951   1.00 81.29  ? 493 LEU A CA  1 
ATOM 750  C C   . LEU A 1 94  ? -7.216  -6.806  9.989   1.00 78.12  ? 493 LEU A C   1 
ATOM 751  O O   . LEU A 1 94  ? -6.905  -5.610  9.985   1.00 78.40  ? 493 LEU A O   1 
ATOM 752  C CB  . LEU A 1 94  ? -5.889  -8.324  8.515   1.00 80.50  ? 493 LEU A CB  1 
ATOM 753  C CG  . LEU A 1 94  ? -4.462  -8.713  8.134   1.00 83.85  ? 493 LEU A CG  1 
ATOM 754  C CD1 . LEU A 1 94  ? -3.848  -9.689  9.119   1.00 85.10  ? 493 LEU A CD1 1 
ATOM 755  C CD2 . LEU A 1 94  ? -4.506  -9.319  6.729   1.00 83.52  ? 493 LEU A CD2 1 
ATOM 756  N N   . HIS A 1 95  ? -8.486  -7.203  9.994   1.00 85.32  ? 494 HIS A N   1 
ATOM 757  C CA  . HIS A 1 95  ? -9.544  -6.202  10.027  1.00 89.61  ? 494 HIS A CA  1 
ATOM 758  C C   . HIS A 1 95  ? -9.438  -5.369  11.297  1.00 91.77  ? 494 HIS A C   1 
ATOM 759  O O   . HIS A 1 95  ? -9.234  -4.148  11.243  1.00 90.22  ? 494 HIS A O   1 
ATOM 760  C CB  . HIS A 1 95  ? -10.933 -6.851  9.908   1.00 79.73  ? 494 HIS A CB  1 
ATOM 761  C CG  . HIS A 1 95  ? -12.051 -5.850  9.883   1.00 92.37  ? 494 HIS A CG  1 
ATOM 762  N ND1 . HIS A 1 95  ? -12.795 -5.586  8.751   1.00 100.48 ? 494 HIS A ND1 1 
ATOM 763  C CD2 . HIS A 1 95  ? -12.541 -5.032  10.849  1.00 95.32  ? 494 HIS A CD2 1 
ATOM 764  C CE1 . HIS A 1 95  ? -13.696 -4.656  9.022   1.00 101.79 ? 494 HIS A CE1 1 
ATOM 765  N NE2 . HIS A 1 95  ? -13.562 -4.300  10.288  1.00 97.72  ? 494 HIS A NE2 1 
ATOM 766  N N   . ASN A 1 96  ? -9.525  -6.030  12.456  1.00 90.17  ? 495 ASN A N   1 
ATOM 767  C CA  . ASN A 1 96  ? -9.546  -5.301  13.717  1.00 91.00  ? 495 ASN A CA  1 
ATOM 768  C C   . ASN A 1 96  ? -8.301  -4.425  13.870  1.00 89.35  ? 495 ASN A C   1 
ATOM 769  O O   . ASN A 1 96  ? -8.400  -3.268  14.308  1.00 89.14  ? 495 ASN A O   1 
ATOM 770  C CB  . ASN A 1 96  ? -9.703  -6.283  14.881  1.00 91.35  ? 495 ASN A CB  1 
ATOM 771  C CG  . ASN A 1 96  ? -10.835 -7.294  14.660  1.00 99.66  ? 495 ASN A CG  1 
ATOM 772  O OD1 . ASN A 1 96  ? -10.637 -8.345  14.056  1.00 98.35  ? 495 ASN A OD1 1 
ATOM 773  N ND2 . ASN A 1 96  ? -12.032 -6.963  15.137  1.00 108.20 ? 495 ASN A ND2 1 
ATOM 774  N N   . MET A 1 97  ? -7.129  -4.936  13.465  1.00 84.86  ? 496 MET A N   1 
ATOM 775  C CA  . MET A 1 97  ? -5.942  -4.082  13.393  1.00 85.48  ? 496 MET A CA  1 
ATOM 776  C C   . MET A 1 97  ? -6.152  -2.802  12.583  1.00 88.47  ? 496 MET A C   1 
ATOM 777  O O   . MET A 1 97  ? -5.566  -1.755  12.907  1.00 86.41  ? 496 MET A O   1 
ATOM 778  C CB  . MET A 1 97  ? -4.768  -4.857  12.805  1.00 84.40  ? 496 MET A CB  1 
ATOM 779  C CG  . MET A 1 97  ? -4.110  -5.872  13.677  1.00 89.62  ? 496 MET A CG  1 
ATOM 780  S SD  . MET A 1 97  ? -2.828  -6.720  12.748  1.00 96.73  ? 496 MET A SD  1 
ATOM 781  C CE  . MET A 1 97  ? -1.699  -5.409  12.333  1.00 80.65  ? 496 MET A CE  1 
ATOM 782  N N   . LEU A 1 98  ? -6.940  -2.863  11.508  1.00 86.60  ? 497 LEU A N   1 
ATOM 783  C CA  . LEU A 1 98  ? -7.190  -1.639  10.751  1.00 84.50  ? 497 LEU A CA  1 
ATOM 784  C C   . LEU A 1 98  ? -8.146  -0.713  11.493  1.00 90.83  ? 497 LEU A C   1 
ATOM 785  O O   . LEU A 1 98  ? -7.924  0.509   11.560  1.00 89.10  ? 497 LEU A O   1 
ATOM 786  C CB  . LEU A 1 98  ? -7.768  -1.952  9.385   1.00 83.89  ? 497 LEU A CB  1 
ATOM 787  C CG  . LEU A 1 98  ? -6.797  -2.593  8.429   1.00 82.66  ? 497 LEU A CG  1 
ATOM 788  C CD1 . LEU A 1 98  ? -7.532  -3.037  7.166   1.00 76.97  ? 497 LEU A CD1 1 
ATOM 789  C CD2 . LEU A 1 98  ? -5.776  -1.553  8.139   1.00 75.29  ? 497 LEU A CD2 1 
ATOM 790  N N   . VAL A 1 99  ? -9.220  -1.273  12.056  1.00 89.62  ? 498 VAL A N   1 
ATOM 791  C CA  . VAL A 1 99  ? -10.214 -0.431  12.703  1.00 90.26  ? 498 VAL A CA  1 
ATOM 792  C C   . VAL A 1 99  ? -9.805  0.001   14.108  1.00 89.45  ? 498 VAL A C   1 
ATOM 793  O O   . VAL A 1 99  ? -10.251 1.060   14.567  1.00 92.74  ? 498 VAL A O   1 
ATOM 794  C CB  . VAL A 1 99  ? -11.569 -1.141  12.740  1.00 78.48  ? 498 VAL A CB  1 
ATOM 795  C CG1 . VAL A 1 99  ? -11.510 -2.287  13.703  1.00 90.14  ? 498 VAL A CG1 1 
ATOM 796  C CG2 . VAL A 1 99  ? -12.629 -0.165  13.166  1.00 85.78  ? 498 VAL A CG2 1 
ATOM 797  N N   . SER A 1 100 ? -8.964  -0.771  14.798  1.00 81.69  ? 499 SER A N   1 
ATOM 798  C CA  . SER A 1 100 ? -8.519  -0.439  16.147  1.00 84.02  ? 499 SER A CA  1 
ATOM 799  C C   . SER A 1 100 ? -7.348  0.546   16.183  1.00 90.71  ? 499 SER A C   1 
ATOM 800  O O   . SER A 1 100 ? -6.916  0.939   17.271  1.00 93.72  ? 499 SER A O   1 
ATOM 801  C CB  . SER A 1 100 ? -8.105  -1.710  16.884  1.00 87.66  ? 499 SER A CB  1 
ATOM 802  O OG  . SER A 1 100 ? -6.806  -2.126  16.459  1.00 90.09  ? 499 SER A OG  1 
ATOM 803  N N   . GLY A 1 101 ? -6.807  0.943   15.040  1.00 91.78  ? 500 GLY A N   1 
ATOM 804  C CA  . GLY A 1 101 ? -5.618  1.757   15.053  1.00 81.18  ? 500 GLY A CA  1 
ATOM 805  C C   . GLY A 1 101 ? -4.326  0.996   15.200  1.00 78.48  ? 500 GLY A C   1 
ATOM 806  O O   . GLY A 1 101 ? -3.261  1.614   15.085  1.00 81.38  ? 500 GLY A O   1 
ATOM 807  N N   . GLU A 1 102 ? -4.376  -0.327  15.408  1.00 80.91  ? 501 GLU A N   1 
ATOM 808  C CA  . GLU A 1 102 ? -3.164  -1.111  15.670  1.00 88.73  ? 501 GLU A CA  1 
ATOM 809  C C   . GLU A 1 102 ? -2.168  -1.133  14.508  1.00 90.24  ? 501 GLU A C   1 
ATOM 810  O O   . GLU A 1 102 ? -1.041  -1.622  14.693  1.00 91.91  ? 501 GLU A O   1 
ATOM 811  C CB  . GLU A 1 102 ? -3.524  -2.559  16.041  1.00 89.49  ? 501 GLU A CB  1 
ATOM 812  C CG  . GLU A 1 102 ? -3.619  -2.816  17.537  1.00 96.06  ? 501 GLU A CG  1 
ATOM 813  C CD  . GLU A 1 102 ? -4.506  -4.011  17.878  1.00 110.65 ? 501 GLU A CD  1 
ATOM 814  O OE1 . GLU A 1 102 ? -4.734  -4.862  16.986  1.00 111.61 ? 501 GLU A OE1 1 
ATOM 815  O OE2 . GLU A 1 102 ? -5.012  -4.085  19.027  1.00 111.82 ? 501 GLU A OE2 1 
ATOM 816  N N   . ILE A 1 103 ? -2.538  -0.635  13.326  1.00 83.65  ? 502 ILE A N   1 
ATOM 817  C CA  . ILE A 1 103 ? -1.616  -0.545  12.197  1.00 76.31  ? 502 ILE A CA  1 
ATOM 818  C C   . ILE A 1 103 ? -1.868  0.761   11.459  1.00 72.32  ? 502 ILE A C   1 
ATOM 819  O O   . ILE A 1 103 ? -3.017  1.140   11.221  1.00 82.68  ? 502 ILE A O   1 
ATOM 820  C CB  . ILE A 1 103 ? -1.726  -1.765  11.256  1.00 80.94  ? 502 ILE A CB  1 
ATOM 821  C CG1 . ILE A 1 103 ? -0.469  -1.860  10.402  1.00 79.21  ? 502 ILE A CG1 1 
ATOM 822  C CG2 . ILE A 1 103 ? -3.003  -1.771  10.423  1.00 76.08  ? 502 ILE A CG2 1 
ATOM 823  C CD1 . ILE A 1 103 ? 0.686   -2.376  11.184  1.00 80.05  ? 502 ILE A CD1 1 
ATOM 824  N N   . LYS A 1 104 ? -0.800  1.469   11.128  1.00 75.98  ? 503 LYS A N   1 
ATOM 825  C CA  . LYS A 1 104 ? -0.903  2.737   10.418  1.00 76.84  ? 503 LYS A CA  1 
ATOM 826  C C   . LYS A 1 104 ? -0.915  2.468   8.916   1.00 75.13  ? 503 LYS A C   1 
ATOM 827  O O   . LYS A 1 104 ? -0.042  1.758   8.406   1.00 80.29  ? 503 LYS A O   1 
ATOM 828  C CB  . LYS A 1 104 ? 0.267   3.640   10.800  1.00 73.13  ? 503 LYS A CB  1 
ATOM 829  C CG  . LYS A 1 104 ? 0.507   4.782   9.864   1.00 73.12  ? 503 LYS A CG  1 
ATOM 830  C CD  . LYS A 1 104 ? -0.426  5.928   10.070  1.00 71.42  ? 503 LYS A CD  1 
ATOM 831  C CE  . LYS A 1 104 ? 0.222   7.214   9.517   1.00 86.06  ? 503 LYS A CE  1 
ATOM 832  N NZ  . LYS A 1 104 ? 1.497   7.685   10.223  1.00 81.30  ? 503 LYS A NZ  1 
ATOM 833  N N   . VAL A 1 105 ? -1.907  3.008   8.219   1.00 70.73  ? 504 VAL A N   1 
ATOM 834  C CA  . VAL A 1 105 ? -2.101  2.758   6.792   1.00 71.97  ? 504 VAL A CA  1 
ATOM 835  C C   . VAL A 1 105 ? -1.722  4.023   6.045   1.00 69.94  ? 504 VAL A C   1 
ATOM 836  O O   . VAL A 1 105 ? -2.332  5.080   6.251   1.00 74.49  ? 504 VAL A O   1 
ATOM 837  C CB  . VAL A 1 105 ? -3.549  2.331   6.465   1.00 67.76  ? 504 VAL A CB  1 
ATOM 838  C CG1 . VAL A 1 105 ? -3.751  2.190   4.986   1.00 63.36  ? 504 VAL A CG1 1 
ATOM 839  C CG2 . VAL A 1 105 ? -3.850  0.999   7.066   1.00 64.32  ? 504 VAL A CG2 1 
ATOM 840  N N   . ILE A 1 106 ? -0.719  3.930   5.183   1.00 67.60  ? 505 ILE A N   1 
ATOM 841  C CA  . ILE A 1 106 ? -0.433  4.986   4.216   1.00 68.56  ? 505 ILE A CA  1 
ATOM 842  C C   . ILE A 1 106 ? -1.030  4.537   2.898   1.00 73.26  ? 505 ILE A C   1 
ATOM 843  O O   . ILE A 1 106 ? -0.703  3.444   2.420   1.00 68.40  ? 505 ILE A O   1 
ATOM 844  C CB  . ILE A 1 106 ? 1.070   5.235   4.052   1.00 64.55  ? 505 ILE A CB  1 
ATOM 845  C CG1 . ILE A 1 106 ? 1.762   5.227   5.404   1.00 68.01  ? 505 ILE A CG1 1 
ATOM 846  C CG2 . ILE A 1 106 ? 1.261   6.540   3.360   1.00 67.61  ? 505 ILE A CG2 1 
ATOM 847  C CD1 . ILE A 1 106 ? 3.244   5.089   5.304   1.00 68.33  ? 505 ILE A CD1 1 
ATOM 848  N N   . LEU A 1 107 ? -1.912  5.372   2.318   1.00 76.26  ? 506 LEU A N   1 
ATOM 849  C CA  . LEU A 1 107 ? -2.654  5.060   1.096   1.00 68.07  ? 506 LEU A CA  1 
ATOM 850  C C   . LEU A 1 107 ? -2.229  6.053   0.018   1.00 69.46  ? 506 LEU A C   1 
ATOM 851  O O   . LEU A 1 107 ? -2.636  7.221   0.057   1.00 70.01  ? 506 LEU A O   1 
ATOM 852  C CB  . LEU A 1 107 ? -4.160  5.118   1.345   1.00 65.11  ? 506 LEU A CB  1 
ATOM 853  C CG  . LEU A 1 107 ? -5.156  4.418   0.415   1.00 61.77  ? 506 LEU A CG  1 
ATOM 854  C CD1 . LEU A 1 107 ? -6.419  4.182   1.180   1.00 63.25  ? 506 LEU A CD1 1 
ATOM 855  C CD2 . LEU A 1 107 ? -5.477  5.239   -0.801  1.00 60.65  ? 506 LEU A CD2 1 
ATOM 856  N N   . ILE A 1 108 ? -1.416  5.582   -0.933  1.00 65.23  ? 507 ILE A N   1 
ATOM 857  C CA  . ILE A 1 108 ? -0.882  6.402   -2.021  1.00 67.05  ? 507 ILE A CA  1 
ATOM 858  C C   . ILE A 1 108 ? -1.886  6.421   -3.162  1.00 67.35  ? 507 ILE A C   1 
ATOM 859  O O   . ILE A 1 108 ? -2.052  5.423   -3.861  1.00 75.57  ? 507 ILE A O   1 
ATOM 860  C CB  . ILE A 1 108 ? 0.462   5.864   -2.522  1.00 67.40  ? 507 ILE A CB  1 
ATOM 861  C CG1 . ILE A 1 108 ? 1.557   5.987   -1.469  1.00 66.40  ? 507 ILE A CG1 1 
ATOM 862  C CG2 . ILE A 1 108 ? 0.847   6.542   -3.812  1.00 68.95  ? 507 ILE A CG2 1 
ATOM 863  C CD1 . ILE A 1 108 ? 2.793   5.214   -1.819  1.00 65.69  ? 507 ILE A CD1 1 
ATOM 864  N N   . GLU A 1 109 ? -2.529  7.552   -3.395  1.00 72.13  ? 508 GLU A N   1 
ATOM 865  C CA  . GLU A 1 109 ? -3.599  7.613   -4.387  1.00 81.14  ? 508 GLU A CA  1 
ATOM 866  C C   . GLU A 1 109 ? -2.999  8.044   -5.728  1.00 78.90  ? 508 GLU A C   1 
ATOM 867  O O   . GLU A 1 109 ? -2.553  9.183   -5.875  1.00 77.98  ? 508 GLU A O   1 
ATOM 868  C CB  . GLU A 1 109 ? -4.711  8.553   -3.909  1.00 85.75  ? 508 GLU A CB  1 
ATOM 869  C CG  . GLU A 1 109 ? -6.111  8.266   -4.520  1.00 92.37  ? 508 GLU A CG  1 
ATOM 870  C CD  . GLU A 1 109 ? -7.210  9.275   -4.095  1.00 104.10 ? 508 GLU A CD  1 
ATOM 871  O OE1 . GLU A 1 109 ? -7.346  10.321  -4.779  1.00 102.23 ? 508 GLU A OE1 1 
ATOM 872  O OE2 . GLU A 1 109 ? -7.951  9.008   -3.105  1.00 94.63  ? 508 GLU A OE2 1 
ATOM 873  N N   . CYS A 1 110 ? -2.981  7.133   -6.708  1.00 73.27  ? 509 CYS A N   1 
ATOM 874  C CA  . CYS A 1 110 ? -2.373  7.423   -8.000  1.00 76.79  ? 509 CYS A CA  1 
ATOM 875  C C   . CYS A 1 110 ? -3.355  7.798   -9.108  1.00 91.56  ? 509 CYS A C   1 
ATOM 876  O O   . CYS A 1 110 ? -2.902  8.131   -10.210 1.00 100.80 ? 509 CYS A O   1 
ATOM 877  C CB  . CYS A 1 110 ? -1.549  6.237   -8.504  1.00 72.85  ? 509 CYS A CB  1 
ATOM 878  S SG  . CYS A 1 110 ? -0.438  5.480   -7.327  1.00 87.53  ? 509 CYS A SG  1 
ATOM 879  N N   . THR A 1 111 ? -4.667  7.720   -8.896  1.00 85.17  ? 510 THR A N   1 
ATOM 880  C CA  . THR A 1 111 ? -5.610  8.046   -9.958  1.00 89.21  ? 510 THR A CA  1 
ATOM 881  C C   . THR A 1 111 ? -6.839  8.730   -9.386  1.00 96.76  ? 510 THR A C   1 
ATOM 882  O O   . THR A 1 111 ? -7.040  8.787   -8.169  1.00 96.78  ? 510 THR A O   1 
ATOM 883  C CB  . THR A 1 111 ? -6.040  6.809   -10.760 1.00 97.35  ? 510 THR A CB  1 
ATOM 884  O OG1 . THR A 1 111 ? -6.947  6.015   -9.985  1.00 94.97  ? 510 THR A OG1 1 
ATOM 885  C CG2 . THR A 1 111 ? -4.853  5.981   -11.167 1.00 97.87  ? 510 THR A CG2 1 
ATOM 886  N N   . GLU A 1 112 ? -7.658  9.263   -10.295 1.00 103.83 ? 511 GLU A N   1 
ATOM 887  C CA  . GLU A 1 112 ? -8.942  9.866   -9.957  1.00 112.27 ? 511 GLU A CA  1 
ATOM 888  C C   . GLU A 1 112 ? -9.995  8.771   -9.887  1.00 109.66 ? 511 GLU A C   1 
ATOM 889  O O   . GLU A 1 112 ? -10.161 8.012   -10.848 1.00 106.51 ? 511 GLU A O   1 
ATOM 890  C CB  . GLU A 1 112 ? -9.364  10.895  -11.010 1.00 118.13 ? 511 GLU A CB  1 
ATOM 891  C CG  . GLU A 1 112 ? -8.372  12.034  -11.271 1.00 123.91 ? 511 GLU A CG  1 
ATOM 892  C CD  . GLU A 1 112 ? -7.488  11.813  -12.512 1.00 126.28 ? 511 GLU A CD  1 
ATOM 893  O OE1 . GLU A 1 112 ? -7.324  10.651  -12.961 1.00 120.56 ? 511 GLU A OE1 1 
ATOM 894  O OE2 . GLU A 1 112 ? -6.970  12.817  -13.052 1.00 127.05 ? 511 GLU A OE2 1 
ATOM 895  N N   . LEU A 1 113 ? -10.719 8.707   -8.766  1.00 113.09 ? 512 LEU A N   1 
ATOM 896  C CA  . LEU A 1 113 ? -11.722 7.656   -8.570  1.00 114.31 ? 512 LEU A CA  1 
ATOM 897  C C   . LEU A 1 113 ? -12.954 7.960   -9.420  1.00 111.53 ? 512 LEU A C   1 
ATOM 898  O O   . LEU A 1 113 ? -13.986 8.431   -8.934  1.00 106.86 ? 512 LEU A O   1 
ATOM 899  C CB  . LEU A 1 113 ? -12.112 7.513   -7.106  1.00 110.67 ? 512 LEU A CB  1 
ATOM 900  C CG  . LEU A 1 113 ? -11.150 6.743   -6.203  1.00 102.73 ? 512 LEU A CG  1 
ATOM 901  C CD1 . LEU A 1 113 ? -10.930 5.337   -6.739  1.00 98.00  ? 512 LEU A CD1 1 
ATOM 902  C CD2 . LEU A 1 113 ? -9.845  7.504   -5.951  1.00 99.75  ? 512 LEU A CD2 1 
ATOM 903  N N   . LYS A 1 114 ? -12.806 7.718   -10.728 1.00 118.26 ? 513 LYS A N   1 
ATOM 904  C CA  . LYS A 1 114 ? -13.948 7.583   -11.627 1.00 116.89 ? 513 LYS A CA  1 
ATOM 905  C C   . LYS A 1 114 ? -14.629 6.258   -11.318 1.00 114.65 ? 513 LYS A C   1 
ATOM 906  O O   . LYS A 1 114 ? -13.999 5.195   -11.400 1.00 114.49 ? 513 LYS A O   1 
ATOM 907  C CB  . LYS A 1 114 ? -13.509 7.613   -13.092 1.00 112.53 ? 513 LYS A CB  1 
ATOM 908  C CG  . LYS A 1 114 ? -12.670 8.806   -13.516 1.00 117.20 ? 513 LYS A CG  1 
ATOM 909  C CD  . LYS A 1 114 ? -12.189 8.629   -14.960 1.00 121.73 ? 513 LYS A CD  1 
ATOM 910  C CE  . LYS A 1 114 ? -11.281 9.776   -15.408 1.00 127.97 ? 513 LYS A CE  1 
ATOM 911  N NZ  . LYS A 1 114 ? -9.955  9.835   -14.694 1.00 116.81 ? 513 LYS A NZ  1 
ATOM 912  N N   . GLY A 1 115 ? -15.903 6.311   -10.947 1.00 108.13 ? 514 GLY A N   1 
ATOM 913  C CA  . GLY A 1 115 ? -16.557 5.099   -10.498 1.00 102.29 ? 514 GLY A CA  1 
ATOM 914  C C   . GLY A 1 115 ? -17.505 5.386   -9.360  1.00 97.80  ? 514 GLY A C   1 
ATOM 915  O O   . GLY A 1 115 ? -17.105 5.578   -8.210  1.00 100.58 ? 514 GLY A O   1 
ATOM 916  N N   . LYS A 1 116 ? -18.780 5.430   -9.694  1.00 97.24  ? 515 LYS A N   1 
ATOM 917  C CA  . LYS A 1 116 ? -19.803 5.809   -8.735  1.00 99.46  ? 515 LYS A CA  1 
ATOM 918  C C   . LYS A 1 116 ? -19.871 4.782   -7.604  1.00 95.92  ? 515 LYS A C   1 
ATOM 919  O O   . LYS A 1 116 ? -19.733 5.130   -6.425  1.00 87.18  ? 515 LYS A O   1 
ATOM 920  C CB  . LYS A 1 116 ? -21.135 5.949   -9.487  1.00 112.55 ? 515 LYS A CB  1 
ATOM 921  C CG  . LYS A 1 116 ? -21.199 7.192   -10.432 1.00 115.92 ? 515 LYS A CG  1 
ATOM 922  C CD  . LYS A 1 116 ? -20.362 7.052   -11.751 1.00 110.69 ? 515 LYS A CD  1 
ATOM 923  C CE  . LYS A 1 116 ? -20.969 6.065   -12.755 1.00 114.02 ? 515 LYS A CE  1 
ATOM 924  N NZ  . LYS A 1 116 ? -20.395 6.235   -14.129 1.00 115.97 ? 515 LYS A NZ  1 
ATOM 925  N N   . VAL A 1 117 ? -20.060 3.505   -7.958  1.00 98.29  ? 516 VAL A N   1 
ATOM 926  C CA  . VAL A 1 117 ? -19.795 2.406   -7.029  1.00 92.04  ? 516 VAL A CA  1 
ATOM 927  C C   . VAL A 1 117 ? -18.377 2.509   -6.486  1.00 97.21  ? 516 VAL A C   1 
ATOM 928  O O   . VAL A 1 117 ? -18.159 2.538   -5.268  1.00 102.00 ? 516 VAL A O   1 
ATOM 929  C CB  . VAL A 1 117 ? -20.013 1.043   -7.711  1.00 91.68  ? 516 VAL A CB  1 
ATOM 930  C CG1 . VAL A 1 117 ? -19.441 -0.070  -6.841  1.00 88.78  ? 516 VAL A CG1 1 
ATOM 931  C CG2 . VAL A 1 117 ? -21.495 0.799   -7.985  1.00 90.68  ? 516 VAL A CG2 1 
ATOM 932  N N   . ASN A 1 118 ? -17.390 2.552   -7.391  1.00 96.20  ? 517 ASN A N   1 
ATOM 933  C CA  . ASN A 1 118 ? -15.992 2.525   -6.970  1.00 89.77  ? 517 ASN A CA  1 
ATOM 934  C C   . ASN A 1 118 ? -15.725 3.558   -5.887  1.00 88.99  ? 517 ASN A C   1 
ATOM 935  O O   . ASN A 1 118 ? -15.183 3.232   -4.827  1.00 92.50  ? 517 ASN A O   1 
ATOM 936  C CB  . ASN A 1 118 ? -15.063 2.744   -8.166  1.00 93.09  ? 517 ASN A CB  1 
ATOM 937  C CG  . ASN A 1 118 ? -14.873 1.483   -9.009  1.00 96.17  ? 517 ASN A CG  1 
ATOM 938  O OD1 . ASN A 1 118 ? -14.979 0.354   -8.509  1.00 82.75  ? 517 ASN A OD1 1 
ATOM 939  N ND2 . ASN A 1 118 ? -14.558 1.673   -10.287 1.00 99.28  ? 517 ASN A ND2 1 
ATOM 940  N N   . CYS A 1 119 ? -16.156 4.802   -6.111  1.00 93.00  ? 518 CYS A N   1 
ATOM 941  C CA  . CYS A 1 119 ? -15.832 5.871   -5.175  1.00 97.54  ? 518 CYS A CA  1 
ATOM 942  C C   . CYS A 1 119 ? -16.354 5.575   -3.766  1.00 95.21  ? 518 CYS A C   1 
ATOM 943  O O   . CYS A 1 119 ? -15.741 6.004   -2.776  1.00 91.89  ? 518 CYS A O   1 
ATOM 944  C CB  . CYS A 1 119 ? -16.381 7.197   -5.724  1.00 92.06  ? 518 CYS A CB  1 
ATOM 945  S SG  . CYS A 1 119 ? -16.101 8.658   -4.706  1.00 117.86 ? 518 CYS A SG  1 
ATOM 946  N N   . GLN A 1 120 ? -17.425 4.791   -3.656  1.00 87.04  ? 519 GLN A N   1 
ATOM 947  C CA  . GLN A 1 120 ? -18.093 4.535   -2.388  1.00 82.94  ? 519 GLN A CA  1 
ATOM 948  C C   . GLN A 1 120 ? -17.477 3.390   -1.598  1.00 82.85  ? 519 GLN A C   1 
ATOM 949  O O   . GLN A 1 120 ? -17.376 3.475   -0.368  1.00 82.44  ? 519 GLN A O   1 
ATOM 950  C CB  . GLN A 1 120 ? -19.556 4.224   -2.649  1.00 96.89  ? 519 GLN A CB  1 
ATOM 951  C CG  . GLN A 1 120 ? -20.294 5.392   -3.192  1.00 98.39  ? 519 GLN A CG  1 
ATOM 952  C CD  . GLN A 1 120 ? -21.033 6.117   -2.110  1.00 100.11 ? 519 GLN A CD  1 
ATOM 953  O OE1 . GLN A 1 120 ? -20.716 6.004   -0.921  1.00 94.42  ? 519 GLN A OE1 1 
ATOM 954  N NE2 . GLN A 1 120 ? -22.049 6.845   -2.509  1.00 102.70 ? 519 GLN A NE2 1 
ATOM 955  N N   . GLU A 1 121 ? -17.118 2.294   -2.266  1.00 82.31  ? 520 GLU A N   1 
ATOM 956  C CA  . GLU A 1 121 ? -16.374 1.236   -1.589  1.00 83.81  ? 520 GLU A CA  1 
ATOM 957  C C   . GLU A 1 121 ? -15.127 1.814   -0.923  1.00 86.82  ? 520 GLU A C   1 
ATOM 958  O O   . GLU A 1 121 ? -14.868 1.572   0.267   1.00 82.12  ? 520 GLU A O   1 
ATOM 959  C CB  . GLU A 1 121 ? -15.994 0.135   -2.586  1.00 82.70  ? 520 GLU A CB  1 
ATOM 960  C CG  . GLU A 1 121 ? -17.104 -0.844  -2.945  1.00 85.71  ? 520 GLU A CG  1 
ATOM 961  C CD  . GLU A 1 121 ? -16.849 -1.568  -4.270  1.00 83.04  ? 520 GLU A CD  1 
ATOM 962  O OE1 . GLU A 1 121 ? -15.835 -1.303  -4.935  1.00 82.47  ? 520 GLU A OE1 1 
ATOM 963  O OE2 . GLU A 1 121 ? -17.693 -2.385  -4.676  1.00 93.51  ? 520 GLU A OE2 1 
ATOM 964  N N   . VAL A 1 122 ? -14.367 2.618   -1.687  1.00 80.27  ? 521 VAL A N   1 
ATOM 965  C CA  . VAL A 1 122 ? -13.143 3.237   -1.200  1.00 72.84  ? 521 VAL A CA  1 
ATOM 966  C C   . VAL A 1 122 ? -13.401 4.016   0.088   1.00 78.38  ? 521 VAL A C   1 
ATOM 967  O O   . VAL A 1 122 ? -12.638 3.907   1.057   1.00 75.51  ? 521 VAL A O   1 
ATOM 968  C CB  . VAL A 1 122 ? -12.541 4.121   -2.307  1.00 81.79  ? 521 VAL A CB  1 
ATOM 969  C CG1 . VAL A 1 122 ? -11.296 4.886   -1.806  1.00 75.21  ? 521 VAL A CG1 1 
ATOM 970  C CG2 . VAL A 1 122 ? -12.212 3.279   -3.534  1.00 77.08  ? 521 VAL A CG2 1 
ATOM 971  N N   . GLU A 1 123 ? -14.492 4.788   0.147   1.00 81.98  ? 522 GLU A N   1 
ATOM 972  C CA  . GLU A 1 123 ? -14.768 5.515   1.388   1.00 85.39  ? 522 GLU A CA  1 
ATOM 973  C C   . GLU A 1 123 ? -15.088 4.581   2.551   1.00 78.79  ? 522 GLU A C   1 
ATOM 974  O O   . GLU A 1 123 ? -14.778 4.909   3.698   1.00 81.43  ? 522 GLU A O   1 
ATOM 975  C CB  . GLU A 1 123 ? -15.886 6.558   1.206   1.00 86.65  ? 522 GLU A CB  1 
ATOM 976  C CG  . GLU A 1 123 ? -15.480 7.792   0.357   1.00 95.23  ? 522 GLU A CG  1 
ATOM 977  C CD  . GLU A 1 123 ? -14.310 8.633   0.975   1.00 105.99 ? 522 GLU A CD  1 
ATOM 978  O OE1 . GLU A 1 123 ? -13.385 9.051   0.203   1.00 99.39  ? 522 GLU A OE1 1 
ATOM 979  O OE2 . GLU A 1 123 ? -14.297 8.887   2.216   1.00 101.45 ? 522 GLU A OE2 1 
ATOM 980  N N   . SER A 1 124 ? -15.674 3.415   2.298   1.00 75.51  ? 523 SER A N   1 
ATOM 981  C CA  . SER A 1 124 ? -15.796 2.508   3.428   1.00 82.44  ? 523 SER A CA  1 
ATOM 982  C C   . SER A 1 124 ? -14.450 1.898   3.793   1.00 81.36  ? 523 SER A C   1 
ATOM 983  O O   . SER A 1 124 ? -14.242 1.516   4.951   1.00 84.59  ? 523 SER A O   1 
ATOM 984  C CB  . SER A 1 124 ? -16.858 1.442   3.170   1.00 87.27  ? 523 SER A CB  1 
ATOM 985  O OG  . SER A 1 124 ? -18.143 1.972   3.468   1.00 85.85  ? 523 SER A OG  1 
ATOM 986  N N   . LEU A 1 125 ? -13.514 1.823   2.851   1.00 80.84  ? 524 LEU A N   1 
ATOM 987  C CA  . LEU A 1 125 ? -12.148 1.494   3.242   1.00 74.13  ? 524 LEU A CA  1 
ATOM 988  C C   . LEU A 1 125 ? -11.609 2.558   4.169   1.00 72.30  ? 524 LEU A C   1 
ATOM 989  O O   . LEU A 1 125 ? -11.148 2.268   5.281   1.00 74.28  ? 524 LEU A O   1 
ATOM 990  C CB  . LEU A 1 125 ? -11.259 1.368   2.012   1.00 70.55  ? 524 LEU A CB  1 
ATOM 991  C CG  . LEU A 1 125 ? -9.994  0.522   2.122   1.00 66.99  ? 524 LEU A CG  1 
ATOM 992  C CD1 . LEU A 1 125 ? -10.233 -0.774  2.888   1.00 70.59  ? 524 LEU A CD1 1 
ATOM 993  C CD2 . LEU A 1 125 ? -9.575  0.223   0.728   1.00 63.00  ? 524 LEU A CD2 1 
ATOM 994  N N   . LYS A 1 126 ? -11.698 3.811   3.735   1.00 70.09  ? 525 LYS A N   1 
ATOM 995  C CA  . LYS A 1 126 ? -11.194 4.915   4.536   1.00 76.90  ? 525 LYS A CA  1 
ATOM 996  C C   . LYS A 1 126 ? -11.900 4.975   5.889   1.00 78.62  ? 525 LYS A C   1 
ATOM 997  O O   . LYS A 1 126 ? -11.247 5.043   6.938   1.00 82.05  ? 525 LYS A O   1 
ATOM 998  C CB  . LYS A 1 126 ? -11.350 6.215   3.746   1.00 80.64  ? 525 LYS A CB  1 
ATOM 999  C CG  . LYS A 1 126 ? -10.589 6.209   2.407   1.00 72.09  ? 525 LYS A CG  1 
ATOM 1000 C CD  . LYS A 1 126 ? -10.338 7.621   1.920   1.00 75.40  ? 525 LYS A CD  1 
ATOM 1001 C CE  . LYS A 1 126 ? -10.448 7.764   0.413   1.00 78.92  ? 525 LYS A CE  1 
ATOM 1002 N NZ  . LYS A 1 126 ? -10.589 9.198   0.006   1.00 84.25  ? 525 LYS A NZ  1 
ATOM 1003 N N   . ARG A 1 127 ? -13.236 4.947   5.875   1.00 79.12  ? 526 ARG A N   1 
ATOM 1004 C CA  . ARG A 1 127 ? -14.053 4.700   7.059   1.00 76.08  ? 526 ARG A CA  1 
ATOM 1005 C C   . ARG A 1 127 ? -13.394 3.680   7.977   1.00 80.01  ? 526 ARG A C   1 
ATOM 1006 O O   . ARG A 1 127 ? -12.971 4.011   9.089   1.00 91.20  ? 526 ARG A O   1 
ATOM 1007 C CB  . ARG A 1 127 ? -15.439 4.203   6.612   1.00 92.22  ? 526 ARG A CB  1 
ATOM 1008 C CG  . ARG A 1 127 ? -16.667 4.448   7.546   1.00 105.11 ? 526 ARG A CG  1 
ATOM 1009 C CD  . ARG A 1 127 ? -17.159 3.170   8.283   1.00 103.75 ? 526 ARG A CD  1 
ATOM 1010 N NE  . ARG A 1 127 ? -17.321 2.012   7.397   1.00 102.54 ? 526 ARG A NE  1 
ATOM 1011 C CZ  . ARG A 1 127 ? -17.490 0.759   7.820   1.00 105.56 ? 526 ARG A CZ  1 
ATOM 1012 N NH1 . ARG A 1 127 ? -17.527 0.486   9.123   1.00 102.74 ? 526 ARG A NH1 1 
ATOM 1013 N NH2 . ARG A 1 127 ? -17.610 -0.224  6.936   1.00 101.88 ? 526 ARG A NH2 1 
ATOM 1014 N N   . SER A 1 128 ? -13.224 2.452   7.482   1.00 79.89  ? 527 SER A N   1 
ATOM 1015 C CA  . SER A 1 128 ? -12.853 1.298   8.301   1.00 81.52  ? 527 SER A CA  1 
ATOM 1016 C C   . SER A 1 128 ? -11.406 1.295   8.789   1.00 78.98  ? 527 SER A C   1 
ATOM 1017 O O   . SER A 1 128 ? -11.081 0.441   9.625   1.00 76.05  ? 527 SER A O   1 
ATOM 1018 C CB  . SER A 1 128 ? -13.103 -0.006  7.532   1.00 88.85  ? 527 SER A CB  1 
ATOM 1019 O OG  . SER A 1 128 ? -12.210 -0.137  6.429   1.00 83.53  ? 527 SER A OG  1 
ATOM 1020 N N   . ILE A 1 129 ? -10.532 2.185   8.298   1.00 78.60  ? 528 ILE A N   1 
ATOM 1021 C CA  . ILE A 1 129 ? -9.163  2.300   8.824   1.00 82.30  ? 528 ILE A CA  1 
ATOM 1022 C C   . ILE A 1 129 ? -9.121  3.395   9.889   1.00 78.20  ? 528 ILE A C   1 
ATOM 1023 O O   . ILE A 1 129 ? -9.424  4.563   9.611   1.00 79.32  ? 528 ILE A O   1 
ATOM 1024 C CB  . ILE A 1 129 ? -8.141  2.589   7.707   1.00 80.30  ? 528 ILE A CB  1 
ATOM 1025 C CG1 . ILE A 1 129 ? -7.891  1.357   6.832   1.00 76.53  ? 528 ILE A CG1 1 
ATOM 1026 C CG2 . ILE A 1 129 ? -6.818  3.076   8.289   1.00 72.54  ? 528 ILE A CG2 1 
ATOM 1027 C CD1 . ILE A 1 129 ? -7.704  1.705   5.358   1.00 68.23  ? 528 ILE A CD1 1 
ATOM 1028 N N   . LYS A 1 130 ? -8.719  3.029   11.105  1.00 74.76  ? 529 LYS A N   1 
ATOM 1029 C CA  . LYS A 1 130 ? -8.669  4.019   12.174  1.00 76.81  ? 529 LYS A CA  1 
ATOM 1030 C C   . LYS A 1 130 ? -7.612  5.085   11.916  1.00 80.52  ? 529 LYS A C   1 
ATOM 1031 O O   . LYS A 1 130 ? -7.881  6.284   12.050  1.00 80.90  ? 529 LYS A O   1 
ATOM 1032 C CB  . LYS A 1 130 ? -8.423  3.344   13.515  1.00 83.91  ? 529 LYS A CB  1 
ATOM 1033 C CG  . LYS A 1 130 ? -8.483  4.329   14.670  1.00 87.93  ? 529 LYS A CG  1 
ATOM 1034 C CD  . LYS A 1 130 ? -8.445  3.638   16.026  1.00 94.82  ? 529 LYS A CD  1 
ATOM 1035 C CE  . LYS A 1 130 ? -8.639  4.621   17.182  1.00 101.11 ? 529 LYS A CE  1 
ATOM 1036 N NZ  . LYS A 1 130 ? -7.450  5.507   17.394  1.00 99.13  ? 529 LYS A NZ  1 
ATOM 1037 N N   . LEU A 1 131 ? -6.396  4.676   11.560  1.00 83.61  ? 530 LEU A N   1 
ATOM 1038 C CA  . LEU A 1 131 ? -5.282  5.613   11.417  1.00 77.16  ? 530 LEU A CA  1 
ATOM 1039 C C   . LEU A 1 131 ? -4.843  5.680   9.949   1.00 73.73  ? 530 LEU A C   1 
ATOM 1040 O O   . LEU A 1 131 ? -4.054  4.849   9.496   1.00 72.17  ? 530 LEU A O   1 
ATOM 1041 C CB  . LEU A 1 131 ? -4.138  5.190   12.335  1.00 73.18  ? 530 LEU A CB  1 
ATOM 1042 C CG  . LEU A 1 131 ? -3.206  6.342   12.702  1.00 88.79  ? 530 LEU A CG  1 
ATOM 1043 C CD1 . LEU A 1 131 ? -3.939  7.401   13.531  1.00 91.26  ? 530 LEU A CD1 1 
ATOM 1044 C CD2 . LEU A 1 131 ? -1.940  5.859   13.406  1.00 91.13  ? 530 LEU A CD2 1 
ATOM 1045 N N   . LEU A 1 132 ? -5.326  6.681   9.207   1.00 71.08  ? 531 LEU A N   1 
ATOM 1046 C CA  . LEU A 1 132 ? -5.107  6.751   7.761   1.00 75.56  ? 531 LEU A CA  1 
ATOM 1047 C C   . LEU A 1 132 ? -4.384  8.029   7.344   1.00 79.76  ? 531 LEU A C   1 
ATOM 1048 O O   . LEU A 1 132 ? -4.753  9.128   7.770   1.00 79.19  ? 531 LEU A O   1 
ATOM 1049 C CB  . LEU A 1 132 ? -6.427  6.665   6.986   1.00 77.01  ? 531 LEU A CB  1 
ATOM 1050 C CG  . LEU A 1 132 ? -6.298  6.772   5.460   1.00 70.84  ? 531 LEU A CG  1 
ATOM 1051 C CD1 . LEU A 1 132 ? -5.965  5.432   4.813   1.00 69.71  ? 531 LEU A CD1 1 
ATOM 1052 C CD2 . LEU A 1 132 ? -7.551  7.348   4.859   1.00 79.89  ? 531 LEU A CD2 1 
ATOM 1053 N N   . SER A 1 133 ? -3.379  7.880   6.475   1.00 78.81  ? 532 SER A N   1 
ATOM 1054 C CA  . SER A 1 133 ? -2.763  8.987   5.751   1.00 77.99  ? 532 SER A CA  1 
ATOM 1055 C C   . SER A 1 133 ? -3.044  8.823   4.262   1.00 76.96  ? 532 SER A C   1 
ATOM 1056 O O   . SER A 1 133 ? -2.836  7.742   3.699   1.00 73.83  ? 532 SER A O   1 
ATOM 1057 C CB  . SER A 1 133 ? -1.257  9.036   5.985   1.00 80.88  ? 532 SER A CB  1 
ATOM 1058 O OG  . SER A 1 133 ? -0.976  9.240   7.357   1.00 88.43  ? 532 SER A OG  1 
ATOM 1059 N N   . LEU A 1 134 ? -3.498  9.890   3.620   1.00 75.10  ? 533 LEU A N   1 
ATOM 1060 C CA  . LEU A 1 134 ? -3.823  9.857   2.202   1.00 72.31  ? 533 LEU A CA  1 
ATOM 1061 C C   . LEU A 1 134 ? -2.849  10.767  1.467   1.00 81.20  ? 533 LEU A C   1 
ATOM 1062 O O   . LEU A 1 134 ? -2.930  11.992  1.598   1.00 92.32  ? 533 LEU A O   1 
ATOM 1063 C CB  . LEU A 1 134 ? -5.262  10.299  1.982   1.00 78.08  ? 533 LEU A CB  1 
ATOM 1064 C CG  . LEU A 1 134 ? -5.909  9.850   0.676   1.00 93.61  ? 533 LEU A CG  1 
ATOM 1065 C CD1 . LEU A 1 134 ? -7.413  9.688   0.908   1.00 95.76  ? 533 LEU A CD1 1 
ATOM 1066 C CD2 . LEU A 1 134 ? -5.614  10.786  -0.520  1.00 92.04  ? 533 LEU A CD2 1 
ATOM 1067 N N   . ILE A 1 135 ? -1.935  10.177  0.697   1.00 79.38  ? 534 ILE A N   1 
ATOM 1068 C CA  . ILE A 1 135 ? -0.903  10.909  -0.034  1.00 76.26  ? 534 ILE A CA  1 
ATOM 1069 C C   . ILE A 1 135 ? -1.198  10.777  -1.520  1.00 75.82  ? 534 ILE A C   1 
ATOM 1070 O O   . ILE A 1 135 ? -1.435  9.666   -2.011  1.00 77.69  ? 534 ILE A O   1 
ATOM 1071 C CB  . ILE A 1 135 ? 0.497   10.365  0.287   1.00 82.36  ? 534 ILE A CB  1 
ATOM 1072 C CG1 . ILE A 1 135 ? 0.797   10.501  1.764   1.00 82.42  ? 534 ILE A CG1 1 
ATOM 1073 C CG2 . ILE A 1 135 ? 1.570   11.131  -0.468  1.00 80.18  ? 534 ILE A CG2 1 
ATOM 1074 C CD1 . ILE A 1 135 ? 2.202   10.197  2.051   1.00 82.11  ? 534 ILE A CD1 1 
ATOM 1075 N N   . LYS A 1 136 ? -1.154  11.898  -2.237  1.00 80.96  ? 535 LYS A N   1 
ATOM 1076 C CA  . LYS A 1 136 ? -1.579  11.985  -3.635  1.00 84.31  ? 535 LYS A CA  1 
ATOM 1077 C C   . LYS A 1 136 ? -0.370  11.991  -4.574  1.00 85.74  ? 535 LYS A C   1 
ATOM 1078 O O   . LYS A 1 136 ? 0.574   12.762  -4.370  1.00 87.98  ? 535 LYS A O   1 
ATOM 1079 C CB  . LYS A 1 136 ? -2.466  13.229  -3.808  1.00 86.29  ? 535 LYS A CB  1 
ATOM 1080 C CG  . LYS A 1 136 ? -3.857  13.074  -3.131  1.00 96.80  ? 535 LYS A CG  1 
ATOM 1081 C CD  . LYS A 1 136 ? -4.766  14.334  -3.076  1.00 104.55 ? 535 LYS A CD  1 
ATOM 1082 C CE  . LYS A 1 136 ? -4.416  15.278  -1.895  1.00 114.16 ? 535 LYS A CE  1 
ATOM 1083 N NZ  . LYS A 1 136 ? -4.809  14.649  -0.560  1.00 111.57 ? 535 LYS A NZ  1 
ATOM 1084 N N   . TRP A 1 137 ? -0.381  11.089  -5.569  1.00 85.39  ? 536 TRP A N   1 
ATOM 1085 C CA  . TRP A 1 137 ? 0.685   10.950  -6.566  1.00 82.61  ? 536 TRP A CA  1 
ATOM 1086 C C   . TRP A 1 137 ? 0.273   11.662  -7.842  1.00 87.16  ? 536 TRP A C   1 
ATOM 1087 O O   . TRP A 1 137 ? -0.718  11.281  -8.473  1.00 86.25  ? 536 TRP A O   1 
ATOM 1088 C CB  . TRP A 1 137 ? 0.977   9.484   -6.884  1.00 81.29  ? 536 TRP A CB  1 
ATOM 1089 C CG  . TRP A 1 137 ? 2.184   9.250   -7.772  1.00 85.31  ? 536 TRP A CG  1 
ATOM 1090 C CD1 . TRP A 1 137 ? 3.498   9.270   -7.392  1.00 92.57  ? 536 TRP A CD1 1 
ATOM 1091 C CD2 . TRP A 1 137 ? 2.183   8.958   -9.178  1.00 87.31  ? 536 TRP A CD2 1 
ATOM 1092 N NE1 . TRP A 1 137 ? 4.316   9.005   -8.472  1.00 95.16  ? 536 TRP A NE1 1 
ATOM 1093 C CE2 . TRP A 1 137 ? 3.533   8.809   -9.578  1.00 92.17  ? 536 TRP A CE2 1 
ATOM 1094 C CE3 . TRP A 1 137 ? 1.180   8.800   -10.133 1.00 87.47  ? 536 TRP A CE3 1 
ATOM 1095 C CZ2 . TRP A 1 137 ? 3.896   8.516   -10.889 1.00 94.52  ? 536 TRP A CZ2 1 
ATOM 1096 C CZ3 . TRP A 1 137 ? 1.543   8.502   -11.433 1.00 93.87  ? 536 TRP A CZ3 1 
ATOM 1097 C CH2 . TRP A 1 137 ? 2.891   8.374   -11.802 1.00 100.92 ? 536 TRP A CH2 1 
ATOM 1098 N N   . LYS A 1 138 ? 1.052   12.661  -8.242  1.00 91.64  ? 537 LYS A N   1 
ATOM 1099 C CA  . LYS A 1 138 ? 0.644   13.564  -9.305  1.00 94.50  ? 537 LYS A CA  1 
ATOM 1100 C C   . LYS A 1 138 ? 1.365   13.293  -10.628 1.00 94.19  ? 537 LYS A C   1 
ATOM 1101 O O   . LYS A 1 138 ? 1.429   14.185  -11.481 1.00 102.18 ? 537 LYS A O   1 
ATOM 1102 C CB  . LYS A 1 138 ? 0.841   15.012  -8.839  1.00 91.22  ? 537 LYS A CB  1 
ATOM 1103 C CG  . LYS A 1 138 ? -0.175  15.445  -7.751  1.00 91.37  ? 537 LYS A CG  1 
ATOM 1104 C CD  . LYS A 1 138 ? 0.351   16.546  -6.818  1.00 107.16 ? 537 LYS A CD  1 
ATOM 1105 C CE  . LYS A 1 138 ? -0.777  17.208  -6.013  1.00 102.59 ? 537 LYS A CE  1 
ATOM 1106 N NZ  . LYS A 1 138 ? -0.330  17.636  -4.647  1.00 99.09  ? 537 LYS A NZ  1 
ATOM 1107 N N   . GLY A 1 139 ? 1.888   12.082  -10.833 1.00 87.83  ? 538 GLY A N   1 
ATOM 1108 C CA  . GLY A 1 139 ? 2.566   11.781  -12.088 1.00 97.93  ? 538 GLY A CA  1 
ATOM 1109 C C   . GLY A 1 139 ? 4.081   11.701  -12.003 1.00 99.96  ? 538 GLY A C   1 
ATOM 1110 O O   . GLY A 1 139 ? 4.610   11.397  -10.930 1.00 99.33  ? 538 GLY A O   1 
ATOM 1111 N N   . SER A 1 140 ? 4.793   11.933  -13.120 1.00 101.49 ? 539 SER A N   1 
ATOM 1112 C CA  . SER A 1 140 ? 6.250   12.084  -13.072 1.00 106.63 ? 539 SER A CA  1 
ATOM 1113 C C   . SER A 1 140 ? 6.646   13.220  -12.143 1.00 104.81 ? 539 SER A C   1 
ATOM 1114 O O   . SER A 1 140 ? 7.763   13.217  -11.596 1.00 98.60  ? 539 SER A O   1 
ATOM 1115 C CB  . SER A 1 140 ? 6.818   12.376  -14.475 1.00 103.74 ? 539 SER A CB  1 
ATOM 1116 O OG  . SER A 1 140 ? 6.155   13.487  -15.076 1.00 102.05 ? 539 SER A OG  1 
ATOM 1117 N N   . LYS A 1 141 ? 5.716   14.170  -11.957 1.00 109.60 ? 540 LYS A N   1 
ATOM 1118 C CA  . LYS A 1 141 ? 5.959   15.391  -11.198 1.00 101.89 ? 540 LYS A CA  1 
ATOM 1119 C C   . LYS A 1 141 ? 6.316   15.045  -9.755  1.00 99.63  ? 540 LYS A C   1 
ATOM 1120 O O   . LYS A 1 141 ? 7.356   15.469  -9.242  1.00 99.22  ? 540 LYS A O   1 
ATOM 1121 C CB  . LYS A 1 141 ? 4.696   16.250  -11.297 1.00 110.67 ? 540 LYS A CB  1 
ATOM 1122 C CG  . LYS A 1 141 ? 4.495   16.987  -12.637 1.00 119.37 ? 540 LYS A CG  1 
ATOM 1123 C CD  . LYS A 1 141 ? 4.224   16.168  -13.942 1.00 111.73 ? 540 LYS A CD  1 
ATOM 1124 C CE  . LYS A 1 141 ? 2.831   15.474  -14.046 1.00 98.02  ? 540 LYS A CE  1 
ATOM 1125 N NZ  . LYS A 1 141 ? 2.487   14.853  -15.380 1.00 111.75 ? 540 LYS A NZ  1 
ATOM 1126 N N   . SER A 1 142 ? 5.526   14.156  -9.132  1.00 101.73 ? 541 SER A N   1 
ATOM 1127 C CA  . SER A 1 142 ? 5.839   13.620  -7.809  1.00 93.03  ? 541 SER A CA  1 
ATOM 1128 C C   . SER A 1 142 ? 6.947   12.576  -7.860  1.00 88.88  ? 541 SER A C   1 
ATOM 1129 O O   . SER A 1 142 ? 7.718   12.436  -6.899  1.00 85.75  ? 541 SER A O   1 
ATOM 1130 C CB  . SER A 1 142 ? 4.577   13.009  -7.186  1.00 84.27  ? 541 SER A CB  1 
ATOM 1131 O OG  . SER A 1 142 ? 3.657   14.027  -6.806  1.00 86.74  ? 541 SER A OG  1 
ATOM 1132 N N   . SER A 1 143 ? 7.016   11.808  -8.947  1.00 94.15  ? 542 SER A N   1 
ATOM 1133 C CA  . SER A 1 143 ? 8.047   10.791  -9.015  1.00 95.34  ? 542 SER A CA  1 
ATOM 1134 C C   . SER A 1 143 ? 9.408   11.418  -9.007  1.00 102.02 ? 542 SER A C   1 
ATOM 1135 O O   . SER A 1 143 ? 10.337  10.819  -8.474  1.00 104.56 ? 542 SER A O   1 
ATOM 1136 C CB  . SER A 1 143 ? 7.873   9.894   -10.233 1.00 96.29  ? 542 SER A CB  1 
ATOM 1137 O OG  . SER A 1 143 ? 6.620   9.211   -10.199 1.00 101.02 ? 542 SER A OG  1 
ATOM 1138 N N   . LYS A 1 144 ? 9.538   12.626  -9.543  1.00 106.37 ? 543 LYS A N   1 
ATOM 1139 C CA  . LYS A 1 144 ? 10.812  13.320  -9.488  1.00 105.97 ? 543 LYS A CA  1 
ATOM 1140 C C   . LYS A 1 144 ? 11.273  13.414  -8.042  1.00 105.87 ? 543 LYS A C   1 
ATOM 1141 O O   . LYS A 1 144 ? 10.626  14.053  -7.197  1.00 103.59 ? 543 LYS A O   1 
ATOM 1142 C CB  . LYS A 1 144 ? 10.730  14.715  -10.089 1.00 106.28 ? 543 LYS A CB  1 
ATOM 1143 C CG  . LYS A 1 144 ? 12.066  15.506  -10.056 1.00 115.32 ? 543 LYS A CG  1 
ATOM 1144 C CD  . LYS A 1 144 ? 13.148  14.947  -10.864 1.00 117.19 ? 543 LYS A CD  1 
ATOM 1145 C CE  . LYS A 1 144 ? 14.354  15.804  -11.178 1.00 116.57 ? 543 LYS A CE  1 
ATOM 1146 N NZ  . LYS A 1 144 ? 15.185  16.378  -10.138 1.00 125.27 ? 543 LYS A NZ  1 
ATOM 1147 N N   . LEU A 1 145 ? 12.406  12.776  -7.768  1.00 110.25 ? 544 LEU A N   1 
ATOM 1148 C CA  . LEU A 1 145 ? 12.982  12.746  -6.435  1.00 104.02 ? 544 LEU A CA  1 
ATOM 1149 C C   . LEU A 1 145 ? 13.222  14.148  -5.895  1.00 101.41 ? 544 LEU A C   1 
ATOM 1150 O O   . LEU A 1 145 ? 13.260  15.142  -6.634  1.00 102.97 ? 544 LEU A O   1 
ATOM 1151 C CB  . LEU A 1 145 ? 14.253  11.894  -6.430  1.00 100.30 ? 544 LEU A CB  1 
ATOM 1152 C CG  . LEU A 1 145 ? 15.423  12.261  -7.325  1.00 115.50 ? 544 LEU A CG  1 
ATOM 1153 C CD1 . LEU A 1 145 ? 16.742  11.655  -6.834  1.00 111.40 ? 544 LEU A CD1 1 
ATOM 1154 C CD2 . LEU A 1 145 ? 15.122  11.708  -8.739  1.00 104.26 ? 544 LEU A CD2 1 
ATOM 1155 N N   . ASN A 1 146 ? 13.348  14.210  -4.568  1.00 104.01 ? 545 ASN A N   1 
ATOM 1156 C CA  . ASN A 1 146 ? 13.221  15.454  -3.804  1.00 107.23 ? 545 ASN A CA  1 
ATOM 1157 C C   . ASN A 1 146 ? 11.938  16.193  -4.171  1.00 100.52 ? 545 ASN A C   1 
ATOM 1158 O O   . ASN A 1 146 ? 11.937  17.384  -4.485  1.00 105.17 ? 545 ASN A O   1 
ATOM 1159 C CB  . ASN A 1 146 ? 14.435  16.369  -3.993  1.00 114.07 ? 545 ASN A CB  1 
ATOM 1160 C CG  . ASN A 1 146 ? 15.628  15.929  -3.177  1.00 122.09 ? 545 ASN A CG  1 
ATOM 1161 O OD1 . ASN A 1 146 ? 15.815  14.735  -2.911  1.00 123.86 ? 545 ASN A OD1 1 
ATOM 1162 N ND2 . ASN A 1 146 ? 16.444  16.896  -2.759  1.00 127.81 ? 545 ASN A ND2 1 
ATOM 1163 N N   . SER A 1 147 ? 10.832  15.483  -4.153  1.00 96.97  ? 546 SER A N   1 
ATOM 1164 C CA  . SER A 1 147 ? 9.594   16.170  -4.445  1.00 98.91  ? 546 SER A CA  1 
ATOM 1165 C C   . SER A 1 147 ? 8.816   16.451  -3.172  1.00 94.57  ? 546 SER A C   1 
ATOM 1166 O O   . SER A 1 147 ? 9.221   16.141  -2.044  1.00 93.78  ? 546 SER A O   1 
ATOM 1167 C CB  . SER A 1 147 ? 8.723   15.386  -5.426  1.00 94.98  ? 546 SER A CB  1 
ATOM 1168 O OG  . SER A 1 147 ? 8.260   14.208  -4.812  1.00 95.03  ? 546 SER A OG  1 
ATOM 1169 N N   . LYS A 1 148 ? 7.675   17.083  -3.405  1.00 91.02  ? 547 LYS A N   1 
ATOM 1170 C CA  . LYS A 1 148 ? 6.650   17.353  -2.418  1.00 81.91  ? 547 LYS A CA  1 
ATOM 1171 C C   . LYS A 1 148 ? 5.911   16.078  -2.007  1.00 84.97  ? 547 LYS A C   1 
ATOM 1172 O O   . LYS A 1 148 ? 5.504   15.938  -0.848  1.00 86.54  ? 547 LYS A O   1 
ATOM 1173 C CB  . LYS A 1 148 ? 5.785   18.465  -3.033  1.00 82.44  ? 547 LYS A CB  1 
ATOM 1174 C CG  . LYS A 1 148 ? 5.420   18.139  -4.526  1.00 92.47  ? 547 LYS A CG  1 
ATOM 1175 C CD  . LYS A 1 148 ? 4.688   19.291  -5.201  1.00 101.28 ? 547 LYS A CD  1 
ATOM 1176 C CE  . LYS A 1 148 ? 4.357   19.131  -6.689  1.00 114.52 ? 547 LYS A CE  1 
ATOM 1177 N NZ  . LYS A 1 148 ? 5.524   19.184  -7.582  1.00 109.35 ? 547 LYS A NZ  1 
ATOM 1178 N N   . PHE A 1 149 ? 5.779   15.114  -2.913  1.00 83.11  ? 548 PHE A N   1 
ATOM 1179 C CA  . PHE A 1 149 ? 5.204   13.823  -2.550  1.00 78.55  ? 548 PHE A CA  1 
ATOM 1180 C C   . PHE A 1 149 ? 6.180   13.005  -1.709  1.00 75.33  ? 548 PHE A C   1 
ATOM 1181 O O   . PHE A 1 149 ? 5.799   12.389  -0.711  1.00 77.62  ? 548 PHE A O   1 
ATOM 1182 C CB  . PHE A 1 149 ? 4.808   13.098  -3.838  1.00 81.04  ? 548 PHE A CB  1 
ATOM 1183 C CG  . PHE A 1 149 ? 4.643   11.619  -3.702  1.00 81.90  ? 548 PHE A CG  1 
ATOM 1184 C CD1 . PHE A 1 149 ? 3.441   11.071  -3.328  1.00 73.88  ? 548 PHE A CD1 1 
ATOM 1185 C CD2 . PHE A 1 149 ? 5.721   10.773  -3.909  1.00 84.84  ? 548 PHE A CD2 1 
ATOM 1186 C CE1 . PHE A 1 149 ? 3.318   9.707   -3.187  1.00 75.49  ? 548 PHE A CE1 1 
ATOM 1187 C CE2 . PHE A 1 149 ? 5.581   9.408   -3.761  1.00 83.56  ? 548 PHE A CE2 1 
ATOM 1188 C CZ  . PHE A 1 149 ? 4.380   8.878   -3.409  1.00 66.55  ? 548 PHE A CZ  1 
ATOM 1189 N N   . TRP A 1 150 ? 7.447   13.011  -2.073  1.00 78.15  ? 549 TRP A N   1 
ATOM 1190 C CA  . TRP A 1 150 ? 8.392   12.136  -1.395  1.00 84.17  ? 549 TRP A CA  1 
ATOM 1191 C C   . TRP A 1 150 ? 8.605   12.545  0.062   1.00 86.56  ? 549 TRP A C   1 
ATOM 1192 O O   . TRP A 1 150 ? 8.744   11.680  0.938   1.00 84.28  ? 549 TRP A O   1 
ATOM 1193 C CB  . TRP A 1 150 ? 9.703   12.108  -2.179  1.00 87.24  ? 549 TRP A CB  1 
ATOM 1194 C CG  . TRP A 1 150 ? 9.613   11.153  -3.316  1.00 89.27  ? 549 TRP A CG  1 
ATOM 1195 C CD1 . TRP A 1 150 ? 9.552   11.451  -4.649  1.00 94.21  ? 549 TRP A CD1 1 
ATOM 1196 C CD2 . TRP A 1 150 ? 9.535   9.735   -3.219  1.00 81.43  ? 549 TRP A CD2 1 
ATOM 1197 N NE1 . TRP A 1 150 ? 9.446   10.294  -5.386  1.00 89.93  ? 549 TRP A NE1 1 
ATOM 1198 C CE2 . TRP A 1 150 ? 9.443   9.229   -4.525  1.00 79.44  ? 549 TRP A CE2 1 
ATOM 1199 C CE3 . TRP A 1 150 ? 9.547   8.842   -2.149  1.00 80.76  ? 549 TRP A CE3 1 
ATOM 1200 C CZ2 . TRP A 1 150 ? 9.368   7.876   -4.788  1.00 80.54  ? 549 TRP A CZ2 1 
ATOM 1201 C CZ3 . TRP A 1 150 ? 9.461   7.493   -2.412  1.00 84.85  ? 549 TRP A CZ3 1 
ATOM 1202 C CH2 . TRP A 1 150 ? 9.362   7.024   -3.719  1.00 82.92  ? 549 TRP A CH2 1 
ATOM 1203 N N   . LYS A 1 151 ? 8.633   13.851  0.350   1.00 89.54  ? 550 LYS A N   1 
ATOM 1204 C CA  . LYS A 1 151 ? 8.730   14.274  1.745   1.00 87.70  ? 550 LYS A CA  1 
ATOM 1205 C C   . LYS A 1 151 ? 7.462   13.920  2.497   1.00 89.64  ? 550 LYS A C   1 
ATOM 1206 O O   . LYS A 1 151 ? 7.509   13.359  3.594   1.00 96.03  ? 550 LYS A O   1 
ATOM 1207 C CB  . LYS A 1 151 ? 8.991   15.772  1.858   1.00 86.70  ? 550 LYS A CB  1 
ATOM 1208 C CG  . LYS A 1 151 ? 10.360  16.192  1.434   1.00 95.32  ? 550 LYS A CG  1 
ATOM 1209 C CD  . LYS A 1 151 ? 10.683  17.576  1.977   1.00 102.42 ? 550 LYS A CD  1 
ATOM 1210 C CE  . LYS A 1 151 ? 10.955  17.500  3.484   1.00 97.53  ? 550 LYS A CE  1 
ATOM 1211 N NZ  . LYS A 1 151 ? 12.164  16.637  3.797   1.00 98.07  ? 550 LYS A NZ  1 
ATOM 1212 N N   . HIS A 1 152 ? 6.320   14.223  1.903   1.00 81.67  ? 551 HIS A N   1 
ATOM 1213 C CA  . HIS A 1 152 ? 5.054   13.874  2.503   1.00 79.53  ? 551 HIS A CA  1 
ATOM 1214 C C   . HIS A 1 152 ? 5.064   12.411  2.932   1.00 84.38  ? 551 HIS A C   1 
ATOM 1215 O O   . HIS A 1 152 ? 4.431   12.048  3.925   1.00 89.97  ? 551 HIS A O   1 
ATOM 1216 C CB  . HIS A 1 152 ? 3.943   14.130  1.487   1.00 83.42  ? 551 HIS A CB  1 
ATOM 1217 C CG  . HIS A 1 152 ? 2.587   14.326  2.098   1.00 92.89  ? 551 HIS A CG  1 
ATOM 1218 N ND1 . HIS A 1 152 ? 2.119   15.582  2.412   1.00 95.71  ? 551 HIS A ND1 1 
ATOM 1219 C CD2 . HIS A 1 152 ? 1.671   13.450  2.591   1.00 92.45  ? 551 HIS A CD2 1 
ATOM 1220 C CE1 . HIS A 1 152 ? 0.920   15.478  2.962   1.00 104.66 ? 551 HIS A CE1 1 
ATOM 1221 N NE2 . HIS A 1 152 ? 0.631   14.195  3.099   1.00 96.65  ? 551 HIS A NE2 1 
ATOM 1222 N N   . LEU A 1 153 ? 5.790   11.563  2.198   1.00 83.46  ? 552 LEU A N   1 
ATOM 1223 C CA  . LEU A 1 153 ? 5.762   10.127  2.448   1.00 80.96  ? 552 LEU A CA  1 
ATOM 1224 C C   . LEU A 1 153 ? 6.783   9.656   3.483   1.00 84.10  ? 552 LEU A C   1 
ATOM 1225 O O   . LEU A 1 153 ? 6.541   8.660   4.175   1.00 84.03  ? 552 LEU A O   1 
ATOM 1226 C CB  . LEU A 1 153 ? 6.014   9.348   1.153   1.00 81.74  ? 552 LEU A CB  1 
ATOM 1227 C CG  . LEU A 1 153 ? 5.429   7.922   0.955   1.00 75.93  ? 552 LEU A CG  1 
ATOM 1228 C CD1 . LEU A 1 153 ? 5.476   7.584   -0.523  1.00 73.29  ? 552 LEU A CD1 1 
ATOM 1229 C CD2 . LEU A 1 153 ? 6.092   6.812   1.760   1.00 76.53  ? 552 LEU A CD2 1 
ATOM 1230 N N   . VAL A 1 154 ? 7.920   10.333  3.627   1.00 88.28  ? 553 VAL A N   1 
ATOM 1231 C CA  . VAL A 1 154 ? 8.992   9.743   4.418   1.00 92.23  ? 553 VAL A CA  1 
ATOM 1232 C C   . VAL A 1 154 ? 8.829   9.886   5.925   1.00 91.41  ? 553 VAL A C   1 
ATOM 1233 O O   . VAL A 1 154 ? 9.392   9.069   6.664   1.00 92.22  ? 553 VAL A O   1 
ATOM 1234 C CB  . VAL A 1 154 ? 10.346  10.323  3.988   1.00 92.65  ? 553 VAL A CB  1 
ATOM 1235 C CG1 . VAL A 1 154 ? 10.666  9.902   2.583   1.00 88.83  ? 553 VAL A CG1 1 
ATOM 1236 C CG2 . VAL A 1 154 ? 10.285  11.836  4.047   1.00 95.11  ? 553 VAL A CG2 1 
ATOM 1237 N N   . TYR A 1 155 ? 8.123   10.889  6.425   1.00 87.85  ? 554 TYR A N   1 
ATOM 1238 C CA  . TYR A 1 155 ? 7.918   10.882  7.868   1.00 103.24 ? 554 TYR A CA  1 
ATOM 1239 C C   . TYR A 1 155 ? 6.625   10.208  8.222   1.00 91.09  ? 554 TYR A C   1 
ATOM 1240 O O   . TYR A 1 155 ? 6.427   9.861   9.391   1.00 97.34  ? 554 TYR A O   1 
ATOM 1241 C CB  . TYR A 1 155 ? 8.083   12.322  8.443   1.00 121.78 ? 554 TYR A CB  1 
ATOM 1242 C CG  . TYR A 1 155 ? 7.294   12.819  9.692   1.00 115.71 ? 554 TYR A CG  1 
ATOM 1243 C CD1 . TYR A 1 155 ? 7.168   12.047  10.812  1.00 111.16 ? 554 TYR A CD1 1 
ATOM 1244 C CD2 . TYR A 1 155 ? 6.789   14.124  9.767   1.00 112.68 ? 554 TYR A CD2 1 
ATOM 1245 C CE1 . TYR A 1 155 ? 6.430   12.511  11.927  1.00 112.63 ? 554 TYR A CE1 1 
ATOM 1246 C CE2 . TYR A 1 155 ? 6.094   14.559  10.791  1.00 112.19 ? 554 TYR A CE2 1 
ATOM 1247 C CZ  . TYR A 1 155 ? 5.910   13.814  11.852  1.00 111.35 ? 554 TYR A CZ  1 
ATOM 1248 O OH  . TYR A 1 155 ? 5.172   14.338  12.895  1.00 109.40 ? 554 TYR A OH  1 
ATOM 1249 N N   . GLU A 1 156 ? 5.810   9.900   7.216   1.00 90.62  ? 555 GLU A N   1 
ATOM 1250 C CA  . GLU A 1 156 ? 4.740   8.943   7.436   1.00 86.91  ? 555 GLU A CA  1 
ATOM 1251 C C   . GLU A 1 156 ? 5.295   7.541   7.517   1.00 83.87  ? 555 GLU A C   1 
ATOM 1252 O O   . GLU A 1 156 ? 4.594   6.644   7.985   1.00 81.47  ? 555 GLU A O   1 
ATOM 1253 C CB  . GLU A 1 156 ? 3.690   9.029   6.336   1.00 75.70  ? 555 GLU A CB  1 
ATOM 1254 C CG  . GLU A 1 156 ? 3.056   10.374  6.108   1.00 76.58  ? 555 GLU A CG  1 
ATOM 1255 C CD  . GLU A 1 156 ? 1.858   10.632  6.984   1.00 88.68  ? 555 GLU A CD  1 
ATOM 1256 O OE1 . GLU A 1 156 ? 1.005   11.439  6.561   1.00 103.08 ? 555 GLU A OE1 1 
ATOM 1257 O OE2 . GLU A 1 156 ? 1.755   10.047  8.084   1.00 88.50  ? 555 GLU A OE2 1 
ATOM 1258 N N   . MET A 1 157 ? 6.542   7.348   7.075   1.00 86.83  ? 556 MET A N   1 
ATOM 1259 C CA  . MET A 1 157 ? 7.286   6.119   7.287   1.00 85.53  ? 556 MET A CA  1 
ATOM 1260 C C   . MET A 1 157 ? 7.876   6.164   8.688   1.00 83.33  ? 556 MET A C   1 
ATOM 1261 O O   . MET A 1 157 ? 7.884   7.221   9.321   1.00 86.81  ? 556 MET A O   1 
ATOM 1262 C CB  . MET A 1 157 ? 8.373   5.980   6.222   1.00 74.48  ? 556 MET A CB  1 
ATOM 1263 C CG  . MET A 1 157 ? 7.809   5.555   4.876   1.00 83.01  ? 556 MET A CG  1 
ATOM 1264 S SD  . MET A 1 157 ? 7.191   3.857   4.693   1.00 77.30  ? 556 MET A SD  1 
ATOM 1265 C CE  . MET A 1 157 ? 8.543   2.888   5.339   1.00 73.23  ? 556 MET A CE  1 
ATOM 1266 N N   . PRO A 1 158 ? 8.349   5.039   9.217   1.00 79.93  ? 557 PRO A N   1 
ATOM 1267 C CA  . PRO A 1 158 ? 8.900   5.053   10.573  1.00 84.05  ? 557 PRO A CA  1 
ATOM 1268 C C   . PRO A 1 158 ? 10.177  5.878   10.656  1.00 88.06  ? 557 PRO A C   1 
ATOM 1269 O O   . PRO A 1 158 ? 10.795  6.264   9.657   1.00 87.62  ? 557 PRO A O   1 
ATOM 1270 C CB  . PRO A 1 158 ? 9.178   3.577   10.863  1.00 81.31  ? 557 PRO A CB  1 
ATOM 1271 C CG  . PRO A 1 158 ? 8.350   2.849   9.944   1.00 79.58  ? 557 PRO A CG  1 
ATOM 1272 C CD  . PRO A 1 158 ? 8.333   3.670   8.683   1.00 78.22  ? 557 PRO A CD  1 
ATOM 1273 N N   . ILE A 1 159 ? 10.543  6.162   11.901  1.00 92.38  ? 558 ILE A N   1 
ATOM 1274 C CA  . ILE A 1 159 ? 11.833  6.725   12.293  1.00 104.39 ? 558 ILE A CA  1 
ATOM 1275 C C   . ILE A 1 159 ? 13.045  6.068   11.632  1.00 105.63 ? 558 ILE A C   1 
ATOM 1276 O O   . ILE A 1 159 ? 13.306  4.876   11.830  1.00 111.06 ? 558 ILE A O   1 
ATOM 1277 C CB  . ILE A 1 159 ? 11.907  6.669   13.828  1.00 104.77 ? 558 ILE A CB  1 
ATOM 1278 C CG1 . ILE A 1 159 ? 11.510  5.251   14.282  1.00 107.46 ? 558 ILE A CG1 1 
ATOM 1279 C CG2 . ILE A 1 159 ? 11.056  7.769   14.448  1.00 97.19  ? 558 ILE A CG2 1 
ATOM 1280 C CD1 . ILE A 1 159 ? 11.683  4.970   15.755  1.00 110.46 ? 558 ILE A CD1 1 
ATOM 1281 N N   . LYS A 1 160 ? 13.783  6.855   10.841  1.00 100.96 ? 559 LYS A N   1 
ATOM 1282 C CA  . LYS A 1 160 ? 15.041  6.478   10.151  1.00 94.92  ? 559 LYS A CA  1 
ATOM 1283 C C   . LYS A 1 160 ? 15.174  5.019   9.683   1.00 93.80  ? 559 LYS A C   1 
ATOM 1284 O O   . LYS A 1 160 ? 15.616  4.745   8.559   1.00 95.37  ? 559 LYS A O   1 
ATOM 1285 C CB  . LYS A 1 160 ? 16.223  6.808   11.047  1.00 99.92  ? 559 LYS A CB  1 
ATOM 1286 C CG  . LYS A 1 160 ? 17.526  6.931   10.280  1.00 111.49 ? 559 LYS A CG  1 
ATOM 1287 C CD  . LYS A 1 160 ? 18.704  7.203   11.196  1.00 105.97 ? 559 LYS A CD  1 
ATOM 1288 C CE  . LYS A 1 160 ? 19.216  5.914   11.837  1.00 105.71 ? 559 LYS A CE  1 
ATOM 1289 N NZ  . LYS A 1 160 ? 20.542  6.130   12.521  1.00 119.54 ? 559 LYS A NZ  1 
# 
loop_
_pdbx_poly_seq_scheme.asym_id 
_pdbx_poly_seq_scheme.entity_id 
_pdbx_poly_seq_scheme.seq_id 
_pdbx_poly_seq_scheme.mon_id 
_pdbx_poly_seq_scheme.ndb_seq_num 
_pdbx_poly_seq_scheme.pdb_seq_num 
_pdbx_poly_seq_scheme.auth_seq_num 
_pdbx_poly_seq_scheme.pdb_mon_id 
_pdbx_poly_seq_scheme.auth_mon_id 
_pdbx_poly_seq_scheme.pdb_strand_id 
_pdbx_poly_seq_scheme.pdb_ins_code 
_pdbx_poly_seq_scheme.hetero 
A 1 1   LYS 1   400 400 LYS LYS A . n 
A 1 2   GLU 2   401 401 GLU GLU A . n 
A 1 3   TYR 3   402 402 TYR TYR A . n 
A 1 4   ASP 4   403 403 ASP ASP A . n 
A 1 5   ALA 5   404 404 ALA ALA A . n 
A 1 6   TYR 6   405 405 TYR TYR A . n 
A 1 7   LEU 7   406 406 LEU LEU A . n 
A 1 8   SER 8   407 407 SER SER A . n 
A 1 9   TYR 9   408 408 TYR TYR A . n 
A 1 10  THR 10  409 409 THR THR A . n 
A 1 11  LYS 11  410 410 LYS LYS A . n 
A 1 12  VAL 12  411 411 VAL VAL A . n 
A 1 13  ASP 13  412 412 ASP ASP A . n 
A 1 14  GLN 14  413 ?   ?   ?   A . n 
A 1 15  ASP 15  414 ?   ?   ?   A . n 
A 1 16  THR 16  415 ?   ?   ?   A . n 
A 1 17  LEU 17  416 ?   ?   ?   A . n 
A 1 18  ASP 18  417 ?   ?   ?   A . n 
A 1 19  CYS 19  418 418 CYS CYS A . n 
A 1 20  ASP 20  419 419 ASP ASP A . n 
A 1 21  ASN 21  420 420 ASN ASN A . n 
A 1 22  PRO 22  421 421 PRO PRO A . n 
A 1 23  GLU 23  422 422 GLU GLU A . n 
A 1 24  GLU 24  423 423 GLU GLU A . n 
A 1 25  GLU 25  424 424 GLU GLU A . n 
A 1 26  GLN 26  425 425 GLN GLN A . n 
A 1 27  PHE 27  426 426 PHE PHE A . n 
A 1 28  ALA 28  427 427 ALA ALA A . n 
A 1 29  LEU 29  428 428 LEU LEU A . n 
A 1 30  GLU 30  429 429 GLU GLU A . n 
A 1 31  VAL 31  430 430 VAL VAL A . n 
A 1 32  LEU 32  431 431 LEU LEU A . n 
A 1 33  PRO 33  432 432 PRO PRO A . n 
A 1 34  ASP 34  433 433 ASP ASP A . n 
A 1 35  VAL 35  434 434 VAL VAL A . n 
A 1 36  LEU 36  435 435 LEU LEU A . n 
A 1 37  GLU 37  436 436 GLU GLU A . n 
A 1 38  LYS 38  437 437 LYS LYS A . n 
A 1 39  HIS 39  438 438 HIS HIS A . n 
A 1 40  TYR 40  439 439 TYR TYR A . n 
A 1 41  GLY 41  440 440 GLY GLY A . n 
A 1 42  TYR 42  441 441 TYR TYR A . n 
A 1 43  LYS 43  442 442 LYS LYS A . n 
A 1 44  LEU 44  443 443 LEU LEU A . n 
A 1 45  PHE 45  444 444 PHE PHE A . n 
A 1 46  ILE 46  445 445 ILE ILE A . n 
A 1 47  PRO 47  446 446 PRO PRO A . n 
A 1 48  GLU 48  447 447 GLU GLU A . n 
A 1 49  ARG 49  448 448 ARG ARG A . n 
A 1 50  ASP 50  449 449 ASP ASP A . n 
A 1 51  LEU 51  450 450 LEU LEU A . n 
A 1 52  ILE 52  451 451 ILE ILE A . n 
A 1 53  PRO 53  452 452 PRO PRO A . n 
A 1 54  SER 54  453 453 SER SER A . n 
A 1 55  GLY 55  454 454 GLY GLY A . n 
A 1 56  THR 56  455 455 THR THR A . n 
A 1 57  TYR 57  456 456 TYR TYR A . n 
A 1 58  MET 58  457 457 MET MET A . n 
A 1 59  GLU 59  458 458 GLU GLU A . n 
A 1 60  ASP 60  459 459 ASP ASP A . n 
A 1 61  LEU 61  460 460 LEU LEU A . n 
A 1 62  THR 62  461 461 THR THR A . n 
A 1 63  ARG 63  462 462 ARG ARG A . n 
A 1 64  TYR 64  463 463 TYR TYR A . n 
A 1 65  VAL 65  464 464 VAL VAL A . n 
A 1 66  GLU 66  465 465 GLU GLU A . n 
A 1 67  GLN 67  466 466 GLN GLN A . n 
A 1 68  SER 68  467 467 SER SER A . n 
A 1 69  ARG 69  468 468 ARG ARG A . n 
A 1 70  ARG 70  469 469 ARG ARG A . n 
A 1 71  LEU 71  470 470 LEU LEU A . n 
A 1 72  ILE 72  471 471 ILE ILE A . n 
A 1 73  ILE 73  472 472 ILE ILE A . n 
A 1 74  VAL 74  473 473 VAL VAL A . n 
A 1 75  LEU 75  474 474 LEU LEU A . n 
A 1 76  THR 76  475 475 THR THR A . n 
A 1 77  PRO 77  476 476 PRO PRO A . n 
A 1 78  ASP 78  477 477 ASP ASP A . n 
A 1 79  TYR 79  478 478 TYR TYR A . n 
A 1 80  ILE 80  479 479 ILE ILE A . n 
A 1 81  LEU 81  480 480 LEU LEU A . n 
A 1 82  ARG 82  481 481 ARG ARG A . n 
A 1 83  ARG 83  482 482 ARG ARG A . n 
A 1 84  GLY 84  483 483 GLY GLY A . n 
A 1 85  TRP 85  484 484 TRP TRP A . n 
A 1 86  SER 86  485 485 SER SER A . n 
A 1 87  ILE 87  486 486 ILE ILE A . n 
A 1 88  PHE 88  487 487 PHE PHE A . n 
A 1 89  GLU 89  488 488 GLU GLU A . n 
A 1 90  LEU 90  489 489 LEU LEU A . n 
A 1 91  GLU 91  490 490 GLU GLU A . n 
A 1 92  SER 92  491 491 SER SER A . n 
A 1 93  ARG 93  492 492 ARG ARG A . n 
A 1 94  LEU 94  493 493 LEU LEU A . n 
A 1 95  HIS 95  494 494 HIS HIS A . n 
A 1 96  ASN 96  495 495 ASN ASN A . n 
A 1 97  MET 97  496 496 MET MET A . n 
A 1 98  LEU 98  497 497 LEU LEU A . n 
A 1 99  VAL 99  498 498 VAL VAL A . n 
A 1 100 SER 100 499 499 SER SER A . n 
A 1 101 GLY 101 500 500 GLY GLY A . n 
A 1 102 GLU 102 501 501 GLU GLU A . n 
A 1 103 ILE 103 502 502 ILE ILE A . n 
A 1 104 LYS 104 503 503 LYS LYS A . n 
A 1 105 VAL 105 504 504 VAL VAL A . n 
A 1 106 ILE 106 505 505 ILE ILE A . n 
A 1 107 LEU 107 506 506 LEU LEU A . n 
A 1 108 ILE 108 507 507 ILE ILE A . n 
A 1 109 GLU 109 508 508 GLU GLU A . n 
A 1 110 CYS 110 509 509 CYS CYS A . n 
A 1 111 THR 111 510 510 THR THR A . n 
A 1 112 GLU 112 511 511 GLU GLU A . n 
A 1 113 LEU 113 512 512 LEU LEU A . n 
A 1 114 LYS 114 513 513 LYS LYS A . n 
A 1 115 GLY 115 514 514 GLY GLY A . n 
A 1 116 LYS 116 515 515 LYS LYS A . n 
A 1 117 VAL 117 516 516 VAL VAL A . n 
A 1 118 ASN 118 517 517 ASN ASN A . n 
A 1 119 CYS 119 518 518 CYS CYS A . n 
A 1 120 GLN 120 519 519 GLN GLN A . n 
A 1 121 GLU 121 520 520 GLU GLU A . n 
A 1 122 VAL 122 521 521 VAL VAL A . n 
A 1 123 GLU 123 522 522 GLU GLU A . n 
A 1 124 SER 124 523 523 SER SER A . n 
A 1 125 LEU 125 524 524 LEU LEU A . n 
A 1 126 LYS 126 525 525 LYS LYS A . n 
A 1 127 ARG 127 526 526 ARG ARG A . n 
A 1 128 SER 128 527 527 SER SER A . n 
A 1 129 ILE 129 528 528 ILE ILE A . n 
A 1 130 LYS 130 529 529 LYS LYS A . n 
A 1 131 LEU 131 530 530 LEU LEU A . n 
A 1 132 LEU 132 531 531 LEU LEU A . n 
A 1 133 SER 133 532 532 SER SER A . n 
A 1 134 LEU 134 533 533 LEU LEU A . n 
A 1 135 ILE 135 534 534 ILE ILE A . n 
A 1 136 LYS 136 535 535 LYS LYS A . n 
A 1 137 TRP 137 536 536 TRP TRP A . n 
A 1 138 LYS 138 537 537 LYS LYS A . n 
A 1 139 GLY 139 538 538 GLY GLY A . n 
A 1 140 SER 140 539 539 SER SER A . n 
A 1 141 LYS 141 540 540 LYS LYS A . n 
A 1 142 SER 142 541 541 SER SER A . n 
A 1 143 SER 143 542 542 SER SER A . n 
A 1 144 LYS 144 543 543 LYS LYS A . n 
A 1 145 LEU 145 544 544 LEU LEU A . n 
A 1 146 ASN 146 545 545 ASN ASN A . n 
A 1 147 SER 147 546 546 SER SER A . n 
A 1 148 LYS 148 547 547 LYS LYS A . n 
A 1 149 PHE 149 548 548 PHE PHE A . n 
A 1 150 TRP 150 549 549 TRP TRP A . n 
A 1 151 LYS 151 550 550 LYS LYS A . n 
A 1 152 HIS 152 551 551 HIS HIS A . n 
A 1 153 LEU 153 552 552 LEU LEU A . n 
A 1 154 VAL 154 553 553 VAL VAL A . n 
A 1 155 TYR 155 554 554 TYR TYR A . n 
A 1 156 GLU 156 555 555 GLU GLU A . n 
A 1 157 MET 157 556 556 MET MET A . n 
A 1 158 PRO 158 557 557 PRO PRO A . n 
A 1 159 ILE 159 558 558 ILE ILE A . n 
A 1 160 LYS 160 559 559 LYS LYS A . n 
A 1 161 LYS 161 560 ?   ?   ?   A . n 
# 
_pdbx_struct_assembly.id                   1 
_pdbx_struct_assembly.details              author_defined_assembly 
_pdbx_struct_assembly.method_details       ? 
_pdbx_struct_assembly.oligomeric_details   monomeric 
_pdbx_struct_assembly.oligomeric_count     1 
# 
_pdbx_struct_assembly_gen.assembly_id       1 
_pdbx_struct_assembly_gen.oper_expression   1 
_pdbx_struct_assembly_gen.asym_id_list      A 
# 
loop_
_pdbx_struct_assembly_prop.biol_id 
_pdbx_struct_assembly_prop.type 
_pdbx_struct_assembly_prop.value 
_pdbx_struct_assembly_prop.details 
1 'ABSA (A^2)' 0    ? 
1 MORE         0    ? 
1 'SSA (A^2)'  8770 ? 
# 
_pdbx_struct_oper_list.id                   1 
_pdbx_struct_oper_list.type                 'identity operation' 
_pdbx_struct_oper_list.name                 1_555 
_pdbx_struct_oper_list.symmetry_operation   x,y,z 
_pdbx_struct_oper_list.matrix[1][1]         1.0000000000 
_pdbx_struct_oper_list.matrix[1][2]         0.0000000000 
_pdbx_struct_oper_list.matrix[1][3]         0.0000000000 
_pdbx_struct_oper_list.vector[1]            0.0000000000 
_pdbx_struct_oper_list.matrix[2][1]         0.0000000000 
_pdbx_struct_oper_list.matrix[2][2]         1.0000000000 
_pdbx_struct_oper_list.matrix[2][3]         0.0000000000 
_pdbx_struct_oper_list.vector[2]            0.0000000000 
_pdbx_struct_oper_list.matrix[3][1]         0.0000000000 
_pdbx_struct_oper_list.matrix[3][2]         0.0000000000 
_pdbx_struct_oper_list.matrix[3][3]         1.0000000000 
_pdbx_struct_oper_list.vector[3]            0.0000000000 
# 
loop_
_pdbx_audit_revision_history.ordinal 
_pdbx_audit_revision_history.data_content_type 
_pdbx_audit_revision_history.major_revision 
_pdbx_audit_revision_history.minor_revision 
_pdbx_audit_revision_history.revision_date 
1 'Structure model' 1 0 2022-07-20 
2 'Structure model' 1 1 2022-08-10 
3 'Structure model' 1 2 2023-11-29 
# 
_pdbx_audit_revision_details.ordinal             1 
_pdbx_audit_revision_details.revision_ordinal    1 
_pdbx_audit_revision_details.data_content_type   'Structure model' 
_pdbx_audit_revision_details.provider            repository 
_pdbx_audit_revision_details.type                'Initial release' 
_pdbx_audit_revision_details.description         ? 
_pdbx_audit_revision_details.details             ? 
# 
loop_
_pdbx_audit_revision_group.ordinal 
_pdbx_audit_revision_group.revision_ordinal 
_pdbx_audit_revision_group.data_content_type 
_pdbx_audit_revision_group.group 
1 2 'Structure model' 'Database references'    
2 3 'Structure model' 'Data collection'        
3 3 'Structure model' 'Refinement description' 
# 
loop_
_pdbx_audit_revision_category.ordinal 
_pdbx_audit_revision_category.revision_ordinal 
_pdbx_audit_revision_category.data_content_type 
_pdbx_audit_revision_category.category 
1 2 'Structure model' citation                      
2 2 'Structure model' citation_author               
3 3 'Structure model' chem_comp_atom                
4 3 'Structure model' chem_comp_bond                
5 3 'Structure model' pdbx_initial_refinement_model 
# 
loop_
_pdbx_audit_revision_item.ordinal 
_pdbx_audit_revision_item.revision_ordinal 
_pdbx_audit_revision_item.data_content_type 
_pdbx_audit_revision_item.item 
1 2 'Structure model' '_citation.country'              
2 2 'Structure model' '_citation.journal_abbrev'       
3 2 'Structure model' '_citation.journal_id_CSD'       
4 2 'Structure model' '_citation.journal_id_ISSN'      
5 2 'Structure model' '_citation.journal_volume'       
6 2 'Structure model' '_citation.page_first'           
7 2 'Structure model' '_citation.pdbx_database_id_DOI' 
8 2 'Structure model' '_citation.title'                
9 2 'Structure model' '_citation.year'                 
# 
loop_
_software.citation_id 
_software.classification 
_software.compiler_name 
_software.compiler_version 
_software.contact_author 
_software.contact_author_email 
_software.date 
_software.description 
_software.dependencies 
_software.hardware 
_software.language 
_software.location 
_software.mods 
_software.name 
_software.os 
_software.os_version 
_software.type 
_software.version 
_software.pdbx_ordinal 
? refinement        ? ? ? ? ? ? ? ? ? ? ? PHENIX      ? ? ? 1.18.2_3874 1 
? 'data extraction' ? ? ? ? ? ? ? ? ? ? ? PDB_EXTRACT ? ? ? 3.27        2 
? 'data reduction'  ? ? ? ? ? ? ? ? ? ? ? HKL-2000    ? ? ? .           3 
? 'data scaling'    ? ? ? ? ? ? ? ? ? ? ? HKL-2000    ? ? ? .           4 
? phasing           ? ? ? ? ? ? ? ? ? ? ? PHASER      ? ? ? .           5 
# 
loop_
_pdbx_validate_torsion.id 
_pdbx_validate_torsion.PDB_model_num 
_pdbx_validate_torsion.auth_comp_id 
_pdbx_validate_torsion.auth_asym_id 
_pdbx_validate_torsion.auth_seq_id 
_pdbx_validate_torsion.PDB_ins_code 
_pdbx_validate_torsion.label_alt_id 
_pdbx_validate_torsion.phi 
_pdbx_validate_torsion.psi 
1 1 PRO A 421 ? ? -92.24  -123.47 
2 1 GLU A 429 ? ? -102.39 -72.69  
3 1 ARG A 482 ? ? 23.51   69.78   
# 
_pdbx_validate_peptide_omega.id               1 
_pdbx_validate_peptide_omega.PDB_model_num    1 
_pdbx_validate_peptide_omega.auth_comp_id_1   ARG 
_pdbx_validate_peptide_omega.auth_asym_id_1   A 
_pdbx_validate_peptide_omega.auth_seq_id_1    448 
_pdbx_validate_peptide_omega.PDB_ins_code_1   ? 
_pdbx_validate_peptide_omega.label_alt_id_1   ? 
_pdbx_validate_peptide_omega.auth_comp_id_2   ASP 
_pdbx_validate_peptide_omega.auth_asym_id_2   A 
_pdbx_validate_peptide_omega.auth_seq_id_2    449 
_pdbx_validate_peptide_omega.PDB_ins_code_2   ? 
_pdbx_validate_peptide_omega.label_alt_id_2   ? 
_pdbx_validate_peptide_omega.omega            -146.77 
# 
loop_
_pdbx_unobs_or_zero_occ_residues.id 
_pdbx_unobs_or_zero_occ_residues.PDB_model_num 
_pdbx_unobs_or_zero_occ_residues.polymer_flag 
_pdbx_unobs_or_zero_occ_residues.occupancy_flag 
_pdbx_unobs_or_zero_occ_residues.auth_asym_id 
_pdbx_unobs_or_zero_occ_residues.auth_comp_id 
_pdbx_unobs_or_zero_occ_residues.auth_seq_id 
_pdbx_unobs_or_zero_occ_residues.PDB_ins_code 
_pdbx_unobs_or_zero_occ_residues.label_asym_id 
_pdbx_unobs_or_zero_occ_residues.label_comp_id 
_pdbx_unobs_or_zero_occ_residues.label_seq_id 
1 1 Y 1 A GLN 413 ? A GLN 14  
2 1 Y 1 A ASP 414 ? A ASP 15  
3 1 Y 1 A THR 415 ? A THR 16  
4 1 Y 1 A LEU 416 ? A LEU 17  
5 1 Y 1 A ASP 417 ? A ASP 18  
6 1 Y 1 A LYS 560 ? A LYS 161 
# 
loop_
_chem_comp_atom.comp_id 
_chem_comp_atom.atom_id 
_chem_comp_atom.type_symbol 
_chem_comp_atom.pdbx_aromatic_flag 
_chem_comp_atom.pdbx_stereo_config 
_chem_comp_atom.pdbx_ordinal 
ALA N    N N N 1   
ALA CA   C N S 2   
ALA C    C N N 3   
ALA O    O N N 4   
ALA CB   C N N 5   
ALA OXT  O N N 6   
ALA H    H N N 7   
ALA H2   H N N 8   
ALA HA   H N N 9   
ALA HB1  H N N 10  
ALA HB2  H N N 11  
ALA HB3  H N N 12  
ALA HXT  H N N 13  
ARG N    N N N 14  
ARG CA   C N S 15  
ARG C    C N N 16  
ARG O    O N N 17  
ARG CB   C N N 18  
ARG CG   C N N 19  
ARG CD   C N N 20  
ARG NE   N N N 21  
ARG CZ   C N N 22  
ARG NH1  N N N 23  
ARG NH2  N N N 24  
ARG OXT  O N N 25  
ARG H    H N N 26  
ARG H2   H N N 27  
ARG HA   H N N 28  
ARG HB2  H N N 29  
ARG HB3  H N N 30  
ARG HG2  H N N 31  
ARG HG3  H N N 32  
ARG HD2  H N N 33  
ARG HD3  H N N 34  
ARG HE   H N N 35  
ARG HH11 H N N 36  
ARG HH12 H N N 37  
ARG HH21 H N N 38  
ARG HH22 H N N 39  
ARG HXT  H N N 40  
ASN N    N N N 41  
ASN CA   C N S 42  
ASN C    C N N 43  
ASN O    O N N 44  
ASN CB   C N N 45  
ASN CG   C N N 46  
ASN OD1  O N N 47  
ASN ND2  N N N 48  
ASN OXT  O N N 49  
ASN H    H N N 50  
ASN H2   H N N 51  
ASN HA   H N N 52  
ASN HB2  H N N 53  
ASN HB3  H N N 54  
ASN HD21 H N N 55  
ASN HD22 H N N 56  
ASN HXT  H N N 57  
ASP N    N N N 58  
ASP CA   C N S 59  
ASP C    C N N 60  
ASP O    O N N 61  
ASP CB   C N N 62  
ASP CG   C N N 63  
ASP OD1  O N N 64  
ASP OD2  O N N 65  
ASP OXT  O N N 66  
ASP H    H N N 67  
ASP H2   H N N 68  
ASP HA   H N N 69  
ASP HB2  H N N 70  
ASP HB3  H N N 71  
ASP HD2  H N N 72  
ASP HXT  H N N 73  
CYS N    N N N 74  
CYS CA   C N R 75  
CYS C    C N N 76  
CYS O    O N N 77  
CYS CB   C N N 78  
CYS SG   S N N 79  
CYS OXT  O N N 80  
CYS H    H N N 81  
CYS H2   H N N 82  
CYS HA   H N N 83  
CYS HB2  H N N 84  
CYS HB3  H N N 85  
CYS HG   H N N 86  
CYS HXT  H N N 87  
GLN N    N N N 88  
GLN CA   C N S 89  
GLN C    C N N 90  
GLN O    O N N 91  
GLN CB   C N N 92  
GLN CG   C N N 93  
GLN CD   C N N 94  
GLN OE1  O N N 95  
GLN NE2  N N N 96  
GLN OXT  O N N 97  
GLN H    H N N 98  
GLN H2   H N N 99  
GLN HA   H N N 100 
GLN HB2  H N N 101 
GLN HB3  H N N 102 
GLN HG2  H N N 103 
GLN HG3  H N N 104 
GLN HE21 H N N 105 
GLN HE22 H N N 106 
GLN HXT  H N N 107 
GLU N    N N N 108 
GLU CA   C N S 109 
GLU C    C N N 110 
GLU O    O N N 111 
GLU CB   C N N 112 
GLU CG   C N N 113 
GLU CD   C N N 114 
GLU OE1  O N N 115 
GLU OE2  O N N 116 
GLU OXT  O N N 117 
GLU H    H N N 118 
GLU H2   H N N 119 
GLU HA   H N N 120 
GLU HB2  H N N 121 
GLU HB3  H N N 122 
GLU HG2  H N N 123 
GLU HG3  H N N 124 
GLU HE2  H N N 125 
GLU HXT  H N N 126 
GLY N    N N N 127 
GLY CA   C N N 128 
GLY C    C N N 129 
GLY O    O N N 130 
GLY OXT  O N N 131 
GLY H    H N N 132 
GLY H2   H N N 133 
GLY HA2  H N N 134 
GLY HA3  H N N 135 
GLY HXT  H N N 136 
HIS N    N N N 137 
HIS CA   C N S 138 
HIS C    C N N 139 
HIS O    O N N 140 
HIS CB   C N N 141 
HIS CG   C Y N 142 
HIS ND1  N Y N 143 
HIS CD2  C Y N 144 
HIS CE1  C Y N 145 
HIS NE2  N Y N 146 
HIS OXT  O N N 147 
HIS H    H N N 148 
HIS H2   H N N 149 
HIS HA   H N N 150 
HIS HB2  H N N 151 
HIS HB3  H N N 152 
HIS HD1  H N N 153 
HIS HD2  H N N 154 
HIS HE1  H N N 155 
HIS HE2  H N N 156 
HIS HXT  H N N 157 
ILE N    N N N 158 
ILE CA   C N S 159 
ILE C    C N N 160 
ILE O    O N N 161 
ILE CB   C N S 162 
ILE CG1  C N N 163 
ILE CG2  C N N 164 
ILE CD1  C N N 165 
ILE OXT  O N N 166 
ILE H    H N N 167 
ILE H2   H N N 168 
ILE HA   H N N 169 
ILE HB   H N N 170 
ILE HG12 H N N 171 
ILE HG13 H N N 172 
ILE HG21 H N N 173 
ILE HG22 H N N 174 
ILE HG23 H N N 175 
ILE HD11 H N N 176 
ILE HD12 H N N 177 
ILE HD13 H N N 178 
ILE HXT  H N N 179 
LEU N    N N N 180 
LEU CA   C N S 181 
LEU C    C N N 182 
LEU O    O N N 183 
LEU CB   C N N 184 
LEU CG   C N N 185 
LEU CD1  C N N 186 
LEU CD2  C N N 187 
LEU OXT  O N N 188 
LEU H    H N N 189 
LEU H2   H N N 190 
LEU HA   H N N 191 
LEU HB2  H N N 192 
LEU HB3  H N N 193 
LEU HG   H N N 194 
LEU HD11 H N N 195 
LEU HD12 H N N 196 
LEU HD13 H N N 197 
LEU HD21 H N N 198 
LEU HD22 H N N 199 
LEU HD23 H N N 200 
LEU HXT  H N N 201 
LYS N    N N N 202 
LYS CA   C N S 203 
LYS C    C N N 204 
LYS O    O N N 205 
LYS CB   C N N 206 
LYS CG   C N N 207 
LYS CD   C N N 208 
LYS CE   C N N 209 
LYS NZ   N N N 210 
LYS OXT  O N N 211 
LYS H    H N N 212 
LYS H2   H N N 213 
LYS HA   H N N 214 
LYS HB2  H N N 215 
LYS HB3  H N N 216 
LYS HG2  H N N 217 
LYS HG3  H N N 218 
LYS HD2  H N N 219 
LYS HD3  H N N 220 
LYS HE2  H N N 221 
LYS HE3  H N N 222 
LYS HZ1  H N N 223 
LYS HZ2  H N N 224 
LYS HZ3  H N N 225 
LYS HXT  H N N 226 
MET N    N N N 227 
MET CA   C N S 228 
MET C    C N N 229 
MET O    O N N 230 
MET CB   C N N 231 
MET CG   C N N 232 
MET SD   S N N 233 
MET CE   C N N 234 
MET OXT  O N N 235 
MET H    H N N 236 
MET H2   H N N 237 
MET HA   H N N 238 
MET HB2  H N N 239 
MET HB3  H N N 240 
MET HG2  H N N 241 
MET HG3  H N N 242 
MET HE1  H N N 243 
MET HE2  H N N 244 
MET HE3  H N N 245 
MET HXT  H N N 246 
PHE N    N N N 247 
PHE CA   C N S 248 
PHE C    C N N 249 
PHE O    O N N 250 
PHE CB   C N N 251 
PHE CG   C Y N 252 
PHE CD1  C Y N 253 
PHE CD2  C Y N 254 
PHE CE1  C Y N 255 
PHE CE2  C Y N 256 
PHE CZ   C Y N 257 
PHE OXT  O N N 258 
PHE H    H N N 259 
PHE H2   H N N 260 
PHE HA   H N N 261 
PHE HB2  H N N 262 
PHE HB3  H N N 263 
PHE HD1  H N N 264 
PHE HD2  H N N 265 
PHE HE1  H N N 266 
PHE HE2  H N N 267 
PHE HZ   H N N 268 
PHE HXT  H N N 269 
PRO N    N N N 270 
PRO CA   C N S 271 
PRO C    C N N 272 
PRO O    O N N 273 
PRO CB   C N N 274 
PRO CG   C N N 275 
PRO CD   C N N 276 
PRO OXT  O N N 277 
PRO H    H N N 278 
PRO HA   H N N 279 
PRO HB2  H N N 280 
PRO HB3  H N N 281 
PRO HG2  H N N 282 
PRO HG3  H N N 283 
PRO HD2  H N N 284 
PRO HD3  H N N 285 
PRO HXT  H N N 286 
SER N    N N N 287 
SER CA   C N S 288 
SER C    C N N 289 
SER O    O N N 290 
SER CB   C N N 291 
SER OG   O N N 292 
SER OXT  O N N 293 
SER H    H N N 294 
SER H2   H N N 295 
SER HA   H N N 296 
SER HB2  H N N 297 
SER HB3  H N N 298 
SER HG   H N N 299 
SER HXT  H N N 300 
THR N    N N N 301 
THR CA   C N S 302 
THR C    C N N 303 
THR O    O N N 304 
THR CB   C N R 305 
THR OG1  O N N 306 
THR CG2  C N N 307 
THR OXT  O N N 308 
THR H    H N N 309 
THR H2   H N N 310 
THR HA   H N N 311 
THR HB   H N N 312 
THR HG1  H N N 313 
THR HG21 H N N 314 
THR HG22 H N N 315 
THR HG23 H N N 316 
THR HXT  H N N 317 
TRP N    N N N 318 
TRP CA   C N S 319 
TRP C    C N N 320 
TRP O    O N N 321 
TRP CB   C N N 322 
TRP CG   C Y N 323 
TRP CD1  C Y N 324 
TRP CD2  C Y N 325 
TRP NE1  N Y N 326 
TRP CE2  C Y N 327 
TRP CE3  C Y N 328 
TRP CZ2  C Y N 329 
TRP CZ3  C Y N 330 
TRP CH2  C Y N 331 
TRP OXT  O N N 332 
TRP H    H N N 333 
TRP H2   H N N 334 
TRP HA   H N N 335 
TRP HB2  H N N 336 
TRP HB3  H N N 337 
TRP HD1  H N N 338 
TRP HE1  H N N 339 
TRP HE3  H N N 340 
TRP HZ2  H N N 341 
TRP HZ3  H N N 342 
TRP HH2  H N N 343 
TRP HXT  H N N 344 
TYR N    N N N 345 
TYR CA   C N S 346 
TYR C    C N N 347 
TYR O    O N N 348 
TYR CB   C N N 349 
TYR CG   C Y N 350 
TYR CD1  C Y N 351 
TYR CD2  C Y N 352 
TYR CE1  C Y N 353 
TYR CE2  C Y N 354 
TYR CZ   C Y N 355 
TYR OH   O N N 356 
TYR OXT  O N N 357 
TYR H    H N N 358 
TYR H2   H N N 359 
TYR HA   H N N 360 
TYR HB2  H N N 361 
TYR HB3  H N N 362 
TYR HD1  H N N 363 
TYR HD2  H N N 364 
TYR HE1  H N N 365 
TYR HE2  H N N 366 
TYR HH   H N N 367 
TYR HXT  H N N 368 
VAL N    N N N 369 
VAL CA   C N S 370 
VAL C    C N N 371 
VAL O    O N N 372 
VAL CB   C N N 373 
VAL CG1  C N N 374 
VAL CG2  C N N 375 
VAL OXT  O N N 376 
VAL H    H N N 377 
VAL H2   H N N 378 
VAL HA   H N N 379 
VAL HB   H N N 380 
VAL HG11 H N N 381 
VAL HG12 H N N 382 
VAL HG13 H N N 383 
VAL HG21 H N N 384 
VAL HG22 H N N 385 
VAL HG23 H N N 386 
VAL HXT  H N N 387 
# 
loop_
_chem_comp_bond.comp_id 
_chem_comp_bond.atom_id_1 
_chem_comp_bond.atom_id_2 
_chem_comp_bond.value_order 
_chem_comp_bond.pdbx_aromatic_flag 
_chem_comp_bond.pdbx_stereo_config 
_chem_comp_bond.pdbx_ordinal 
ALA N   CA   sing N N 1   
ALA N   H    sing N N 2   
ALA N   H2   sing N N 3   
ALA CA  C    sing N N 4   
ALA CA  CB   sing N N 5   
ALA CA  HA   sing N N 6   
ALA C   O    doub N N 7   
ALA C   OXT  sing N N 8   
ALA CB  HB1  sing N N 9   
ALA CB  HB2  sing N N 10  
ALA CB  HB3  sing N N 11  
ALA OXT HXT  sing N N 12  
ARG N   CA   sing N N 13  
ARG N   H    sing N N 14  
ARG N   H2   sing N N 15  
ARG CA  C    sing N N 16  
ARG CA  CB   sing N N 17  
ARG CA  HA   sing N N 18  
ARG C   O    doub N N 19  
ARG C   OXT  sing N N 20  
ARG CB  CG   sing N N 21  
ARG CB  HB2  sing N N 22  
ARG CB  HB3  sing N N 23  
ARG CG  CD   sing N N 24  
ARG CG  HG2  sing N N 25  
ARG CG  HG3  sing N N 26  
ARG CD  NE   sing N N 27  
ARG CD  HD2  sing N N 28  
ARG CD  HD3  sing N N 29  
ARG NE  CZ   sing N N 30  
ARG NE  HE   sing N N 31  
ARG CZ  NH1  sing N N 32  
ARG CZ  NH2  doub N N 33  
ARG NH1 HH11 sing N N 34  
ARG NH1 HH12 sing N N 35  
ARG NH2 HH21 sing N N 36  
ARG NH2 HH22 sing N N 37  
ARG OXT HXT  sing N N 38  
ASN N   CA   sing N N 39  
ASN N   H    sing N N 40  
ASN N   H2   sing N N 41  
ASN CA  C    sing N N 42  
ASN CA  CB   sing N N 43  
ASN CA  HA   sing N N 44  
ASN C   O    doub N N 45  
ASN C   OXT  sing N N 46  
ASN CB  CG   sing N N 47  
ASN CB  HB2  sing N N 48  
ASN CB  HB3  sing N N 49  
ASN CG  OD1  doub N N 50  
ASN CG  ND2  sing N N 51  
ASN ND2 HD21 sing N N 52  
ASN ND2 HD22 sing N N 53  
ASN OXT HXT  sing N N 54  
ASP N   CA   sing N N 55  
ASP N   H    sing N N 56  
ASP N   H2   sing N N 57  
ASP CA  C    sing N N 58  
ASP CA  CB   sing N N 59  
ASP CA  HA   sing N N 60  
ASP C   O    doub N N 61  
ASP C   OXT  sing N N 62  
ASP CB  CG   sing N N 63  
ASP CB  HB2  sing N N 64  
ASP CB  HB3  sing N N 65  
ASP CG  OD1  doub N N 66  
ASP CG  OD2  sing N N 67  
ASP OD2 HD2  sing N N 68  
ASP OXT HXT  sing N N 69  
CYS N   CA   sing N N 70  
CYS N   H    sing N N 71  
CYS N   H2   sing N N 72  
CYS CA  C    sing N N 73  
CYS CA  CB   sing N N 74  
CYS CA  HA   sing N N 75  
CYS C   O    doub N N 76  
CYS C   OXT  sing N N 77  
CYS CB  SG   sing N N 78  
CYS CB  HB2  sing N N 79  
CYS CB  HB3  sing N N 80  
CYS SG  HG   sing N N 81  
CYS OXT HXT  sing N N 82  
GLN N   CA   sing N N 83  
GLN N   H    sing N N 84  
GLN N   H2   sing N N 85  
GLN CA  C    sing N N 86  
GLN CA  CB   sing N N 87  
GLN CA  HA   sing N N 88  
GLN C   O    doub N N 89  
GLN C   OXT  sing N N 90  
GLN CB  CG   sing N N 91  
GLN CB  HB2  sing N N 92  
GLN CB  HB3  sing N N 93  
GLN CG  CD   sing N N 94  
GLN CG  HG2  sing N N 95  
GLN CG  HG3  sing N N 96  
GLN CD  OE1  doub N N 97  
GLN CD  NE2  sing N N 98  
GLN NE2 HE21 sing N N 99  
GLN NE2 HE22 sing N N 100 
GLN OXT HXT  sing N N 101 
GLU N   CA   sing N N 102 
GLU N   H    sing N N 103 
GLU N   H2   sing N N 104 
GLU CA  C    sing N N 105 
GLU CA  CB   sing N N 106 
GLU CA  HA   sing N N 107 
GLU C   O    doub N N 108 
GLU C   OXT  sing N N 109 
GLU CB  CG   sing N N 110 
GLU CB  HB2  sing N N 111 
GLU CB  HB3  sing N N 112 
GLU CG  CD   sing N N 113 
GLU CG  HG2  sing N N 114 
GLU CG  HG3  sing N N 115 
GLU CD  OE1  doub N N 116 
GLU CD  OE2  sing N N 117 
GLU OE2 HE2  sing N N 118 
GLU OXT HXT  sing N N 119 
GLY N   CA   sing N N 120 
GLY N   H    sing N N 121 
GLY N   H2   sing N N 122 
GLY CA  C    sing N N 123 
GLY CA  HA2  sing N N 124 
GLY CA  HA3  sing N N 125 
GLY C   O    doub N N 126 
GLY C   OXT  sing N N 127 
GLY OXT HXT  sing N N 128 
HIS N   CA   sing N N 129 
HIS N   H    sing N N 130 
HIS N   H2   sing N N 131 
HIS CA  C    sing N N 132 
HIS CA  CB   sing N N 133 
HIS CA  HA   sing N N 134 
HIS C   O    doub N N 135 
HIS C   OXT  sing N N 136 
HIS CB  CG   sing N N 137 
HIS CB  HB2  sing N N 138 
HIS CB  HB3  sing N N 139 
HIS CG  ND1  sing Y N 140 
HIS CG  CD2  doub Y N 141 
HIS ND1 CE1  doub Y N 142 
HIS ND1 HD1  sing N N 143 
HIS CD2 NE2  sing Y N 144 
HIS CD2 HD2  sing N N 145 
HIS CE1 NE2  sing Y N 146 
HIS CE1 HE1  sing N N 147 
HIS NE2 HE2  sing N N 148 
HIS OXT HXT  sing N N 149 
ILE N   CA   sing N N 150 
ILE N   H    sing N N 151 
ILE N   H2   sing N N 152 
ILE CA  C    sing N N 153 
ILE CA  CB   sing N N 154 
ILE CA  HA   sing N N 155 
ILE C   O    doub N N 156 
ILE C   OXT  sing N N 157 
ILE CB  CG1  sing N N 158 
ILE CB  CG2  sing N N 159 
ILE CB  HB   sing N N 160 
ILE CG1 CD1  sing N N 161 
ILE CG1 HG12 sing N N 162 
ILE CG1 HG13 sing N N 163 
ILE CG2 HG21 sing N N 164 
ILE CG2 HG22 sing N N 165 
ILE CG2 HG23 sing N N 166 
ILE CD1 HD11 sing N N 167 
ILE CD1 HD12 sing N N 168 
ILE CD1 HD13 sing N N 169 
ILE OXT HXT  sing N N 170 
LEU N   CA   sing N N 171 
LEU N   H    sing N N 172 
LEU N   H2   sing N N 173 
LEU CA  C    sing N N 174 
LEU CA  CB   sing N N 175 
LEU CA  HA   sing N N 176 
LEU C   O    doub N N 177 
LEU C   OXT  sing N N 178 
LEU CB  CG   sing N N 179 
LEU CB  HB2  sing N N 180 
LEU CB  HB3  sing N N 181 
LEU CG  CD1  sing N N 182 
LEU CG  CD2  sing N N 183 
LEU CG  HG   sing N N 184 
LEU CD1 HD11 sing N N 185 
LEU CD1 HD12 sing N N 186 
LEU CD1 HD13 sing N N 187 
LEU CD2 HD21 sing N N 188 
LEU CD2 HD22 sing N N 189 
LEU CD2 HD23 sing N N 190 
LEU OXT HXT  sing N N 191 
LYS N   CA   sing N N 192 
LYS N   H    sing N N 193 
LYS N   H2   sing N N 194 
LYS CA  C    sing N N 195 
LYS CA  CB   sing N N 196 
LYS CA  HA   sing N N 197 
LYS C   O    doub N N 198 
LYS C   OXT  sing N N 199 
LYS CB  CG   sing N N 200 
LYS CB  HB2  sing N N 201 
LYS CB  HB3  sing N N 202 
LYS CG  CD   sing N N 203 
LYS CG  HG2  sing N N 204 
LYS CG  HG3  sing N N 205 
LYS CD  CE   sing N N 206 
LYS CD  HD2  sing N N 207 
LYS CD  HD3  sing N N 208 
LYS CE  NZ   sing N N 209 
LYS CE  HE2  sing N N 210 
LYS CE  HE3  sing N N 211 
LYS NZ  HZ1  sing N N 212 
LYS NZ  HZ2  sing N N 213 
LYS NZ  HZ3  sing N N 214 
LYS OXT HXT  sing N N 215 
MET N   CA   sing N N 216 
MET N   H    sing N N 217 
MET N   H2   sing N N 218 
MET CA  C    sing N N 219 
MET CA  CB   sing N N 220 
MET CA  HA   sing N N 221 
MET C   O    doub N N 222 
MET C   OXT  sing N N 223 
MET CB  CG   sing N N 224 
MET CB  HB2  sing N N 225 
MET CB  HB3  sing N N 226 
MET CG  SD   sing N N 227 
MET CG  HG2  sing N N 228 
MET CG  HG3  sing N N 229 
MET SD  CE   sing N N 230 
MET CE  HE1  sing N N 231 
MET CE  HE2  sing N N 232 
MET CE  HE3  sing N N 233 
MET OXT HXT  sing N N 234 
PHE N   CA   sing N N 235 
PHE N   H    sing N N 236 
PHE N   H2   sing N N 237 
PHE CA  C    sing N N 238 
PHE CA  CB   sing N N 239 
PHE CA  HA   sing N N 240 
PHE C   O    doub N N 241 
PHE C   OXT  sing N N 242 
PHE CB  CG   sing N N 243 
PHE CB  HB2  sing N N 244 
PHE CB  HB3  sing N N 245 
PHE CG  CD1  doub Y N 246 
PHE CG  CD2  sing Y N 247 
PHE CD1 CE1  sing Y N 248 
PHE CD1 HD1  sing N N 249 
PHE CD2 CE2  doub Y N 250 
PHE CD2 HD2  sing N N 251 
PHE CE1 CZ   doub Y N 252 
PHE CE1 HE1  sing N N 253 
PHE CE2 CZ   sing Y N 254 
PHE CE2 HE2  sing N N 255 
PHE CZ  HZ   sing N N 256 
PHE OXT HXT  sing N N 257 
PRO N   CA   sing N N 258 
PRO N   CD   sing N N 259 
PRO N   H    sing N N 260 
PRO CA  C    sing N N 261 
PRO CA  CB   sing N N 262 
PRO CA  HA   sing N N 263 
PRO C   O    doub N N 264 
PRO C   OXT  sing N N 265 
PRO CB  CG   sing N N 266 
PRO CB  HB2  sing N N 267 
PRO CB  HB3  sing N N 268 
PRO CG  CD   sing N N 269 
PRO CG  HG2  sing N N 270 
PRO CG  HG3  sing N N 271 
PRO CD  HD2  sing N N 272 
PRO CD  HD3  sing N N 273 
PRO OXT HXT  sing N N 274 
SER N   CA   sing N N 275 
SER N   H    sing N N 276 
SER N   H2   sing N N 277 
SER CA  C    sing N N 278 
SER CA  CB   sing N N 279 
SER CA  HA   sing N N 280 
SER C   O    doub N N 281 
SER C   OXT  sing N N 282 
SER CB  OG   sing N N 283 
SER CB  HB2  sing N N 284 
SER CB  HB3  sing N N 285 
SER OG  HG   sing N N 286 
SER OXT HXT  sing N N 287 
THR N   CA   sing N N 288 
THR N   H    sing N N 289 
THR N   H2   sing N N 290 
THR CA  C    sing N N 291 
THR CA  CB   sing N N 292 
THR CA  HA   sing N N 293 
THR C   O    doub N N 294 
THR C   OXT  sing N N 295 
THR CB  OG1  sing N N 296 
THR CB  CG2  sing N N 297 
THR CB  HB   sing N N 298 
THR OG1 HG1  sing N N 299 
THR CG2 HG21 sing N N 300 
THR CG2 HG22 sing N N 301 
THR CG2 HG23 sing N N 302 
THR OXT HXT  sing N N 303 
TRP N   CA   sing N N 304 
TRP N   H    sing N N 305 
TRP N   H2   sing N N 306 
TRP CA  C    sing N N 307 
TRP CA  CB   sing N N 308 
TRP CA  HA   sing N N 309 
TRP C   O    doub N N 310 
TRP C   OXT  sing N N 311 
TRP CB  CG   sing N N 312 
TRP CB  HB2  sing N N 313 
TRP CB  HB3  sing N N 314 
TRP CG  CD1  doub Y N 315 
TRP CG  CD2  sing Y N 316 
TRP CD1 NE1  sing Y N 317 
TRP CD1 HD1  sing N N 318 
TRP CD2 CE2  doub Y N 319 
TRP CD2 CE3  sing Y N 320 
TRP NE1 CE2  sing Y N 321 
TRP NE1 HE1  sing N N 322 
TRP CE2 CZ2  sing Y N 323 
TRP CE3 CZ3  doub Y N 324 
TRP CE3 HE3  sing N N 325 
TRP CZ2 CH2  doub Y N 326 
TRP CZ2 HZ2  sing N N 327 
TRP CZ3 CH2  sing Y N 328 
TRP CZ3 HZ3  sing N N 329 
TRP CH2 HH2  sing N N 330 
TRP OXT HXT  sing N N 331 
TYR N   CA   sing N N 332 
TYR N   H    sing N N 333 
TYR N   H2   sing N N 334 
TYR CA  C    sing N N 335 
TYR CA  CB   sing N N 336 
TYR CA  HA   sing N N 337 
TYR C   O    doub N N 338 
TYR C   OXT  sing N N 339 
TYR CB  CG   sing N N 340 
TYR CB  HB2  sing N N 341 
TYR CB  HB3  sing N N 342 
TYR CG  CD1  doub Y N 343 
TYR CG  CD2  sing Y N 344 
TYR CD1 CE1  sing Y N 345 
TYR CD1 HD1  sing N N 346 
TYR CD2 CE2  doub Y N 347 
TYR CD2 HD2  sing N N 348 
TYR CE1 CZ   doub Y N 349 
TYR CE1 HE1  sing N N 350 
TYR CE2 CZ   sing Y N 351 
TYR CE2 HE2  sing N N 352 
TYR CZ  OH   sing N N 353 
TYR OH  HH   sing N N 354 
TYR OXT HXT  sing N N 355 
VAL N   CA   sing N N 356 
VAL N   H    sing N N 357 
VAL N   H2   sing N N 358 
VAL CA  C    sing N N 359 
VAL CA  CB   sing N N 360 
VAL CA  HA   sing N N 361 
VAL C   O    doub N N 362 
VAL C   OXT  sing N N 363 
VAL CB  CG1  sing N N 364 
VAL CB  CG2  sing N N 365 
VAL CB  HB   sing N N 366 
VAL CG1 HG11 sing N N 367 
VAL CG1 HG12 sing N N 368 
VAL CG1 HG13 sing N N 369 
VAL CG2 HG21 sing N N 370 
VAL CG2 HG22 sing N N 371 
VAL CG2 HG23 sing N N 372 
VAL OXT HXT  sing N N 373 
# 
_pdbx_initial_refinement_model.id               1 
_pdbx_initial_refinement_model.entity_id_list   ? 
_pdbx_initial_refinement_model.type             'experimental model' 
_pdbx_initial_refinement_model.source_name      PDB 
_pdbx_initial_refinement_model.accession_code   1T3G 
_pdbx_initial_refinement_model.details          ? 
# 
_pdbx_struct_assembly_auth_evidence.id                     1 
_pdbx_struct_assembly_auth_evidence.assembly_id            1 
_pdbx_struct_assembly_auth_evidence.experimental_support   'gel filtration' 
_pdbx_struct_assembly_auth_evidence.details                ? 
# 
